data_3UDE
# 
_entry.id   3UDE 
# 
_audit_conform.dict_name       mmcif_pdbx.dic 
_audit_conform.dict_version    5.379 
_audit_conform.dict_location   http://mmcif.pdb.org/dictionaries/ascii/mmcif_pdbx.dic 
# 
loop_
_database_2.database_id 
_database_2.database_code 
_database_2.pdbx_database_accession 
_database_2.pdbx_DOI 
PDB   3UDE         pdb_00003ude 10.2210/pdb3ude/pdb 
RCSB  RCSB068613   ?            ?                   
WWPDB D_1000068613 ?            ?                   
# 
loop_
_pdbx_database_related.db_name 
_pdbx_database_related.db_id 
_pdbx_database_related.details 
_pdbx_database_related.content_type 
PDB 3UD5 'Crystal structure of E. coli HPPK in complex with bisubstrate analogue inhibitor J1A' unspecified 
PDB 3UDV 'CRYSTAL STRUCTURE OF E. COLI HPPK IN COMPLEX WITH BISUBSTRATE ANALOGUE INHIBITOR J1C' unspecified 
# 
_pdbx_database_status.entry_id                        3UDE 
_pdbx_database_status.status_code                     REL 
_pdbx_database_status.deposit_site                    RCSB 
_pdbx_database_status.process_site                    RCSB 
_pdbx_database_status.recvd_initial_deposition_date   2011-10-28 
_pdbx_database_status.status_code_sf                  REL 
_pdbx_database_status.status_code_mr                  ? 
_pdbx_database_status.SG_entry                        ? 
_pdbx_database_status.status_code_cs                  ? 
_pdbx_database_status.pdb_format_compatible           Y 
_pdbx_database_status.status_code_nmr_data            ? 
_pdbx_database_status.methods_development_category    ? 
# 
loop_
_audit_author.name 
_audit_author.pdbx_ordinal 
_audit_author.identifier_ORCID 
'Shaw, G.' 1 ?                   
'Shi, G.'  2 ?                   
'Ji, X.'   3 0000-0001-6942-1514 
# 
loop_
_citation.id 
_citation.title 
_citation.journal_abbrev 
_citation.journal_volume 
_citation.page_first 
_citation.page_last 
_citation.year 
_citation.journal_id_ASTM 
_citation.country 
_citation.journal_id_ISSN 
_citation.journal_id_CSD 
_citation.book_publisher 
_citation.pdbx_database_id_PubMed 
_citation.pdbx_database_id_DOI 
primary 
'Bisubstrate analogue inhibitors of 6-hydroxymethyl-7,8-dihydropterin pyrophosphokinase: New design with improved properties.' 
Bioorg.Med.Chem. 20 47   57   2012 BMECEP UK 0968-0896 1200 ? 22169600 10.1016/j.bmc.2011.11.032 
1       
;Bisubstrate analogue inhibitors of 6-hydroxymethyl-7,8-dihydropterin pyrophosphokinase: synthesis and biochemical and crystallographic studies.
;
J.Med.Chem.      44 1364 1371 2001 JMCMAR US 0022-2623 0151 ? 11311059 ?                         
# 
loop_
_citation_author.citation_id 
_citation_author.name 
_citation_author.ordinal 
_citation_author.identifier_ORCID 
primary 'Shi, G.'        1  ?                   
primary 'Shaw, G.'       2  ?                   
primary 'Liang, Y.H.'    3  ?                   
primary 'Subburaman, P.' 4  ?                   
primary 'Li, Y.'         5  ?                   
primary 'Wu, Y.'         6  ?                   
primary 'Yan, H.'        7  ?                   
primary 'Ji, X.'         8  0000-0001-6942-1514 
1       'Shi, G.'        9  ?                   
1       'Blaszczyk, J.'  10 ?                   
1       'Ji, X.'         11 ?                   
1       'Yan, H.'        12 ?                   
# 
_cell.length_a           52.91 
_cell.length_b           70.98 
_cell.length_c           36.38 
_cell.angle_alpha        90.00 
_cell.angle_beta         90.00 
_cell.angle_gamma        90.00 
_cell.entry_id           3UDE 
_cell.pdbx_unique_axis   ? 
_cell.Z_PDB              4 
_cell.length_a_esd       ? 
_cell.length_b_esd       ? 
_cell.length_c_esd       ? 
_cell.angle_alpha_esd    ? 
_cell.angle_beta_esd     ? 
_cell.angle_gamma_esd    ? 
# 
_symmetry.space_group_name_H-M             'P 21 21 2' 
_symmetry.entry_id                         3UDE 
_symmetry.Int_Tables_number                18 
_symmetry.pdbx_full_space_group_name_H-M   ? 
_symmetry.cell_setting                     ? 
_symmetry.space_group_name_Hall            ? 
# 
loop_
_entity.id 
_entity.type 
_entity.src_method 
_entity.pdbx_description 
_entity.formula_weight 
_entity.pdbx_number_of_molecules 
_entity.pdbx_ec 
_entity.pdbx_mutation 
_entity.pdbx_fragment 
_entity.details 
1 polymer     man '2-amino-4-hydroxy-6-hydroxymethyldihydropteridine pyrophosphokinase' 17966.535 1  2.7.6.3 ? ? ? 
2 non-polymer syn 
"5'-S-[1-(2-{[(2-amino-7,7-dimethyl-4-oxo-3,4,7,8-tetrahydropteridin-6-yl)methyl]amino}ethyl)piperidin-4-yl]-5'-thioadenosine" 
614.723   1  ?       ? ? ? 
3 non-polymer syn 'ACETATE ION' 59.044    1  ?       ? ? ? 
4 water       nat water 18.015    88 ?       ? ? ? 
# 
_entity_name_com.entity_id   1 
_entity_name_com.name        
'6-hydroxymethyl-7,8-dihydropterin pyrophosphokinase, PPPK, 7,8-dihydro-6-hydroxymethylpterin-pyrophosphokinase, HPPK' 
# 
_entity_poly.entity_id                      1 
_entity_poly.type                           'polypeptide(L)' 
_entity_poly.nstd_linkage                   no 
_entity_poly.nstd_monomer                   no 
_entity_poly.pdbx_seq_one_letter_code       
;TVAYIAIGSNLASPLEQVNAALKALGDIPESHILTVSSFYRTPPLGPQDQPDYLNAAVALETSLAPEELLNHTQRIELQQ
GRVRKAERWGPRTLDLDIMLFGNEVINTERLTVPHYDMKNRGFMLWPLFEIAPELVFPDGEMLRQILHTRAFDKLNKW
;
_entity_poly.pdbx_seq_one_letter_code_can   
;TVAYIAIGSNLASPLEQVNAALKALGDIPESHILTVSSFYRTPPLGPQDQPDYLNAAVALETSLAPEELLNHTQRIELQQ
GRVRKAERWGPRTLDLDIMLFGNEVINTERLTVPHYDMKNRGFMLWPLFEIAPELVFPDGEMLRQILHTRAFDKLNKW
;
_entity_poly.pdbx_strand_id                 A 
_entity_poly.pdbx_target_identifier         ? 
# 
loop_
_entity_poly_seq.entity_id 
_entity_poly_seq.num 
_entity_poly_seq.mon_id 
_entity_poly_seq.hetero 
1 1   THR n 
1 2   VAL n 
1 3   ALA n 
1 4   TYR n 
1 5   ILE n 
1 6   ALA n 
1 7   ILE n 
1 8   GLY n 
1 9   SER n 
1 10  ASN n 
1 11  LEU n 
1 12  ALA n 
1 13  SER n 
1 14  PRO n 
1 15  LEU n 
1 16  GLU n 
1 17  GLN n 
1 18  VAL n 
1 19  ASN n 
1 20  ALA n 
1 21  ALA n 
1 22  LEU n 
1 23  LYS n 
1 24  ALA n 
1 25  LEU n 
1 26  GLY n 
1 27  ASP n 
1 28  ILE n 
1 29  PRO n 
1 30  GLU n 
1 31  SER n 
1 32  HIS n 
1 33  ILE n 
1 34  LEU n 
1 35  THR n 
1 36  VAL n 
1 37  SER n 
1 38  SER n 
1 39  PHE n 
1 40  TYR n 
1 41  ARG n 
1 42  THR n 
1 43  PRO n 
1 44  PRO n 
1 45  LEU n 
1 46  GLY n 
1 47  PRO n 
1 48  GLN n 
1 49  ASP n 
1 50  GLN n 
1 51  PRO n 
1 52  ASP n 
1 53  TYR n 
1 54  LEU n 
1 55  ASN n 
1 56  ALA n 
1 57  ALA n 
1 58  VAL n 
1 59  ALA n 
1 60  LEU n 
1 61  GLU n 
1 62  THR n 
1 63  SER n 
1 64  LEU n 
1 65  ALA n 
1 66  PRO n 
1 67  GLU n 
1 68  GLU n 
1 69  LEU n 
1 70  LEU n 
1 71  ASN n 
1 72  HIS n 
1 73  THR n 
1 74  GLN n 
1 75  ARG n 
1 76  ILE n 
1 77  GLU n 
1 78  LEU n 
1 79  GLN n 
1 80  GLN n 
1 81  GLY n 
1 82  ARG n 
1 83  VAL n 
1 84  ARG n 
1 85  LYS n 
1 86  ALA n 
1 87  GLU n 
1 88  ARG n 
1 89  TRP n 
1 90  GLY n 
1 91  PRO n 
1 92  ARG n 
1 93  THR n 
1 94  LEU n 
1 95  ASP n 
1 96  LEU n 
1 97  ASP n 
1 98  ILE n 
1 99  MET n 
1 100 LEU n 
1 101 PHE n 
1 102 GLY n 
1 103 ASN n 
1 104 GLU n 
1 105 VAL n 
1 106 ILE n 
1 107 ASN n 
1 108 THR n 
1 109 GLU n 
1 110 ARG n 
1 111 LEU n 
1 112 THR n 
1 113 VAL n 
1 114 PRO n 
1 115 HIS n 
1 116 TYR n 
1 117 ASP n 
1 118 MET n 
1 119 LYS n 
1 120 ASN n 
1 121 ARG n 
1 122 GLY n 
1 123 PHE n 
1 124 MET n 
1 125 LEU n 
1 126 TRP n 
1 127 PRO n 
1 128 LEU n 
1 129 PHE n 
1 130 GLU n 
1 131 ILE n 
1 132 ALA n 
1 133 PRO n 
1 134 GLU n 
1 135 LEU n 
1 136 VAL n 
1 137 PHE n 
1 138 PRO n 
1 139 ASP n 
1 140 GLY n 
1 141 GLU n 
1 142 MET n 
1 143 LEU n 
1 144 ARG n 
1 145 GLN n 
1 146 ILE n 
1 147 LEU n 
1 148 HIS n 
1 149 THR n 
1 150 ARG n 
1 151 ALA n 
1 152 PHE n 
1 153 ASP n 
1 154 LYS n 
1 155 LEU n 
1 156 ASN n 
1 157 LYS n 
1 158 TRP n 
# 
_entity_src_gen.entity_id                          1 
_entity_src_gen.pdbx_src_id                        1 
_entity_src_gen.pdbx_alt_source_flag               sample 
_entity_src_gen.pdbx_seq_type                      ? 
_entity_src_gen.pdbx_beg_seq_num                   ? 
_entity_src_gen.pdbx_end_seq_num                   ? 
_entity_src_gen.gene_src_common_name               ? 
_entity_src_gen.gene_src_genus                     ? 
_entity_src_gen.pdbx_gene_src_gene                 'b0142, foIK, folK, JW0138' 
_entity_src_gen.gene_src_species                   ? 
_entity_src_gen.gene_src_strain                    K12 
_entity_src_gen.gene_src_tissue                    ? 
_entity_src_gen.gene_src_tissue_fraction           ? 
_entity_src_gen.gene_src_details                   ? 
_entity_src_gen.pdbx_gene_src_fragment             ? 
_entity_src_gen.pdbx_gene_src_scientific_name      'Escherichia coli' 
_entity_src_gen.pdbx_gene_src_ncbi_taxonomy_id     83333 
_entity_src_gen.pdbx_gene_src_variant              ? 
_entity_src_gen.pdbx_gene_src_cell_line            ? 
_entity_src_gen.pdbx_gene_src_atcc                 ? 
_entity_src_gen.pdbx_gene_src_organ                ? 
_entity_src_gen.pdbx_gene_src_organelle            ? 
_entity_src_gen.pdbx_gene_src_cell                 ? 
_entity_src_gen.pdbx_gene_src_cellular_location    ? 
_entity_src_gen.host_org_common_name               ? 
_entity_src_gen.pdbx_host_org_scientific_name      'Escherichia coli' 
_entity_src_gen.pdbx_host_org_ncbi_taxonomy_id     562 
_entity_src_gen.host_org_genus                     ? 
_entity_src_gen.pdbx_host_org_gene                 ? 
_entity_src_gen.pdbx_host_org_organ                ? 
_entity_src_gen.host_org_species                   ? 
_entity_src_gen.pdbx_host_org_tissue               ? 
_entity_src_gen.pdbx_host_org_tissue_fraction      ? 
_entity_src_gen.pdbx_host_org_strain               'BL21(DE3)' 
_entity_src_gen.pdbx_host_org_variant              ? 
_entity_src_gen.pdbx_host_org_cell_line            ? 
_entity_src_gen.pdbx_host_org_atcc                 ? 
_entity_src_gen.pdbx_host_org_culture_collection   ? 
_entity_src_gen.pdbx_host_org_cell                 ? 
_entity_src_gen.pdbx_host_org_organelle            ? 
_entity_src_gen.pdbx_host_org_cellular_location    ? 
_entity_src_gen.pdbx_host_org_vector_type          plasmid 
_entity_src_gen.pdbx_host_org_vector               ? 
_entity_src_gen.host_org_details                   ? 
_entity_src_gen.expression_system_id               ? 
_entity_src_gen.plasmid_name                       pET17b 
_entity_src_gen.plasmid_details                    ? 
_entity_src_gen.pdbx_description                   ? 
# 
_struct_ref.id                         1 
_struct_ref.db_name                    UNP 
_struct_ref.db_code                    HPPK_ECOLI 
_struct_ref.pdbx_db_accession          P26281 
_struct_ref.entity_id                  1 
_struct_ref.pdbx_seq_one_letter_code   
;TVAYIAIGSNLASPLEQVNAALKALGDIPESHILTVSSFYRTPPLGPQDQPDYLNAAVALETSLAPEELLNHTQRIELQQ
GRVRKAERWGPRTLDLDIMLFGNEVINTERLTVPHYDMKNRGFMLWPLFEIAPELVFPDGEMLRQILHTRAFDKLNKW
;
_struct_ref.pdbx_align_begin           2 
_struct_ref.pdbx_db_isoform            ? 
# 
_struct_ref_seq.align_id                      1 
_struct_ref_seq.ref_id                        1 
_struct_ref_seq.pdbx_PDB_id_code              3UDE 
_struct_ref_seq.pdbx_strand_id                A 
_struct_ref_seq.seq_align_beg                 1 
_struct_ref_seq.pdbx_seq_align_beg_ins_code   ? 
_struct_ref_seq.seq_align_end                 158 
_struct_ref_seq.pdbx_seq_align_end_ins_code   ? 
_struct_ref_seq.pdbx_db_accession             P26281 
_struct_ref_seq.db_align_beg                  2 
_struct_ref_seq.pdbx_db_align_beg_ins_code    ? 
_struct_ref_seq.db_align_end                  159 
_struct_ref_seq.pdbx_db_align_end_ins_code    ? 
_struct_ref_seq.pdbx_auth_seq_align_beg       1 
_struct_ref_seq.pdbx_auth_seq_align_end       158 
# 
loop_
_chem_comp.id 
_chem_comp.type 
_chem_comp.mon_nstd_flag 
_chem_comp.name 
_chem_comp.pdbx_synonyms 
_chem_comp.formula 
_chem_comp.formula_weight 
ACT non-polymer         . 'ACETATE ION' ? 'C2 H3 O2 -1'      59.044  
ALA 'L-peptide linking' y ALANINE ? 'C3 H7 N O2'       89.093  
ARG 'L-peptide linking' y ARGININE ? 'C6 H15 N4 O2 1'   175.209 
ASN 'L-peptide linking' y ASPARAGINE ? 'C4 H8 N2 O3'      132.118 
ASP 'L-peptide linking' y 'ASPARTIC ACID' ? 'C4 H7 N O4'       133.103 
GLN 'L-peptide linking' y GLUTAMINE ? 'C5 H10 N2 O3'     146.144 
GLU 'L-peptide linking' y 'GLUTAMIC ACID' ? 'C5 H9 N O4'       147.129 
GLY 'peptide linking'   y GLYCINE ? 'C2 H5 N O2'       75.067  
HIS 'L-peptide linking' y HISTIDINE ? 'C6 H10 N3 O2 1'   156.162 
HOH non-polymer         . WATER ? 'H2 O'             18.015  
ILE 'L-peptide linking' y ISOLEUCINE ? 'C6 H13 N O2'      131.173 
J1B non-polymer         . 
"5'-S-[1-(2-{[(2-amino-7,7-dimethyl-4-oxo-3,4,7,8-tetrahydropteridin-6-yl)methyl]amino}ethyl)piperidin-4-yl]-5'-thioadenosine" ? 
'C26 H38 N12 O4 S' 614.723 
LEU 'L-peptide linking' y LEUCINE ? 'C6 H13 N O2'      131.173 
LYS 'L-peptide linking' y LYSINE ? 'C6 H15 N2 O2 1'   147.195 
MET 'L-peptide linking' y METHIONINE ? 'C5 H11 N O2 S'    149.211 
PHE 'L-peptide linking' y PHENYLALANINE ? 'C9 H11 N O2'      165.189 
PRO 'L-peptide linking' y PROLINE ? 'C5 H9 N O2'       115.130 
SER 'L-peptide linking' y SERINE ? 'C3 H7 N O3'       105.093 
THR 'L-peptide linking' y THREONINE ? 'C4 H9 N O3'       119.119 
TRP 'L-peptide linking' y TRYPTOPHAN ? 'C11 H12 N2 O2'    204.225 
TYR 'L-peptide linking' y TYROSINE ? 'C9 H11 N O3'      181.189 
VAL 'L-peptide linking' y VALINE ? 'C5 H11 N O2'      117.146 
# 
_exptl.crystals_number   1 
_exptl.entry_id          3UDE 
_exptl.method            'X-RAY DIFFRACTION' 
# 
_exptl_crystal.id                    1 
_exptl_crystal.density_Matthews      1.90 
_exptl_crystal.density_meas          ? 
_exptl_crystal.density_percent_sol   35.30 
_exptl_crystal.description           ? 
_exptl_crystal.F_000                 ? 
_exptl_crystal.preparation           ? 
# 
_exptl_crystal_grow.crystal_id      1 
_exptl_crystal_grow.method          'VAPOR DIFFUSION, SITTING DROP' 
_exptl_crystal_grow.pH              8.5 
_exptl_crystal_grow.temp            292 
_exptl_crystal_grow.pdbx_details    'PEG 3350, ammonium acetate, Bis-Tris, pH 8.5, VAPOR DIFFUSION, SITTING DROP, temperature 292K' 
_exptl_crystal_grow.temp_details    ? 
_exptl_crystal_grow.pdbx_pH_range   ? 
# 
_diffrn.id                     1 
_diffrn.ambient_temp           100 
_diffrn.ambient_temp_details   ? 
_diffrn.crystal_id             1 
# 
_diffrn_detector.diffrn_id              1 
_diffrn_detector.detector               CCD 
_diffrn_detector.type                   'MARMOSAIC 225 mm CCD' 
_diffrn_detector.pdbx_collection_date   2009-08-18 
_diffrn_detector.details                mirrors 
# 
_diffrn_radiation.diffrn_id                        1 
_diffrn_radiation.pdbx_diffrn_protocol             'SINGLE WAVELENGTH' 
_diffrn_radiation.monochromator                    GRAPHITE 
_diffrn_radiation.wavelength_id                    1 
_diffrn_radiation.pdbx_monochromatic_or_laue_m_l   M 
_diffrn_radiation.pdbx_scattering_type             x-ray 
# 
_diffrn_radiation_wavelength.id           1 
_diffrn_radiation_wavelength.wavelength   1.00000 
_diffrn_radiation_wavelength.wt           1.0 
# 
_diffrn_source.diffrn_id                   1 
_diffrn_source.source                      SYNCHROTRON 
_diffrn_source.type                        'APS BEAMLINE 22-BM' 
_diffrn_source.pdbx_wavelength_list        1.00000 
_diffrn_source.pdbx_wavelength             ? 
_diffrn_source.pdbx_synchrotron_site       APS 
_diffrn_source.pdbx_synchrotron_beamline   22-BM 
# 
_reflns.entry_id                     3UDE 
_reflns.d_resolution_high            1.820 
_reflns.d_resolution_low             30.000 
_reflns.number_obs                   11525 
_reflns.pdbx_Rmerge_I_obs            0.084 
_reflns.pdbx_netI_over_sigmaI        8.200 
_reflns.pdbx_chi_squared             0.916 
_reflns.pdbx_redundancy              6.100 
_reflns.percent_possible_obs         89.700 
_reflns.observed_criterion_sigma_F   -6 
_reflns.observed_criterion_sigma_I   -3 
_reflns.number_all                   11525 
_reflns.pdbx_Rsym_value              ? 
_reflns.B_iso_Wilson_estimate        20.0 
_reflns.R_free_details               ? 
_reflns.limit_h_max                  ? 
_reflns.limit_h_min                  ? 
_reflns.limit_k_max                  ? 
_reflns.limit_k_min                  ? 
_reflns.limit_l_max                  ? 
_reflns.limit_l_min                  ? 
_reflns.observed_criterion_F_max     ? 
_reflns.observed_criterion_F_min     ? 
_reflns.pdbx_scaling_rejects         ? 
_reflns.pdbx_ordinal                 1 
_reflns.pdbx_diffrn_id               1 
# 
loop_
_reflns_shell.d_res_high 
_reflns_shell.d_res_low 
_reflns_shell.number_measured_obs 
_reflns_shell.number_measured_all 
_reflns_shell.number_unique_obs 
_reflns_shell.Rmerge_I_obs 
_reflns_shell.meanI_over_sigI_obs 
_reflns_shell.pdbx_Rsym_value 
_reflns_shell.pdbx_chi_squared 
_reflns_shell.pdbx_redundancy 
_reflns_shell.percent_possible_obs 
_reflns_shell.number_unique_all 
_reflns_shell.percent_possible_all 
_reflns_shell.pdbx_ordinal 
_reflns_shell.pdbx_diffrn_id 
1.820 1.890  ? ? ? 0.561 ? ? 0.964 2.500 ? 650  51.900 1  1 
1.890 1.960  ? ? ? 0.456 ? ? 0.986 3.500 ? 900  72.000 2  1 
1.960 2.050  ? ? ? 0.378 ? ? 0.969 4.700 ? 1061 84.100 3  1 
2.050 2.160  ? ? ? 0.289 ? ? 0.784 5.800 ? 1184 93.300 4  1 
2.160 2.290  ? ? ? 0.234 ? ? 0.920 6.500 ? 1231 96.800 5  1 
2.290 2.470  ? ? ? 0.181 ? ? 1.006 7.000 ? 1242 98.600 6  1 
2.470 2.720  ? ? ? 0.142 ? ? 0.889 7.200 ? 1263 99.400 7  1 
2.720 3.110  ? ? ? 0.107 ? ? 1.028 7.200 ? 1292 99.200 8  1 
3.110 3.920  ? ? ? 0.057 ? ? 0.907 7.100 ? 1298 99.500 9  1 
3.920 30.000 ? ? ? 0.033 ? ? 0.798 6.700 ? 1404 99.500 10 1 
# 
_refine.entry_id                                 3UDE 
_refine.ls_d_res_high                            1.8810 
_refine.ls_d_res_low                             29.4730 
_refine.pdbx_ls_sigma_F                          1.340 
_refine.pdbx_data_cutoff_high_absF               ? 
_refine.pdbx_data_cutoff_low_absF                ? 
_refine.ls_percent_reflns_obs                    93.5100 
_refine.ls_number_reflns_obs                     10902 
_refine.ls_number_reflns_all                     10902 
_refine.pdbx_ls_cross_valid_method               THROUGHOUT 
_refine.pdbx_R_Free_selection_details            Random 
_refine.details                                  ? 
_refine.ls_R_factor_all                          ? 
_refine.ls_R_factor_obs                          0.1837 
_refine.ls_R_factor_R_work                       0.1784 
_refine.ls_wR_factor_R_work                      ? 
_refine.ls_R_factor_R_free                       0.2370 
_refine.ls_wR_factor_R_free                      ? 
_refine.ls_percent_reflns_R_free                 8.7000 
_refine.ls_number_reflns_R_free                  949 
_refine.ls_R_factor_R_free_error                 ? 
_refine.B_iso_mean                               28.7289 
_refine.solvent_model_param_bsol                 47.7040 
_refine.solvent_model_param_ksol                 0.3840 
_refine.pdbx_isotropic_thermal_model             Isotropic 
_refine.aniso_B[1][1]                            -6.7882 
_refine.aniso_B[2][2]                            3.3626 
_refine.aniso_B[3][3]                            -4.7153 
_refine.aniso_B[1][2]                            0.0000 
_refine.aniso_B[1][3]                            0.0000 
_refine.aniso_B[2][3]                            0.0000 
_refine.correlation_coeff_Fo_to_Fc               ? 
_refine.correlation_coeff_Fo_to_Fc_free          ? 
_refine.overall_SU_R_Cruickshank_DPI             ? 
_refine.overall_SU_R_free                        ? 
_refine.pdbx_overall_ESU_R_Free                  ? 
_refine.overall_SU_ML                            0.5000 
_refine.overall_SU_B                             ? 
_refine.solvent_model_details                    'FLAT BULK SOLVENT MODEL' 
_refine.pdbx_solvent_vdw_probe_radii             1.1100 
_refine.pdbx_solvent_ion_probe_radii             ? 
_refine.pdbx_solvent_shrinkage_radii             0.9000 
_refine.ls_number_parameters                     ? 
_refine.ls_number_restraints                     ? 
_refine.pdbx_starting_model                      'PDB entry 3ILJ' 
_refine.pdbx_method_to_determine_struct          'FOURIER SYNTHESIS' 
_refine.pdbx_stereochemistry_target_values       ML 
_refine.pdbx_stereochem_target_val_spec_case     ? 
_refine.overall_FOM_work_R_set                   ? 
_refine.B_iso_max                                84.200 
_refine.B_iso_min                                9.540 
_refine.pdbx_overall_phase_error                 23.6100 
_refine.occupancy_max                            1.000 
_refine.occupancy_min                            0.330 
_refine.pdbx_ls_sigma_I                          ? 
_refine.ls_redundancy_reflns_obs                 ? 
_refine.ls_R_factor_R_free_error_details         ? 
_refine.pdbx_data_cutoff_high_rms_absF           ? 
_refine.overall_FOM_free_R_set                   ? 
_refine.pdbx_diffrn_id                           1 
_refine.pdbx_refine_id                           'X-RAY DIFFRACTION' 
_refine.pdbx_overall_ESU_R                       ? 
_refine.pdbx_TLS_residual_ADP_flag               ? 
_refine.pdbx_overall_SU_R_free_Cruickshank_DPI   ? 
_refine.pdbx_overall_SU_R_Blow_DPI               ? 
_refine.pdbx_overall_SU_R_free_Blow_DPI          ? 
# 
_refine_hist.pdbx_refine_id                   'X-RAY DIFFRACTION' 
_refine_hist.cycle_id                         LAST 
_refine_hist.pdbx_number_atoms_protein        1235 
_refine_hist.pdbx_number_atoms_nucleic_acid   0 
_refine_hist.pdbx_number_atoms_ligand         47 
_refine_hist.number_atoms_solvent             88 
_refine_hist.number_atoms_total               1370 
_refine_hist.d_res_high                       1.8810 
_refine_hist.d_res_low                        29.4730 
# 
loop_
_refine_ls_restr.type 
_refine_ls_restr.number 
_refine_ls_restr.dev_ideal 
_refine_ls_restr.dev_ideal_target 
_refine_ls_restr.weight 
_refine_ls_restr.pdbx_restraint_function 
_refine_ls_restr.pdbx_refine_id 
f_bond_d           1355 0.012  ? ? ? 'X-RAY DIFFRACTION' 
f_angle_d          1857 1.382  ? ? ? 'X-RAY DIFFRACTION' 
f_chiral_restr     203  0.076  ? ? ? 'X-RAY DIFFRACTION' 
f_plane_restr      239  0.008  ? ? ? 'X-RAY DIFFRACTION' 
f_dihedral_angle_d 519  14.552 ? ? ? 'X-RAY DIFFRACTION' 
# 
loop_
_refine_ls_shell.d_res_high 
_refine_ls_shell.d_res_low 
_refine_ls_shell.pdbx_total_number_of_bins_used 
_refine_ls_shell.percent_reflns_obs 
_refine_ls_shell.number_reflns_R_work 
_refine_ls_shell.R_factor_all 
_refine_ls_shell.R_factor_R_work 
_refine_ls_shell.R_factor_R_free 
_refine_ls_shell.percent_reflns_R_free 
_refine_ls_shell.number_reflns_R_free 
_refine_ls_shell.R_factor_R_free_error 
_refine_ls_shell.number_reflns_all 
_refine_ls_shell.number_reflns_obs 
_refine_ls_shell.redundancy_reflns_obs 
_refine_ls_shell.pdbx_refine_id 
1.8810 1.9796  7 73.0000  1076 . 0.2426 0.3092 . 104 . 1180 1180 . 'X-RAY DIFFRACTION' 
1.9796 2.1036  7 89.0000  1329 . 0.1918 0.2638 . 126 . 1455 1455 . 'X-RAY DIFFRACTION' 
2.1036 2.2660  7 96.0000  1426 . 0.1795 0.2538 . 135 . 1561 1561 . 'X-RAY DIFFRACTION' 
2.2660 2.4939  7 98.0000  1473 . 0.1724 0.2182 . 141 . 1614 1614 . 'X-RAY DIFFRACTION' 
2.4939 2.8546  7 99.0000  1504 . 0.1567 0.2387 . 144 . 1648 1648 . 'X-RAY DIFFRACTION' 
2.8546 3.5954  7 99.0000  1531 . 0.1613 0.2204 . 145 . 1676 1676 . 'X-RAY DIFFRACTION' 
3.5954 29.4768 7 100.0000 1614 . 0.1878 0.2333 . 154 . 1768 1768 . 'X-RAY DIFFRACTION' 
# 
_struct.entry_id                  3UDE 
_struct.title                     'Crystal structure of E. coli HPPK in complex with bisubstrate analogue inhibitor J1B' 
_struct.pdbx_model_details        ? 
_struct.pdbx_CASP_flag            ? 
_struct.pdbx_model_type_details   ? 
# 
_struct_keywords.entry_id        3UDE 
_struct_keywords.text            
'Alpha Beta, Kinase, ATP Binding, Pyrophosphoryl Transfer, TRANSFERASE-TRANSFERASE INHIBITOR complex' 
_struct_keywords.pdbx_keywords   'TRANSFERASE/TRANSFERASE INHIBITOR' 
# 
loop_
_struct_asym.id 
_struct_asym.pdbx_blank_PDB_chainid_flag 
_struct_asym.pdbx_modified 
_struct_asym.entity_id 
_struct_asym.details 
A N N 1 ? 
B N N 2 ? 
C N N 3 ? 
D N N 4 ? 
# 
_struct_biol.id        1 
_struct_biol.details   ? 
# 
loop_
_struct_conf.conf_type_id 
_struct_conf.id 
_struct_conf.pdbx_PDB_helix_id 
_struct_conf.beg_label_comp_id 
_struct_conf.beg_label_asym_id 
_struct_conf.beg_label_seq_id 
_struct_conf.pdbx_beg_PDB_ins_code 
_struct_conf.end_label_comp_id 
_struct_conf.end_label_asym_id 
_struct_conf.end_label_seq_id 
_struct_conf.pdbx_end_PDB_ins_code 
_struct_conf.beg_auth_comp_id 
_struct_conf.beg_auth_asym_id 
_struct_conf.beg_auth_seq_id 
_struct_conf.end_auth_comp_id 
_struct_conf.end_auth_asym_id 
_struct_conf.end_auth_seq_id 
_struct_conf.pdbx_PDB_helix_class 
_struct_conf.details 
_struct_conf.pdbx_PDB_helix_length 
HELX_P HELX_P1 1 PRO A 14  ? ASP A 27  ? PRO A 14  ASP A 27  1 ? 14 
HELX_P HELX_P2 2 ALA A 65  ? GLY A 81  ? ALA A 65  GLY A 81  1 ? 17 
HELX_P HELX_P3 3 ASP A 117 ? ASN A 120 ? ASP A 117 ASN A 120 5 ? 4  
HELX_P HELX_P4 4 ARG A 121 ? ALA A 132 ? ARG A 121 ALA A 132 1 ? 12 
HELX_P HELX_P5 5 MET A 142 ? ALA A 151 ? MET A 142 ALA A 151 1 ? 10 
# 
_struct_conf_type.id          HELX_P 
_struct_conf_type.criteria    ? 
_struct_conf_type.reference   ? 
# 
loop_
_struct_mon_prot_cis.pdbx_id 
_struct_mon_prot_cis.label_comp_id 
_struct_mon_prot_cis.label_seq_id 
_struct_mon_prot_cis.label_asym_id 
_struct_mon_prot_cis.label_alt_id 
_struct_mon_prot_cis.pdbx_PDB_ins_code 
_struct_mon_prot_cis.auth_comp_id 
_struct_mon_prot_cis.auth_seq_id 
_struct_mon_prot_cis.auth_asym_id 
_struct_mon_prot_cis.pdbx_label_comp_id_2 
_struct_mon_prot_cis.pdbx_label_seq_id_2 
_struct_mon_prot_cis.pdbx_label_asym_id_2 
_struct_mon_prot_cis.pdbx_PDB_ins_code_2 
_struct_mon_prot_cis.pdbx_auth_comp_id_2 
_struct_mon_prot_cis.pdbx_auth_seq_id_2 
_struct_mon_prot_cis.pdbx_auth_asym_id_2 
_struct_mon_prot_cis.pdbx_PDB_model_num 
_struct_mon_prot_cis.pdbx_omega_angle 
1 GLY 90  A . ? GLY 90  A PRO 91  A ? PRO 91  A 1 0.66  
2 VAL 113 A . ? VAL 113 A PRO 114 A ? PRO 114 A 1 -0.15 
# 
loop_
_struct_sheet.id 
_struct_sheet.type 
_struct_sheet.number_strands 
_struct_sheet.details 
A ? 4 ? 
B ? 4 ? 
C ? 2 ? 
# 
loop_
_struct_sheet_order.sheet_id 
_struct_sheet_order.range_id_1 
_struct_sheet_order.range_id_2 
_struct_sheet_order.offset 
_struct_sheet_order.sense 
A 1 2 ? anti-parallel 
A 2 3 ? anti-parallel 
A 3 4 ? anti-parallel 
B 1 2 ? anti-parallel 
B 2 3 ? anti-parallel 
B 3 4 ? anti-parallel 
C 1 2 ? anti-parallel 
# 
loop_
_struct_sheet_range.sheet_id 
_struct_sheet_range.id 
_struct_sheet_range.beg_label_comp_id 
_struct_sheet_range.beg_label_asym_id 
_struct_sheet_range.beg_label_seq_id 
_struct_sheet_range.pdbx_beg_PDB_ins_code 
_struct_sheet_range.end_label_comp_id 
_struct_sheet_range.end_label_asym_id 
_struct_sheet_range.end_label_seq_id 
_struct_sheet_range.pdbx_end_PDB_ins_code 
_struct_sheet_range.beg_auth_comp_id 
_struct_sheet_range.beg_auth_asym_id 
_struct_sheet_range.beg_auth_seq_id 
_struct_sheet_range.end_auth_comp_id 
_struct_sheet_range.end_auth_asym_id 
_struct_sheet_range.end_auth_seq_id 
A 1 SER A 31  ? VAL A 36  ? SER A 31  VAL A 36  
A 2 TYR A 53  ? THR A 62  ? TYR A 53  THR A 62  
A 3 VAL A 2   ? SER A 9   ? VAL A 2   SER A 9   
A 4 ASP A 95  ? PHE A 101 ? ASP A 95  PHE A 101 
B 1 SER A 31  ? VAL A 36  ? SER A 31  VAL A 36  
B 2 TYR A 53  ? THR A 62  ? TYR A 53  THR A 62  
B 3 TYR A 40  ? THR A 42  ? TYR A 40  THR A 42  
B 4 ASN A 156 ? LYS A 157 ? ASN A 156 LYS A 157 
C 1 ILE A 106 ? ASN A 107 ? ILE A 106 ASN A 107 
C 2 THR A 112 ? VAL A 113 ? THR A 112 VAL A 113 
# 
loop_
_pdbx_struct_sheet_hbond.sheet_id 
_pdbx_struct_sheet_hbond.range_id_1 
_pdbx_struct_sheet_hbond.range_id_2 
_pdbx_struct_sheet_hbond.range_1_label_atom_id 
_pdbx_struct_sheet_hbond.range_1_label_comp_id 
_pdbx_struct_sheet_hbond.range_1_label_asym_id 
_pdbx_struct_sheet_hbond.range_1_label_seq_id 
_pdbx_struct_sheet_hbond.range_1_PDB_ins_code 
_pdbx_struct_sheet_hbond.range_1_auth_atom_id 
_pdbx_struct_sheet_hbond.range_1_auth_comp_id 
_pdbx_struct_sheet_hbond.range_1_auth_asym_id 
_pdbx_struct_sheet_hbond.range_1_auth_seq_id 
_pdbx_struct_sheet_hbond.range_2_label_atom_id 
_pdbx_struct_sheet_hbond.range_2_label_comp_id 
_pdbx_struct_sheet_hbond.range_2_label_asym_id 
_pdbx_struct_sheet_hbond.range_2_label_seq_id 
_pdbx_struct_sheet_hbond.range_2_PDB_ins_code 
_pdbx_struct_sheet_hbond.range_2_auth_atom_id 
_pdbx_struct_sheet_hbond.range_2_auth_comp_id 
_pdbx_struct_sheet_hbond.range_2_auth_asym_id 
_pdbx_struct_sheet_hbond.range_2_auth_seq_id 
A 1 2 N HIS A 32  ? N HIS A 32  O GLU A 61  ? O GLU A 61  
A 2 3 O LEU A 60  ? O LEU A 60  N ALA A 3   ? N ALA A 3   
A 3 4 N ALA A 6   ? N ALA A 6   O ASP A 97  ? O ASP A 97  
B 1 2 N HIS A 32  ? N HIS A 32  O GLU A 61  ? O GLU A 61  
B 2 3 O TYR A 53  ? O TYR A 53  N THR A 42  ? N THR A 42  
B 3 4 N ARG A 41  ? N ARG A 41  O ASN A 156 ? O ASN A 156 
C 1 2 N ILE A 106 ? N ILE A 106 O VAL A 113 ? O VAL A 113 
# 
loop_
_struct_site.id 
_struct_site.pdbx_evidence_code 
_struct_site.pdbx_auth_asym_id 
_struct_site.pdbx_auth_comp_id 
_struct_site.pdbx_auth_seq_id 
_struct_site.pdbx_auth_ins_code 
_struct_site.pdbx_num_residues 
_struct_site.details 
AC1 Software A J1B 171 ? 22 'BINDING SITE FOR RESIDUE J1B A 171' 
AC2 Software A ACT 191 ? 7  'BINDING SITE FOR RESIDUE ACT A 191' 
# 
loop_
_struct_site_gen.id 
_struct_site_gen.site_id 
_struct_site_gen.pdbx_num_res 
_struct_site_gen.label_comp_id 
_struct_site_gen.label_asym_id 
_struct_site_gen.label_seq_id 
_struct_site_gen.pdbx_auth_ins_code 
_struct_site_gen.auth_comp_id 
_struct_site_gen.auth_asym_id 
_struct_site_gen.auth_seq_id 
_struct_site_gen.label_atom_id 
_struct_site_gen.label_alt_id 
_struct_site_gen.symmetry 
_struct_site_gen.details 
1  AC1 22 LYS A 23  ? LYS A 23  . ? 4_456 ? 
2  AC1 22 THR A 42  ? THR A 42  . ? 1_555 ? 
3  AC1 22 PRO A 43  ? PRO A 43  . ? 1_555 ? 
4  AC1 22 LEU A 45  ? LEU A 45  . ? 1_555 ? 
5  AC1 22 TYR A 53  ? TYR A 53  . ? 1_555 ? 
6  AC1 22 ASN A 55  ? ASN A 55  . ? 1_555 ? 
7  AC1 22 LEU A 70  ? LEU A 70  . ? 1_555 ? 
8  AC1 22 GLN A 74  ? GLN A 74  . ? 1_555 ? 
9  AC1 22 TRP A 89  ? TRP A 89  . ? 1_555 ? 
10 AC1 22 GLY A 90  ? GLY A 90  . ? 1_555 ? 
11 AC1 22 ASP A 95  ? ASP A 95  . ? 1_555 ? 
12 AC1 22 ASP A 97  ? ASP A 97  . ? 1_555 ? 
13 AC1 22 ILE A 98  ? ILE A 98  . ? 1_555 ? 
14 AC1 22 ARG A 110 ? ARG A 110 . ? 1_555 ? 
15 AC1 22 LEU A 111 ? LEU A 111 . ? 1_555 ? 
16 AC1 22 THR A 112 ? THR A 112 . ? 1_555 ? 
17 AC1 22 TYR A 116 ? TYR A 116 . ? 1_555 ? 
18 AC1 22 PHE A 123 ? PHE A 123 . ? 1_555 ? 
19 AC1 22 HIS A 148 ? HIS A 148 . ? 1_556 ? 
20 AC1 22 ACT C .   ? ACT A 191 . ? 1_555 ? 
21 AC1 22 HOH D .   ? HOH A 221 . ? 1_555 ? 
22 AC1 22 HOH D .   ? HOH A 236 . ? 1_555 ? 
23 AC2 7  GLY A 8   ? GLY A 8   . ? 1_555 ? 
24 AC2 7  ASN A 55  ? ASN A 55  . ? 1_555 ? 
25 AC2 7  ASP A 95  ? ASP A 95  . ? 1_555 ? 
26 AC2 7  ASP A 97  ? ASP A 97  . ? 1_555 ? 
27 AC2 7  PHE A 123 ? PHE A 123 . ? 1_555 ? 
28 AC2 7  J1B B .   ? J1B A 171 . ? 1_555 ? 
29 AC2 7  HOH D .   ? HOH A 284 . ? 1_555 ? 
# 
_atom_sites.entry_id                    3UDE 
_atom_sites.fract_transf_matrix[1][1]   0.00074668 
_atom_sites.fract_transf_matrix[1][2]   0.01881849 
_atom_sites.fract_transf_matrix[1][3]   0.00158647 
_atom_sites.fract_transf_matrix[2][1]   0.01305823 
_atom_sites.fract_transf_matrix[2][2]   -0.00007221 
_atom_sites.fract_transf_matrix[2][3]   -0.00528937 
_atom_sites.fract_transf_matrix[3][1]   -0.01026448 
_atom_sites.fract_transf_matrix[3][2]   0.00254652 
_atom_sites.fract_transf_matrix[3][3]   -0.02537540 
_atom_sites.fract_transf_vector[1]      0.220888 
_atom_sites.fract_transf_vector[2]      0.244830 
_atom_sites.fract_transf_vector[3]      0.174483 
# 
loop_
_atom_type.symbol 
C 
N 
O 
S 
# 
loop_
_atom_site.group_PDB 
_atom_site.id 
_atom_site.type_symbol 
_atom_site.label_atom_id 
_atom_site.label_alt_id 
_atom_site.label_comp_id 
_atom_site.label_asym_id 
_atom_site.label_entity_id 
_atom_site.label_seq_id 
_atom_site.pdbx_PDB_ins_code 
_atom_site.Cartn_x 
_atom_site.Cartn_y 
_atom_site.Cartn_z 
_atom_site.occupancy 
_atom_site.B_iso_or_equiv 
_atom_site.pdbx_formal_charge 
_atom_site.auth_seq_id 
_atom_site.auth_comp_id 
_atom_site.auth_asym_id 
_atom_site.auth_atom_id 
_atom_site.pdbx_PDB_model_num 
ATOM   1    N N   . THR A 1 1   ? -15.680 4.216   5.839   1.00 27.05 ? 1   THR A N   1 
ATOM   2    C CA  . THR A 1 1   ? -14.713 3.115   6.087   1.00 21.05 ? 1   THR A CA  1 
ATOM   3    C C   . THR A 1 1   ? -13.302 3.609   5.844   1.00 23.37 ? 1   THR A C   1 
ATOM   4    O O   . THR A 1 1   ? -13.078 4.408   4.940   1.00 26.53 ? 1   THR A O   1 
ATOM   5    C CB  . THR A 1 1   ? -14.960 1.978   5.107   1.00 22.14 ? 1   THR A CB  1 
ATOM   6    O OG1 . THR A 1 1   ? -16.337 1.603   5.174   1.00 35.23 ? 1   THR A OG1 1 
ATOM   7    C CG2 . THR A 1 1   ? -14.087 0.763   5.453   1.00 24.97 ? 1   THR A CG2 1 
ATOM   8    N N   . VAL A 1 2   ? -12.340 3.146   6.642   1.00 22.72 ? 2   VAL A N   1 
ATOM   9    C CA  . VAL A 1 2   ? -10.948 3.505   6.380   1.00 18.12 ? 2   VAL A CA  1 
ATOM   10   C C   . VAL A 1 2   ? -10.194 2.398   5.639   1.00 19.10 ? 2   VAL A C   1 
ATOM   11   O O   . VAL A 1 2   ? -10.043 1.295   6.153   1.00 21.71 ? 2   VAL A O   1 
ATOM   12   C CB  . VAL A 1 2   ? -10.194 3.841   7.688   1.00 20.22 ? 2   VAL A CB  1 
ATOM   13   C CG1 . VAL A 1 2   ? -8.820  4.289   7.370   1.00 16.52 ? 2   VAL A CG1 1 
ATOM   14   C CG2 . VAL A 1 2   ? -10.904 4.923   8.442   1.00 25.93 ? 2   VAL A CG2 1 
ATOM   15   N N   . ALA A 1 3   ? -9.739  2.688   4.425   1.00 18.34 ? 3   ALA A N   1 
ATOM   16   C CA  . ALA A 1 3   ? -8.974  1.718   3.645   1.00 17.68 ? 3   ALA A CA  1 
ATOM   17   C C   . ALA A 1 3   ? -7.507  2.074   3.754   1.00 19.12 ? 3   ALA A C   1 
ATOM   18   O O   . ALA A 1 3   ? -7.147  3.246   3.687   1.00 17.65 ? 3   ALA A O   1 
ATOM   19   C CB  . ALA A 1 3   ? -9.399  1.769   2.214   1.00 12.70 ? 3   ALA A CB  1 
ATOM   20   N N   . TYR A 1 4   ? -6.656  1.075   3.914   1.00 14.48 ? 4   TYR A N   1 
ATOM   21   C CA  . TYR A 1 4   ? -5.234  1.353   3.895   1.00 13.85 ? 4   TYR A CA  1 
ATOM   22   C C   . TYR A 1 4   ? -4.686  0.853   2.581   1.00 20.01 ? 4   TYR A C   1 
ATOM   23   O O   . TYR A 1 4   ? -4.863  -0.312  2.222   1.00 16.34 ? 4   TYR A O   1 
ATOM   24   C CB  . TYR A 1 4   ? -4.526  0.715   5.078   1.00 14.88 ? 4   TYR A CB  1 
ATOM   25   C CG  . TYR A 1 4   ? -4.895  1.388   6.392   1.00 18.33 ? 4   TYR A CG  1 
ATOM   26   C CD1 . TYR A 1 4   ? -4.166  2.466   6.857   1.00 17.94 ? 4   TYR A CD1 1 
ATOM   27   C CD2 . TYR A 1 4   ? -5.977  0.944   7.158   1.00 17.86 ? 4   TYR A CD2 1 
ATOM   28   C CE1 . TYR A 1 4   ? -4.475  3.090   8.040   1.00 22.77 ? 4   TYR A CE1 1 
ATOM   29   C CE2 . TYR A 1 4   ? -6.283  1.559   8.368   1.00 22.04 ? 4   TYR A CE2 1 
ATOM   30   C CZ  . TYR A 1 4   ? -5.521  2.636   8.786   1.00 23.26 ? 4   TYR A CZ  1 
ATOM   31   O OH  . TYR A 1 4   ? -5.803  3.286   9.960   1.00 27.56 ? 4   TYR A OH  1 
ATOM   32   N N   . ILE A 1 5   ? -4.019  1.753   1.880   1.00 14.83 ? 5   ILE A N   1 
ATOM   33   C CA  . ILE A 1 5   ? -3.491  1.461   0.565   1.00 11.63 ? 5   ILE A CA  1 
ATOM   34   C C   . ILE A 1 5   ? -1.977  1.577   0.538   1.00 15.05 ? 5   ILE A C   1 
ATOM   35   O O   . ILE A 1 5   ? -1.415  2.567   0.990   1.00 18.47 ? 5   ILE A O   1 
ATOM   36   C CB  . ILE A 1 5   ? -4.129  2.411   -0.460  1.00 15.48 ? 5   ILE A CB  1 
ATOM   37   C CG1 . ILE A 1 5   ? -5.639  2.241   -0.502  1.00 17.32 ? 5   ILE A CG1 1 
ATOM   38   C CG2 . ILE A 1 5   ? -3.514  2.251   -1.857  1.00 19.57 ? 5   ILE A CG2 1 
ATOM   39   C CD1 . ILE A 1 5   ? -6.279  3.224   -1.416  1.00 21.40 ? 5   ILE A CD1 1 
ATOM   40   N N   . ALA A 1 6   ? -1.320  0.548   0.024   1.00 13.02 ? 6   ALA A N   1 
ATOM   41   C CA  . ALA A 1 6   ? 0.123   0.570   -0.207  1.00 13.86 ? 6   ALA A CA  1 
ATOM   42   C C   . ALA A 1 6   ? 0.441   1.145   -1.577  1.00 17.38 ? 6   ALA A C   1 
ATOM   43   O O   . ALA A 1 6   ? -0.197  0.791   -2.567  1.00 16.67 ? 6   ALA A O   1 
ATOM   44   C CB  . ALA A 1 6   ? 0.713   -0.837  -0.094  1.00 18.09 ? 6   ALA A CB  1 
ATOM   45   N N   . ILE A 1 7   ? 1.431   2.024   -1.649  1.00 14.31 ? 7   ILE A N   1 
ATOM   46   C CA  . ILE A 1 7   ? 1.833   2.582   -2.943  1.00 13.77 ? 7   ILE A CA  1 
ATOM   47   C C   . ILE A 1 7   ? 3.272   2.208   -3.185  1.00 18.41 ? 7   ILE A C   1 
ATOM   48   O O   . ILE A 1 7   ? 4.102   2.329   -2.282  1.00 17.08 ? 7   ILE A O   1 
ATOM   49   C CB  . ILE A 1 7   ? 1.736   4.122   -2.973  1.00 14.45 ? 7   ILE A CB  1 
ATOM   50   C CG1 . ILE A 1 7   ? 0.363   4.636   -2.586  1.00 21.85 ? 7   ILE A CG1 1 
ATOM   51   C CG2 . ILE A 1 7   ? 2.058   4.669   -4.383  1.00 21.01 ? 7   ILE A CG2 1 
ATOM   52   C CD1 . ILE A 1 7   ? 0.366   6.143   -2.463  1.00 25.43 ? 7   ILE A CD1 1 
ATOM   53   N N   . GLY A 1 8   ? 3.571   1.752   -4.398  1.00 17.45 ? 8   GLY A N   1 
ATOM   54   C CA  . GLY A 1 8   ? 4.931   1.519   -4.831  1.00 13.76 ? 8   GLY A CA  1 
ATOM   55   C C   . GLY A 1 8   ? 5.244   1.948   -6.263  1.00 18.35 ? 8   GLY A C   1 
ATOM   56   O O   . GLY A 1 8   ? 4.365   1.980   -7.123  1.00 17.65 ? 8   GLY A O   1 
ATOM   57   N N   . SER A 1 9   ? 6.508   2.288   -6.503  1.00 19.05 ? 9   SER A N   1 
ATOM   58   C CA  . SER A 1 9   ? 6.984   2.705   -7.823  1.00 22.40 ? 9   SER A CA  1 
ATOM   59   C C   . SER A 1 9   ? 8.485   2.631   -7.876  1.00 27.69 ? 9   SER A C   1 
ATOM   60   O O   . SER A 1 9   ? 9.157   3.063   -6.939  1.00 26.27 ? 9   SER A O   1 
ATOM   61   C CB  . SER A 1 9   ? 6.589   4.148   -8.122  1.00 28.15 ? 9   SER A CB  1 
ATOM   62   O OG  . SER A 1 9   ? 7.162   4.572   -9.357  1.00 29.84 ? 9   SER A OG  1 
ATOM   63   N N   . ASN A 1 10  ? 9.053   2.073   -8.944  1.00 21.21 ? 10  ASN A N   1 
ATOM   64   C CA  . ASN A 1 10  ? 10.496  2.259   -9.104  1.00 24.52 ? 10  ASN A CA  1 
ATOM   65   C C   . ASN A 1 10  ? 10.946  2.808   -10.460 1.00 32.12 ? 10  ASN A C   1 
ATOM   66   O O   . ASN A 1 10  ? 12.035  2.508   -10.935 1.00 38.04 ? 10  ASN A O   1 
ATOM   67   C CB  . ASN A 1 10  ? 11.266  0.989   -8.734  1.00 30.75 ? 10  ASN A CB  1 
ATOM   68   C CG  . ASN A 1 10  ? 11.168  -0.087  -9.796  1.00 28.85 ? 10  ASN A CG  1 
ATOM   69   O OD1 . ASN A 1 10  ? 10.215  -0.142  -10.545 1.00 29.82 ? 10  ASN A OD1 1 
ATOM   70   N ND2 . ASN A 1 10  ? 12.175  -0.951  -9.851  1.00 37.12 ? 10  ASN A ND2 1 
ATOM   71   N N   . LEU A 1 11  ? 10.111  3.627   -11.078 1.00 37.21 ? 11  LEU A N   1 
ATOM   72   C CA  . LEU A 1 11  ? 10.649  4.589   -12.031 1.00 37.96 ? 11  LEU A CA  1 
ATOM   73   C C   . LEU A 1 11  ? 11.930  5.149   -11.408 1.00 58.52 ? 11  LEU A C   1 
ATOM   74   O O   . LEU A 1 11  ? 11.967  5.429   -10.196 1.00 54.53 ? 11  LEU A O   1 
ATOM   75   C CB  . LEU A 1 11  ? 9.687   5.738   -12.210 1.00 35.03 ? 11  LEU A CB  1 
ATOM   76   C CG  . LEU A 1 11  ? 8.356   5.357   -12.774 1.00 31.84 ? 11  LEU A CG  1 
ATOM   77   C CD1 . LEU A 1 11  ? 7.453   6.567   -12.711 1.00 43.49 ? 11  LEU A CD1 1 
ATOM   78   C CD2 . LEU A 1 11  ? 8.580   4.878   -14.202 1.00 49.05 ? 11  LEU A CD2 1 
ATOM   79   N N   . ALA A 1 12  ? 12.964  5.328   -12.227 1.00 63.19 ? 12  ALA A N   1 
ATOM   80   C CA  . ALA A 1 12  ? 14.222  5.916   -11.761 1.00 63.33 ? 12  ALA A CA  1 
ATOM   81   C C   . ALA A 1 12  ? 13.966  7.105   -10.831 1.00 68.69 ? 12  ALA A C   1 
ATOM   82   O O   . ALA A 1 12  ? 14.541  7.174   -9.731  1.00 63.22 ? 12  ALA A O   1 
ATOM   83   C CB  . ALA A 1 12  ? 15.084  6.343   -12.948 1.00 64.06 ? 12  ALA A CB  1 
ATOM   84   N N   . SER A 1 13  ? 13.112  8.033   -11.279 1.00 55.09 ? 13  SER A N   1 
ATOM   85   C CA  . SER A 1 13  ? 12.642  9.150   -10.437 1.00 55.49 ? 13  SER A CA  1 
ATOM   86   C C   . SER A 1 13  ? 11.120  9.075   -10.243 1.00 59.22 ? 13  SER A C   1 
ATOM   87   O O   . SER A 1 13  ? 10.369  9.581   -11.094 1.00 52.62 ? 13  SER A O   1 
ATOM   88   C CB  . SER A 1 13  ? 13.016  10.500  -11.057 1.00 56.46 ? 13  SER A CB  1 
ATOM   89   O OG  . SER A 1 13  ? 14.240  10.977  -10.529 1.00 61.68 ? 13  SER A OG  1 
ATOM   90   N N   . PRO A 1 14  ? 10.671  8.441   -9.128  1.00 46.69 ? 14  PRO A N   1 
ATOM   91   C CA  . PRO A 1 14  ? 9.273   8.107   -8.819  1.00 31.75 ? 14  PRO A CA  1 
ATOM   92   C C   . PRO A 1 14  ? 8.533   9.143   -7.965  1.00 32.39 ? 14  PRO A C   1 
ATOM   93   O O   . PRO A 1 14  ? 7.356   8.938   -7.694  1.00 28.23 ? 14  PRO A O   1 
ATOM   94   C CB  . PRO A 1 14  ? 9.406   6.818   -8.012  1.00 28.51 ? 14  PRO A CB  1 
ATOM   95   C CG  . PRO A 1 14  ? 10.732  6.927   -7.331  1.00 44.23 ? 14  PRO A CG  1 
ATOM   96   C CD  . PRO A 1 14  ? 11.546  8.015   -8.023  1.00 51.50 ? 14  PRO A CD  1 
ATOM   97   N N   . LEU A 1 15  ? 9.182   10.230  -7.546  1.00 25.29 ? 15  LEU A N   1 
ATOM   98   C CA  . LEU A 1 15  ? 8.482   11.215  -6.733  1.00 22.08 ? 15  LEU A CA  1 
ATOM   99   C C   . LEU A 1 15  ? 7.227   11.743  -7.422  1.00 29.99 ? 15  LEU A C   1 
ATOM   100  O O   . LEU A 1 15  ? 6.172   11.837  -6.803  1.00 25.58 ? 15  LEU A O   1 
ATOM   101  C CB  . LEU A 1 15  ? 9.377   12.402  -6.396  1.00 33.32 ? 15  LEU A CB  1 
ATOM   102  C CG  . LEU A 1 15  ? 10.124  12.383  -5.078  1.00 35.65 ? 15  LEU A CG  1 
ATOM   103  C CD1 . LEU A 1 15  ? 10.621  13.824  -4.830  1.00 35.93 ? 15  LEU A CD1 1 
ATOM   104  C CD2 . LEU A 1 15  ? 9.256   11.876  -3.913  1.00 28.20 ? 15  LEU A CD2 1 
ATOM   105  N N   . GLU A 1 16  ? 7.331   12.094  -8.703  1.00 26.34 ? 16  GLU A N   1 
ATOM   106  C CA  . GLU A 1 16  ? 6.243   12.782  -9.373  1.00 27.63 ? 16  GLU A CA  1 
ATOM   107  C C   . GLU A 1 16  ? 5.084   11.840  -9.630  1.00 21.65 ? 16  GLU A C   1 
ATOM   108  O O   . GLU A 1 16  ? 3.920   12.242  -9.566  1.00 27.91 ? 16  GLU A O   1 
ATOM   109  C CB  . GLU A 1 16  ? 6.733   13.362  -10.690 1.00 43.72 ? 16  GLU A CB  1 
ATOM   110  C CG  . GLU A 1 16  ? 7.979   14.209  -10.522 1.00 43.68 ? 16  GLU A CG  1 
ATOM   111  C CD  . GLU A 1 16  ? 7.751   15.629  -10.934 1.00 67.64 ? 16  GLU A CD  1 
ATOM   112  O OE1 . GLU A 1 16  ? 7.527   15.852  -12.151 1.00 66.10 ? 16  GLU A OE1 1 
ATOM   113  O OE2 . GLU A 1 16  ? 7.779   16.510  -10.041 1.00 73.97 ? 16  GLU A OE2 1 
ATOM   114  N N   . GLN A 1 17  ? 5.432   10.592  -9.891  1.00 23.91 ? 17  GLN A N   1 
ATOM   115  C CA  . GLN A 1 17  ? 4.476   9.518   -10.108 1.00 28.38 ? 17  GLN A CA  1 
ATOM   116  C C   . GLN A 1 17  ? 3.656   9.244   -8.852  1.00 24.68 ? 17  GLN A C   1 
ATOM   117  O O   . GLN A 1 17  ? 2.428   9.120   -8.902  1.00 23.46 ? 17  GLN A O   1 
ATOM   118  C CB  . GLN A 1 17  ? 5.221   8.261   -10.519 1.00 32.96 ? 17  GLN A CB  1 
ATOM   119  C CG  . GLN A 1 17  ? 4.300   7.100   -10.755 1.00 35.77 ? 17  GLN A CG  1 
ATOM   120  C CD  . GLN A 1 17  ? 3.239   7.425   -11.793 1.00 41.04 ? 17  GLN A CD  1 
ATOM   121  O OE1 . GLN A 1 17  ? 2.134   7.903   -11.473 1.00 46.52 ? 17  GLN A OE1 1 
ATOM   122  N NE2 . GLN A 1 17  ? 3.566   7.177   -13.038 1.00 30.77 ? 17  GLN A NE2 1 
ATOM   123  N N   . VAL A 1 18  ? 4.354   9.145   -7.734  1.00 22.31 ? 18  VAL A N   1 
ATOM   124  C CA  . VAL A 1 18  ? 3.705   8.965   -6.444  1.00 13.42 ? 18  VAL A CA  1 
ATOM   125  C C   . VAL A 1 18  ? 2.864   10.169  -6.044  1.00 24.17 ? 18  VAL A C   1 
ATOM   126  O O   . VAL A 1 18  ? 1.769   10.023  -5.515  1.00 18.29 ? 18  VAL A O   1 
ATOM   127  C CB  . VAL A 1 18  ? 4.720   8.647   -5.370  1.00 22.94 ? 18  VAL A CB  1 
ATOM   128  C CG1 . VAL A 1 18  ? 4.052   8.671   -4.026  1.00 20.31 ? 18  VAL A CG1 1 
ATOM   129  C CG2 . VAL A 1 18  ? 5.341   7.273   -5.650  1.00 24.92 ? 18  VAL A CG2 1 
ATOM   130  N N   . ASN A 1 19  ? 3.362   11.371  -6.284  1.00 26.92 ? 19  ASN A N   1 
ATOM   131  C CA  . ASN A 1 19  ? 2.549   12.535  -5.959  1.00 21.54 ? 19  ASN A CA  1 
ATOM   132  C C   . ASN A 1 19  ? 1.284   12.563  -6.834  1.00 17.73 ? 19  ASN A C   1 
ATOM   133  O O   . ASN A 1 19  ? 0.185   12.860  -6.360  1.00 17.48 ? 19  ASN A O   1 
ATOM   134  C CB  . ASN A 1 19  ? 3.396   13.812  -6.054  1.00 31.58 ? 19  ASN A CB  1 
ATOM   135  C CG  . ASN A 1 19  ? 4.358   13.958  -4.844  1.00 38.91 ? 19  ASN A CG  1 
ATOM   136  O OD1 . ASN A 1 19  ? 3.932   14.077  -3.700  1.00 40.94 ? 19  ASN A OD1 1 
ATOM   137  N ND2 . ASN A 1 19  ? 5.653   13.999  -5.124  1.00 42.62 ? 19  ASN A ND2 1 
ATOM   138  N N   . ALA A 1 20  ? 1.431   12.215  -8.103  1.00 18.47 ? 20  ALA A N   1 
ATOM   139  C CA  . ALA A 1 20  ? 0.274   12.154  -9.006  1.00 20.79 ? 20  ALA A CA  1 
ATOM   140  C C   . ALA A 1 20  ? -0.730  11.089  -8.570  1.00 17.84 ? 20  ALA A C   1 
ATOM   141  O O   . ALA A 1 20  ? -1.934  11.322  -8.604  1.00 19.80 ? 20  ALA A O   1 
ATOM   142  C CB  . ALA A 1 20  ? 0.730   11.899  -10.418 1.00 22.86 ? 20  ALA A CB  1 
ATOM   143  N N   . ALA A 1 21  ? -0.240  9.912   -8.180  1.00 21.41 ? 21  ALA A N   1 
ATOM   144  C CA  . ALA A 1 21  ? -1.098  8.853   -7.687  1.00 19.21 ? 21  ALA A CA  1 
ATOM   145  C C   . ALA A 1 21  ? -1.854  9.333   -6.467  1.00 18.35 ? 21  ALA A C   1 
ATOM   146  O O   . ALA A 1 21  ? -3.050  9.079   -6.331  1.00 16.03 ? 21  ALA A O   1 
ATOM   147  C CB  . ALA A 1 21  ? -0.277  7.633   -7.345  1.00 21.15 ? 21  ALA A CB  1 
ATOM   148  N N   . LEU A 1 22  ? -1.170  10.063  -5.582  1.00 19.67 ? 22  LEU A N   1 
ATOM   149  C CA  . LEU A 1 22  ? -1.807  10.542  -4.356  1.00 18.60 ? 22  LEU A CA  1 
ATOM   150  C C   . LEU A 1 22  ? -2.876  11.562  -4.667  1.00 20.47 ? 22  LEU A C   1 
ATOM   151  O O   . LEU A 1 22  ? -3.956  11.564  -4.074  1.00 14.00 ? 22  LEU A O   1 
ATOM   152  C CB  . LEU A 1 22  ? -0.768  11.165  -3.414  1.00 19.11 ? 22  LEU A CB  1 
ATOM   153  C CG  . LEU A 1 22  ? 0.111   10.193  -2.658  1.00 19.50 ? 22  LEU A CG  1 
ATOM   154  C CD1 . LEU A 1 22  ? 1.209   10.923  -1.896  1.00 24.34 ? 22  LEU A CD1 1 
ATOM   155  C CD2 . LEU A 1 22  ? -0.760  9.413   -1.722  1.00 21.39 ? 22  LEU A CD2 1 
ATOM   156  N N   . LYS A 1 23  ? -2.595  12.446  -5.610  1.00 15.62 ? 23  LYS A N   1 
ATOM   157  C CA  . LYS A 1 23  ? -3.628  13.382  -5.980  1.00 19.73 ? 23  LYS A CA  1 
ATOM   158  C C   . LYS A 1 23  ? -4.847  12.636  -6.518  1.00 18.12 ? 23  LYS A C   1 
ATOM   159  O O   . LYS A 1 23  ? -5.982  13.028  -6.221  1.00 17.38 ? 23  LYS A O   1 
ATOM   160  C CB  . LYS A 1 23  ? -3.160  14.386  -7.019  1.00 28.64 ? 23  LYS A CB  1 
ATOM   161  C CG  . LYS A 1 23  ? -4.263  15.390  -7.292  1.00 34.16 ? 23  LYS A CG  1 
ATOM   162  C CD  . LYS A 1 23  ? -3.768  16.711  -7.751  1.00 39.49 ? 23  LYS A CD  1 
ATOM   163  C CE  . LYS A 1 23  ? -4.876  17.749  -7.617  1.00 38.82 ? 23  LYS A CE  1 
ATOM   164  N NZ  . LYS A 1 23  ? -6.186  17.264  -8.166  1.00 43.74 ? 23  LYS A NZ  1 
ATOM   165  N N   . ALA A 1 24  ? -4.603  11.595  -7.327  1.00 19.28 ? 24  ALA A N   1 
ATOM   166  C CA  . ALA A 1 24  ? -5.699  10.832  -7.940  1.00 26.63 ? 24  ALA A CA  1 
ATOM   167  C C   . ALA A 1 24  ? -6.518  10.118  -6.886  1.00 21.29 ? 24  ALA A C   1 
ATOM   168  O O   . ALA A 1 24  ? -7.732  10.079  -6.946  1.00 20.34 ? 24  ALA A O   1 
ATOM   169  C CB  . ALA A 1 24  ? -5.165  9.839   -8.932  1.00 21.02 ? 24  ALA A CB  1 
ATOM   170  N N   . LEU A 1 25  ? -5.845  9.548   -5.905  1.00 21.26 ? 25  LEU A N   1 
ATOM   171  C CA  . LEU A 1 25  ? -6.544  8.899   -4.805  1.00 16.13 ? 25  LEU A CA  1 
ATOM   172  C C   . LEU A 1 25  ? -7.456  9.858   -4.064  1.00 22.13 ? 25  LEU A C   1 
ATOM   173  O O   . LEU A 1 25  ? -8.597  9.514   -3.733  1.00 19.88 ? 25  LEU A O   1 
ATOM   174  C CB  . LEU A 1 25  ? -5.531  8.273   -3.851  1.00 17.90 ? 25  LEU A CB  1 
ATOM   175  C CG  . LEU A 1 25  ? -4.878  6.955   -4.281  1.00 19.34 ? 25  LEU A CG  1 
ATOM   176  C CD1 . LEU A 1 25  ? -3.713  6.617   -3.342  1.00 23.63 ? 25  LEU A CD1 1 
ATOM   177  C CD2 . LEU A 1 25  ? -5.898  5.827   -4.274  1.00 19.04 ? 25  LEU A CD2 1 
ATOM   178  N N   . GLY A 1 26  ? -6.969  11.078  -3.845  1.00 26.78 ? 26  GLY A N   1 
ATOM   179  C CA  . GLY A 1 26  ? -7.734  12.090  -3.141  1.00 24.76 ? 26  GLY A CA  1 
ATOM   180  C C   . GLY A 1 26  ? -8.910  12.589  -3.947  1.00 28.54 ? 26  GLY A C   1 
ATOM   181  O O   . GLY A 1 26  ? -9.824  13.179  -3.389  1.00 31.90 ? 26  GLY A O   1 
ATOM   182  N N   . ASP A 1 27  ? -8.854  12.367  -5.259  1.00 24.57 ? 27  ASP A N   1 
ATOM   183  C CA  . ASP A 1 27  ? -9.931  12.724  -6.190  1.00 27.65 ? 27  ASP A CA  1 
ATOM   184  C C   . ASP A 1 27  ? -10.978 11.616  -6.406  1.00 31.46 ? 27  ASP A C   1 
ATOM   185  O O   . ASP A 1 27  ? -11.950 11.831  -7.118  1.00 32.18 ? 27  ASP A O   1 
ATOM   186  C CB  . ASP A 1 27  ? -9.344  13.054  -7.565  1.00 33.57 ? 27  ASP A CB  1 
ATOM   187  C CG  . ASP A 1 27  ? -8.814  14.473  -7.652  1.00 47.84 ? 27  ASP A CG  1 
ATOM   188  O OD1 . ASP A 1 27  ? -9.237  15.308  -6.820  1.00 42.79 ? 27  ASP A OD1 1 
ATOM   189  O OD2 . ASP A 1 27  ? -7.976  14.742  -8.555  1.00 40.66 ? 27  ASP A OD2 1 
ATOM   190  N N   . ILE A 1 28  ? -10.771 10.427  -5.841  1.00 20.17 ? 28  ILE A N   1 
ATOM   191  C CA  . ILE A 1 28  ? -11.739 9.334   -5.995  1.00 24.69 ? 28  ILE A CA  1 
ATOM   192  C C   . ILE A 1 28  ? -13.067 9.775   -5.386  1.00 26.06 ? 28  ILE A C   1 
ATOM   193  O O   . ILE A 1 28  ? -13.082 10.369  -4.306  1.00 29.83 ? 28  ILE A O   1 
ATOM   194  C CB  . ILE A 1 28  ? -11.227 8.049   -5.297  1.00 25.15 ? 28  ILE A CB  1 
ATOM   195  C CG1 . ILE A 1 28  ? -9.983  7.540   -6.016  1.00 22.20 ? 28  ILE A CG1 1 
ATOM   196  C CG2 . ILE A 1 28  ? -12.314 6.957   -5.250  1.00 24.58 ? 28  ILE A CG2 1 
ATOM   197  C CD1 . ILE A 1 28  ? -9.388  6.298   -5.403  1.00 20.69 ? 28  ILE A CD1 1 
ATOM   198  N N   . PRO A 1 29  ? -14.192 9.526   -6.079  1.00 25.70 ? 29  PRO A N   1 
ATOM   199  C CA  . PRO A 1 29  ? -15.484 9.919   -5.503  1.00 28.37 ? 29  PRO A CA  1 
ATOM   200  C C   . PRO A 1 29  ? -15.721 9.384   -4.102  1.00 28.83 ? 29  PRO A C   1 
ATOM   201  O O   . PRO A 1 29  ? -15.298 8.248   -3.773  1.00 27.96 ? 29  PRO A O   1 
ATOM   202  C CB  . PRO A 1 29  ? -16.508 9.254   -6.439  1.00 29.77 ? 29  PRO A CB  1 
ATOM   203  C CG  . PRO A 1 29  ? -15.781 9.043   -7.708  1.00 34.95 ? 29  PRO A CG  1 
ATOM   204  C CD  . PRO A 1 29  ? -14.359 8.773   -7.329  1.00 29.95 ? 29  PRO A CD  1 
ATOM   205  N N   . GLU A 1 30  ? -16.420 10.184  -3.299  1.00 21.93 ? 30  GLU A N   1 
ATOM   206  C CA  . GLU A 1 30  ? -16.875 9.774   -1.972  1.00 28.34 ? 30  GLU A CA  1 
ATOM   207  C C   . GLU A 1 30  ? -15.745 9.314   -1.044  1.00 29.65 ? 30  GLU A C   1 
ATOM   208  O O   . GLU A 1 30  ? -15.950 8.447   -0.188  1.00 24.35 ? 30  GLU A O   1 
ATOM   209  C CB  . GLU A 1 30  ? -17.887 8.644   -2.120  1.00 26.99 ? 30  GLU A CB  1 
ATOM   210  C CG  . GLU A 1 30  ? -19.133 9.012   -2.912  1.00 31.80 ? 30  GLU A CG  1 
ATOM   211  C CD  . GLU A 1 30  ? -20.157 7.889   -2.867  1.00 51.03 ? 30  GLU A CD  1 
ATOM   212  O OE1 . GLU A 1 30  ? -20.925 7.852   -1.878  1.00 58.99 ? 30  GLU A OE1 1 
ATOM   213  O OE2 . GLU A 1 30  ? -20.172 7.031   -3.785  1.00 43.74 ? 30  GLU A OE2 1 
ATOM   214  N N   . SER A 1 31  ? -14.567 9.897   -1.219  1.00 32.42 ? 31  SER A N   1 
ATOM   215  C CA  . SER A 1 31  ? -13.369 9.422   -0.547  1.00 29.75 ? 31  SER A CA  1 
ATOM   216  C C   . SER A 1 31  ? -12.487 10.601  -0.270  1.00 30.12 ? 31  SER A C   1 
ATOM   217  O O   . SER A 1 31  ? -12.508 11.579  -1.021  1.00 25.57 ? 31  SER A O   1 
ATOM   218  C CB  . SER A 1 31  ? -12.625 8.458   -1.465  1.00 23.14 ? 31  SER A CB  1 
ATOM   219  O OG  . SER A 1 31  ? -13.446 7.341   -1.855  1.00 22.23 ? 31  SER A OG  1 
ATOM   220  N N   . HIS A 1 32  ? -11.695 10.518  0.795   1.00 23.98 ? 32  HIS A N   1 
ATOM   221  C CA  . HIS A 1 32  ? -10.631 11.498  0.998   1.00 24.78 ? 32  HIS A CA  1 
ATOM   222  C C   . HIS A 1 32  ? -9.469  10.916  1.818   1.00 23.50 ? 32  HIS A C   1 
ATOM   223  O O   . HIS A 1 32  ? -9.627  9.944   2.548   1.00 21.85 ? 32  HIS A O   1 
ATOM   224  C CB  . HIS A 1 32  ? -11.167 12.809  1.601   1.00 25.96 ? 32  HIS A CB  1 
ATOM   225  C CG  . HIS A 1 32  ? -11.609 12.699  3.021   1.00 27.07 ? 32  HIS A CG  1 
ATOM   226  N ND1 . HIS A 1 32  ? -12.835 12.184  3.385   1.00 45.08 ? 32  HIS A ND1 1 
ATOM   227  C CD2 . HIS A 1 32  ? -10.996 13.064  4.174   1.00 27.20 ? 32  HIS A CD2 1 
ATOM   228  C CE1 . HIS A 1 32  ? -12.951 12.216  4.702   1.00 35.24 ? 32  HIS A CE1 1 
ATOM   229  N NE2 . HIS A 1 32  ? -11.849 12.748  5.203   1.00 37.43 ? 32  HIS A NE2 1 
ATOM   230  N N   . ILE A 1 33  ? -8.297  11.503  1.647   1.00 21.25 ? 33  ILE A N   1 
ATOM   231  C CA  . ILE A 1 33  ? -7.109  11.064  2.356   1.00 14.51 ? 33  ILE A CA  1 
ATOM   232  C C   . ILE A 1 33  ? -7.100  11.572  3.773   1.00 20.26 ? 33  ILE A C   1 
ATOM   233  O O   . ILE A 1 33  ? -7.298  12.772  4.027   1.00 21.34 ? 33  ILE A O   1 
ATOM   234  C CB  . ILE A 1 33  ? -5.831  11.540  1.627   1.00 23.39 ? 33  ILE A CB  1 
ATOM   235  C CG1 . ILE A 1 33  ? -5.791  10.934  0.233   1.00 19.93 ? 33  ILE A CG1 1 
ATOM   236  C CG2 . ILE A 1 33  ? -4.605  11.115  2.383   1.00 19.51 ? 33  ILE A CG2 1 
ATOM   237  C CD1 . ILE A 1 33  ? -4.638  11.391  -0.620  1.00 24.16 ? 33  ILE A CD1 1 
ATOM   238  N N   . LEU A 1 34  ? -6.902  10.646  4.695   1.00 18.95 ? 34  LEU A N   1 
ATOM   239  C CA  . LEU A 1 34  ? -6.745  10.979  6.111   1.00 23.33 ? 34  LEU A CA  1 
ATOM   240  C C   . LEU A 1 34  ? -5.289  11.179  6.477   1.00 22.06 ? 34  LEU A C   1 
ATOM   241  O O   . LEU A 1 34  ? -4.951  12.156  7.149   1.00 19.86 ? 34  LEU A O   1 
ATOM   242  C CB  . LEU A 1 34  ? -7.301  9.864   6.986   1.00 21.69 ? 34  LEU A CB  1 
ATOM   243  C CG  . LEU A 1 34  ? -8.806  9.658   6.828   1.00 23.54 ? 34  LEU A CG  1 
ATOM   244  C CD1 . LEU A 1 34  ? -9.161  8.326   7.437   1.00 35.59 ? 34  LEU A CD1 1 
ATOM   245  C CD2 . LEU A 1 34  ? -9.605  10.776  7.479   1.00 25.18 ? 34  LEU A CD2 1 
ATOM   246  N N   . THR A 1 35  ? -4.428  10.260  6.027   1.00 16.00 ? 35  THR A N   1 
ATOM   247  C CA  . THR A 1 35  ? -3.022  10.295  6.379   1.00 15.03 ? 35  THR A CA  1 
ATOM   248  C C   . THR A 1 35  ? -2.170  9.656   5.331   1.00 19.69 ? 35  THR A C   1 
ATOM   249  O O   . THR A 1 35  ? -2.603  8.729   4.675   1.00 17.72 ? 35  THR A O   1 
ATOM   250  C CB  . THR A 1 35  ? -2.735  9.535   7.692   1.00 20.25 ? 35  THR A CB  1 
ATOM   251  O OG1 . THR A 1 35  ? -3.755  9.841   8.635   1.00 26.51 ? 35  THR A OG1 1 
ATOM   252  C CG2 . THR A 1 35  ? -1.399  9.977   8.225   1.00 19.20 ? 35  THR A CG2 1 
ATOM   253  N N   . VAL A 1 36  ? -0.952  10.174  5.188   1.00 13.11 ? 36  VAL A N   1 
ATOM   254  C CA  . VAL A 1 36  ? 0.029   9.616   4.286   1.00 15.59 ? 36  VAL A CA  1 
ATOM   255  C C   . VAL A 1 36  ? 1.277   9.358   5.087   1.00 17.84 ? 36  VAL A C   1 
ATOM   256  O O   . VAL A 1 36  ? 1.665   10.162  5.920   1.00 15.94 ? 36  VAL A O   1 
ATOM   257  C CB  . VAL A 1 36  ? 0.361   10.573  3.162   1.00 14.65 ? 36  VAL A CB  1 
ATOM   258  C CG1 . VAL A 1 36  ? 1.328   9.938   2.184   1.00 16.02 ? 36  VAL A CG1 1 
ATOM   259  C CG2 . VAL A 1 36  ? -0.921  11.018  2.485   1.00 19.66 ? 36  VAL A CG2 1 
ATOM   260  N N   . SER A 1 37  ? 1.891   8.207   4.894   1.00 13.55 ? 37  SER A N   1 
ATOM   261  C CA  . SER A 1 37  ? 3.150   7.938   5.562   1.00 14.14 ? 37  SER A CA  1 
ATOM   262  C C   . SER A 1 37  ? 4.286   8.736   4.949   1.00 15.38 ? 37  SER A C   1 
ATOM   263  O O   . SER A 1 37  ? 4.129   9.395   3.921   1.00 16.25 ? 37  SER A O   1 
ATOM   264  C CB  . SER A 1 37  ? 3.491   6.441   5.471   1.00 13.60 ? 37  SER A CB  1 
ATOM   265  O OG  . SER A 1 37  ? 3.927   6.087   4.167   1.00 15.74 ? 37  SER A OG  1 
ATOM   266  N N   . SER A 1 38  ? 5.459   8.621   5.556   1.00 17.80 ? 38  SER A N   1 
ATOM   267  C CA  . SER A 1 38  ? 6.678   9.081   4.921   1.00 21.66 ? 38  SER A CA  1 
ATOM   268  C C   . SER A 1 38  ? 6.914   8.259   3.673   1.00 20.67 ? 38  SER A C   1 
ATOM   269  O O   . SER A 1 38  ? 6.399   7.127   3.509   1.00 16.72 ? 38  SER A O   1 
ATOM   270  C CB  . SER A 1 38  ? 7.897   8.949   5.855   1.00 19.07 ? 38  SER A CB  1 
ATOM   271  O OG  . SER A 1 38  ? 7.692   9.580   7.106   1.00 19.94 ? 38  SER A OG  1 
ATOM   272  N N   . PHE A 1 39  ? 7.724   8.822   2.791   1.00 14.85 ? 39  PHE A N   1 
ATOM   273  C CA  . PHE A 1 39  ? 8.186   8.123   1.619   1.00 19.84 ? 39  PHE A CA  1 
ATOM   274  C C   . PHE A 1 39  ? 9.438   7.373   1.996   1.00 21.83 ? 39  PHE A C   1 
ATOM   275  O O   . PHE A 1 39  ? 10.338  7.945   2.625   1.00 21.36 ? 39  PHE A O   1 
ATOM   276  C CB  . PHE A 1 39  ? 8.473   9.081   0.461   1.00 18.08 ? 39  PHE A CB  1 
ATOM   277  C CG  . PHE A 1 39  ? 7.253   9.735   -0.094  1.00 22.92 ? 39  PHE A CG  1 
ATOM   278  C CD1 . PHE A 1 39  ? 5.991   9.319   0.289   1.00 18.16 ? 39  PHE A CD1 1 
ATOM   279  C CD2 . PHE A 1 39  ? 7.360   10.793  -0.970  1.00 20.53 ? 39  PHE A CD2 1 
ATOM   280  C CE1 . PHE A 1 39  ? 4.869   9.890   -0.226  1.00 15.27 ? 39  PHE A CE1 1 
ATOM   281  C CE2 . PHE A 1 39  ? 6.239   11.390  -1.473  1.00 24.18 ? 39  PHE A CE2 1 
ATOM   282  C CZ  . PHE A 1 39  ? 4.989   10.960  -1.097  1.00 19.74 ? 39  PHE A CZ  1 
ATOM   283  N N   . TYR A 1 40  ? 9.485   6.103   1.596   1.00 18.16 ? 40  TYR A N   1 
ATOM   284  C CA  . TYR A 1 40  ? 10.567  5.197   1.960   1.00 19.95 ? 40  TYR A CA  1 
ATOM   285  C C   . TYR A 1 40  ? 11.243  4.677   0.710   1.00 25.70 ? 40  TYR A C   1 
ATOM   286  O O   . TYR A 1 40  ? 10.594  4.449   -0.305  1.00 21.97 ? 40  TYR A O   1 
ATOM   287  C CB  . TYR A 1 40  ? 10.032  4.048   2.804   1.00 16.94 ? 40  TYR A CB  1 
ATOM   288  C CG  . TYR A 1 40  ? 9.560   4.468   4.174   1.00 19.13 ? 40  TYR A CG  1 
ATOM   289  C CD1 . TYR A 1 40  ? 10.467  4.658   5.202   1.00 19.48 ? 40  TYR A CD1 1 
ATOM   290  C CD2 . TYR A 1 40  ? 8.207   4.717   4.429   1.00 19.83 ? 40  TYR A CD2 1 
ATOM   291  C CE1 . TYR A 1 40  ? 10.064  5.047   6.445   1.00 21.62 ? 40  TYR A CE1 1 
ATOM   292  C CE2 . TYR A 1 40  ? 7.780   5.143   5.678   1.00 15.27 ? 40  TYR A CE2 1 
ATOM   293  C CZ  . TYR A 1 40  ? 8.721   5.301   6.689   1.00 18.71 ? 40  TYR A CZ  1 
ATOM   294  O OH  . TYR A 1 40  ? 8.358   5.707   7.957   1.00 23.04 ? 40  TYR A OH  1 
ATOM   295  N N   . ARG A 1 41  ? 12.563  4.542   0.782   1.00 22.88 ? 41  ARG A N   1 
ATOM   296  C CA  . ARG A 1 41  ? 13.380  4.018   -0.320  1.00 19.35 ? 41  ARG A CA  1 
ATOM   297  C C   . ARG A 1 41  ? 13.769  2.609   0.065   1.00 24.12 ? 41  ARG A C   1 
ATOM   298  O O   . ARG A 1 41  ? 14.452  2.403   1.065   1.00 25.53 ? 41  ARG A O   1 
ATOM   299  C CB  . ARG A 1 41  ? 14.670  4.842   -0.522  1.00 25.10 ? 41  ARG A CB  1 
ATOM   300  C CG  . ARG A 1 41  ? 15.580  4.281   -1.631  1.00 32.17 ? 41  ARG A CG  1 
ATOM   301  C CD  . ARG A 1 41  ? 16.917  5.014   -1.788  1.00 36.63 ? 41  ARG A CD  1 
ATOM   302  N NE  . ARG A 1 41  ? 16.759  6.457   -1.782  1.00 34.15 ? 41  ARG A NE  1 
ATOM   303  C CZ  . ARG A 1 41  ? 16.531  7.193   -2.869  1.00 35.17 ? 41  ARG A CZ  1 
ATOM   304  N NH1 . ARG A 1 41  ? 16.453  6.627   -4.066  1.00 50.86 ? 41  ARG A NH1 1 
ATOM   305  N NH2 . ARG A 1 41  ? 16.388  8.504   -2.758  1.00 35.01 ? 41  ARG A NH2 1 
ATOM   306  N N   . THR A 1 42  ? 13.325  1.643   -0.725  1.00 23.49 ? 42  THR A N   1 
ATOM   307  C CA  . THR A 1 42  ? 13.508  0.237   -0.402  1.00 23.73 ? 42  THR A CA  1 
ATOM   308  C C   . THR A 1 42  ? 14.216  -0.494  -1.550  1.00 20.17 ? 42  THR A C   1 
ATOM   309  O O   . THR A 1 42  ? 14.056  -0.133  -2.720  1.00 22.33 ? 42  THR A O   1 
ATOM   310  C CB  . THR A 1 42  ? 12.172  -0.441  -0.131  1.00 23.64 ? 42  THR A CB  1 
ATOM   311  O OG1 . THR A 1 42  ? 11.382  -0.453  -1.314  1.00 27.45 ? 42  THR A OG1 1 
ATOM   312  C CG2 . THR A 1 42  ? 11.412  0.278   0.956   1.00 33.12 ? 42  THR A CG2 1 
ATOM   313  N N   . PRO A 1 43  ? 15.036  -1.498  -1.212  1.00 24.67 ? 43  PRO A N   1 
ATOM   314  C CA  . PRO A 1 43  ? 15.745  -2.228  -2.267  1.00 26.19 ? 43  PRO A CA  1 
ATOM   315  C C   . PRO A 1 43  ? 14.767  -3.138  -3.006  1.00 21.36 ? 43  PRO A C   1 
ATOM   316  O O   . PRO A 1 43  ? 13.786  -3.575  -2.397  1.00 25.15 ? 43  PRO A O   1 
ATOM   317  C CB  . PRO A 1 43  ? 16.816  -3.019  -1.513  1.00 29.18 ? 43  PRO A CB  1 
ATOM   318  C CG  . PRO A 1 43  ? 16.489  -2.912  -0.050  1.00 33.14 ? 43  PRO A CG  1 
ATOM   319  C CD  . PRO A 1 43  ? 15.230  -2.100  0.117   1.00 36.26 ? 43  PRO A CD  1 
ATOM   320  N N   . PRO A 1 44  ? 14.991  -3.373  -4.303  1.00 30.83 ? 44  PRO A N   1 
ATOM   321  C CA  . PRO A 1 44  ? 14.027  -4.202  -5.038  1.00 31.56 ? 44  PRO A CA  1 
ATOM   322  C C   . PRO A 1 44  ? 13.822  -5.576  -4.384  1.00 42.81 ? 44  PRO A C   1 
ATOM   323  O O   . PRO A 1 44  ? 14.802  -6.229  -4.017  1.00 42.12 ? 44  PRO A O   1 
ATOM   324  C CB  . PRO A 1 44  ? 14.677  -4.385  -6.419  1.00 42.89 ? 44  PRO A CB  1 
ATOM   325  C CG  . PRO A 1 44  ? 15.826  -3.419  -6.476  1.00 41.95 ? 44  PRO A CG  1 
ATOM   326  C CD  . PRO A 1 44  ? 16.204  -3.072  -5.082  1.00 37.37 ? 44  PRO A CD  1 
ATOM   327  N N   . LEU A 1 45  ? 12.566  -5.987  -4.215  1.00 35.31 ? 45  LEU A N   1 
ATOM   328  C CA  . LEU A 1 45  ? 12.238  -7.398  -3.991  1.00 39.92 ? 45  LEU A CA  1 
ATOM   329  C C   . LEU A 1 45  ? 12.065  -8.005  -5.381  1.00 43.74 ? 45  LEU A C   1 
ATOM   330  O O   . LEU A 1 45  ? 11.026  -7.805  -6.040  1.00 32.83 ? 45  LEU A O   1 
ATOM   331  C CB  . LEU A 1 45  ? 10.967  -7.562  -3.153  1.00 39.87 ? 45  LEU A CB  1 
ATOM   332  C CG  . LEU A 1 45  ? 10.468  -9.007  -3.022  1.00 43.02 ? 45  LEU A CG  1 
ATOM   333  C CD1 . LEU A 1 45  ? 11.461  -9.846  -2.210  1.00 38.14 ? 45  LEU A CD1 1 
ATOM   334  C CD2 . LEU A 1 45  ? 9.052   -9.058  -2.422  1.00 35.49 ? 45  LEU A CD2 1 
ATOM   335  N N   . GLY A 1 46  ? 13.100  -8.721  -5.819  1.00 46.24 ? 46  GLY A N   1 
ATOM   336  C CA  . GLY A 1 46  ? 13.287  -9.097  -7.217  1.00 41.35 ? 46  GLY A CA  1 
ATOM   337  C C   . GLY A 1 46  ? 14.748  -8.906  -7.631  1.00 50.56 ? 46  GLY A C   1 
ATOM   338  O O   . GLY A 1 46  ? 15.626  -8.724  -6.777  1.00 52.81 ? 46  GLY A O   1 
ATOM   339  N N   . PRO A 1 47  ? 15.021  -8.941  -8.945  1.00 44.76 ? 47  PRO A N   1 
ATOM   340  C CA  . PRO A 1 47  ? 16.377  -8.739  -9.468  1.00 55.55 ? 47  PRO A CA  1 
ATOM   341  C C   . PRO A 1 47  ? 16.968  -7.437  -8.970  1.00 57.65 ? 47  PRO A C   1 
ATOM   342  O O   . PRO A 1 47  ? 16.369  -6.376  -9.151  1.00 54.31 ? 47  PRO A O   1 
ATOM   343  C CB  . PRO A 1 47  ? 16.168  -8.663  -10.978 1.00 55.82 ? 47  PRO A CB  1 
ATOM   344  C CG  . PRO A 1 47  ? 14.882  -9.358  -11.221 1.00 56.36 ? 47  PRO A CG  1 
ATOM   345  C CD  . PRO A 1 47  ? 14.037  -9.123  -10.020 1.00 49.07 ? 47  PRO A CD  1 
ATOM   346  N N   . GLN A 1 48  ? 18.142  -7.521  -8.362  1.00 57.57 ? 48  GLN A N   1 
ATOM   347  C CA  . GLN A 1 48  ? 18.765  -6.362  -7.757  1.00 66.56 ? 48  GLN A CA  1 
ATOM   348  C C   . GLN A 1 48  ? 19.227  -5.307  -8.771  1.00 65.45 ? 48  GLN A C   1 
ATOM   349  O O   . GLN A 1 48  ? 19.835  -4.309  -8.380  1.00 60.63 ? 48  GLN A O   1 
ATOM   350  C CB  . GLN A 1 48  ? 19.953  -6.796  -6.885  1.00 62.47 ? 48  GLN A CB  1 
ATOM   351  C CG  . GLN A 1 48  ? 19.569  -7.478  -5.573  1.00 62.63 ? 48  GLN A CG  1 
ATOM   352  C CD  . GLN A 1 48  ? 18.518  -6.706  -4.763  1.00 79.37 ? 48  GLN A CD  1 
ATOM   353  O OE1 . GLN A 1 48  ? 18.677  -5.513  -4.456  1.00 58.21 ? 48  GLN A OE1 1 
ATOM   354  N NE2 . GLN A 1 48  ? 17.439  -7.398  -4.404  1.00 76.71 ? 48  GLN A NE2 1 
ATOM   355  N N   . ASP A 1 49  ? 18.944  -5.505  -10.058 1.00 66.24 ? 49  ASP A N   1 
ATOM   356  C CA  . ASP A 1 49  ? 19.430  -4.566  -11.076 1.00 62.01 ? 49  ASP A CA  1 
ATOM   357  C C   . ASP A 1 49  ? 18.311  -3.750  -11.718 1.00 67.76 ? 49  ASP A C   1 
ATOM   358  O O   . ASP A 1 49  ? 18.188  -3.671  -12.945 1.00 64.28 ? 49  ASP A O   1 
ATOM   359  C CB  . ASP A 1 49  ? 20.209  -5.297  -12.160 1.00 69.48 ? 49  ASP A CB  1 
ATOM   360  C CG  . ASP A 1 49  ? 19.310  -6.018  -13.117 1.00 67.68 ? 49  ASP A CG  1 
ATOM   361  O OD1 . ASP A 1 49  ? 18.323  -6.634  -12.657 1.00 75.22 ? 49  ASP A OD1 1 
ATOM   362  O OD2 . ASP A 1 49  ? 19.583  -5.950  -14.331 1.00 75.89 ? 49  ASP A OD2 1 
ATOM   363  N N   . GLN A 1 50  ? 17.499  -3.141  -10.867 1.00 61.12 ? 50  GLN A N   1 
ATOM   364  C CA  . GLN A 1 50  ? 16.497  -2.184  -11.293 1.00 43.83 ? 50  GLN A CA  1 
ATOM   365  C C   . GLN A 1 50  ? 16.504  -1.131  -10.198 1.00 34.87 ? 50  GLN A C   1 
ATOM   366  O O   . GLN A 1 50  ? 17.154  -1.325  -9.165  1.00 32.48 ? 50  GLN A O   1 
ATOM   367  C CB  . GLN A 1 50  ? 15.144  -2.857  -11.393 1.00 40.70 ? 50  GLN A CB  1 
ATOM   368  C CG  . GLN A 1 50  ? 14.687  -3.418  -10.074 1.00 36.91 ? 50  GLN A CG  1 
ATOM   369  C CD  . GLN A 1 50  ? 13.396  -4.181  -10.183 1.00 46.01 ? 50  GLN A CD  1 
ATOM   370  O OE1 . GLN A 1 50  ? 12.376  -3.647  -10.626 1.00 44.78 ? 50  GLN A OE1 1 
ATOM   371  N NE2 . GLN A 1 50  ? 13.430  -5.447  -9.785  1.00 47.78 ? 50  GLN A NE2 1 
ATOM   372  N N   . PRO A 1 51  ? 15.828  0.003   -10.416 1.00 31.74 ? 51  PRO A N   1 
ATOM   373  C CA  . PRO A 1 51  ? 16.015  1.024   -9.373  1.00 29.23 ? 51  PRO A CA  1 
ATOM   374  C C   . PRO A 1 51  ? 15.367  0.663   -8.047  1.00 32.58 ? 51  PRO A C   1 
ATOM   375  O O   . PRO A 1 51  ? 14.470  -0.170  -7.988  1.00 32.07 ? 51  PRO A O   1 
ATOM   376  C CB  . PRO A 1 51  ? 15.352  2.273   -9.972  1.00 41.00 ? 51  PRO A CB  1 
ATOM   377  C CG  . PRO A 1 51  ? 15.303  2.023   -11.464 1.00 30.30 ? 51  PRO A CG  1 
ATOM   378  C CD  . PRO A 1 51  ? 15.176  0.544   -11.627 1.00 32.32 ? 51  PRO A CD  1 
ATOM   379  N N   . ASP A 1 52  ? 15.844  1.290   -6.985  1.00 31.89 ? 52  ASP A N   1 
ATOM   380  C CA  . ASP A 1 52  ? 15.158  1.276   -5.706  1.00 26.92 ? 52  ASP A CA  1 
ATOM   381  C C   . ASP A 1 52  ? 13.710  1.728   -5.864  1.00 24.21 ? 52  ASP A C   1 
ATOM   382  O O   . ASP A 1 52  ? 13.379  2.536   -6.722  1.00 28.73 ? 52  ASP A O   1 
ATOM   383  C CB  . ASP A 1 52  ? 15.851  2.211   -4.719  1.00 28.48 ? 52  ASP A CB  1 
ATOM   384  C CG  . ASP A 1 52  ? 17.081  1.599   -4.101  1.00 33.00 ? 52  ASP A CG  1 
ATOM   385  O OD1 . ASP A 1 52  ? 17.429  0.456   -4.475  1.00 34.79 ? 52  ASP A OD1 1 
ATOM   386  O OD2 . ASP A 1 52  ? 17.687  2.257   -3.234  1.00 44.46 ? 52  ASP A OD2 1 
ATOM   387  N N   . TYR A 1 53  ? 12.858  1.182   -5.009  1.00 22.55 ? 53  TYR A N   1 
ATOM   388  C CA  . TYR A 1 53  ? 11.461  1.551   -4.981  1.00 21.23 ? 53  TYR A CA  1 
ATOM   389  C C   . TYR A 1 53  ? 11.195  2.660   -3.992  1.00 17.20 ? 53  TYR A C   1 
ATOM   390  O O   . TYR A 1 53  ? 11.862  2.768   -2.955  1.00 20.87 ? 53  TYR A O   1 
ATOM   391  C CB  . TYR A 1 53  ? 10.621  0.333   -4.579  1.00 26.03 ? 53  TYR A CB  1 
ATOM   392  C CG  . TYR A 1 53  ? 10.454  -0.650  -5.696  1.00 29.34 ? 53  TYR A CG  1 
ATOM   393  C CD1 . TYR A 1 53  ? 11.529  -1.429  -6.118  1.00 29.33 ? 53  TYR A CD1 1 
ATOM   394  C CD2 . TYR A 1 53  ? 9.227   -0.810  -6.327  1.00 29.30 ? 53  TYR A CD2 1 
ATOM   395  C CE1 . TYR A 1 53  ? 11.377  -2.332  -7.141  1.00 31.39 ? 53  TYR A CE1 1 
ATOM   396  C CE2 . TYR A 1 53  ? 9.067   -1.705  -7.358  1.00 29.50 ? 53  TYR A CE2 1 
ATOM   397  C CZ  . TYR A 1 53  ? 10.152  -2.452  -7.769  1.00 28.67 ? 53  TYR A CZ  1 
ATOM   398  O OH  . TYR A 1 53  ? 10.009  -3.366  -8.787  1.00 45.67 ? 53  TYR A OH  1 
ATOM   399  N N   . LEU A 1 54  ? 10.221  3.499   -4.330  1.00 16.95 ? 54  LEU A N   1 
ATOM   400  C CA  . LEU A 1 54  ? 9.589   4.377   -3.347  1.00 14.84 ? 54  LEU A CA  1 
ATOM   401  C C   . LEU A 1 54  ? 8.312   3.681   -2.853  1.00 19.93 ? 54  LEU A C   1 
ATOM   402  O O   . LEU A 1 54  ? 7.399   3.395   -3.659  1.00 21.82 ? 54  LEU A O   1 
ATOM   403  C CB  . LEU A 1 54  ? 9.267   5.740   -3.961  1.00 21.74 ? 54  LEU A CB  1 
ATOM   404  C CG  . LEU A 1 54  ? 8.877   6.892   -3.015  1.00 19.59 ? 54  LEU A CG  1 
ATOM   405  C CD1 . LEU A 1 54  ? 8.799   8.174   -3.782  1.00 24.85 ? 54  LEU A CD1 1 
ATOM   406  C CD2 . LEU A 1 54  ? 7.543   6.624   -2.394  1.00 21.17 ? 54  LEU A CD2 1 
ATOM   407  N N   . ASN A 1 55  ? 8.265   3.380   -1.545  1.00 16.60 ? 55  ASN A N   1 
ATOM   408  C CA  . ASN A 1 55  ? 7.060   2.816   -0.910  1.00 16.70 ? 55  ASN A CA  1 
ATOM   409  C C   . ASN A 1 55  ? 6.461   3.749   0.120   1.00 16.06 ? 55  ASN A C   1 
ATOM   410  O O   . ASN A 1 55  ? 7.183   4.391   0.861   1.00 18.76 ? 55  ASN A O   1 
ATOM   411  C CB  . ASN A 1 55  ? 7.345   1.482   -0.231  1.00 16.07 ? 55  ASN A CB  1 
ATOM   412  C CG  . ASN A 1 55  ? 7.470   0.321   -1.233  1.00 19.35 ? 55  ASN A CG  1 
ATOM   413  O OD1 . ASN A 1 55  ? 8.531   -0.270  -1.371  1.00 21.92 ? 55  ASN A OD1 1 
ATOM   414  N ND2 . ASN A 1 55  ? 6.395   0.007   -1.925  1.00 18.27 ? 55  ASN A ND2 1 
ATOM   415  N N   . ALA A 1 56  ? 5.137   3.752   0.195   1.00 15.99 ? 56  ALA A N   1 
ATOM   416  C CA  . ALA A 1 56  ? 4.401   4.532   1.181   1.00 16.56 ? 56  ALA A CA  1 
ATOM   417  C C   . ALA A 1 56  ? 3.062   3.866   1.448   1.00 21.49 ? 56  ALA A C   1 
ATOM   418  O O   . ALA A 1 56  ? 2.658   2.910   0.767   1.00 20.56 ? 56  ALA A O   1 
ATOM   419  C CB  . ALA A 1 56  ? 4.187   5.977   0.674   1.00 14.16 ? 56  ALA A CB  1 
ATOM   420  N N   . ALA A 1 57  ? 2.367   4.390   2.434   1.00 15.96 ? 57  ALA A N   1 
ATOM   421  C CA  . ALA A 1 57  ? 1.053   3.931   2.744   1.00 17.90 ? 57  ALA A CA  1 
ATOM   422  C C   . ALA A 1 57  ? 0.163   5.137   2.917   1.00 14.01 ? 57  ALA A C   1 
ATOM   423  O O   . ALA A 1 57  ? 0.614   6.230   3.322   1.00 15.37 ? 57  ALA A O   1 
ATOM   424  C CB  . ALA A 1 57  ? 1.068   3.083   4.010   1.00 16.34 ? 57  ALA A CB  1 
ATOM   425  N N   A VAL A 1 58  ? -1.117  4.914   2.672   0.67 16.76 ? 58  VAL A N   1 
ATOM   426  N N   B VAL A 1 58  ? -1.114  4.934   2.633   0.33 16.75 ? 58  VAL A N   1 
ATOM   427  C CA  A VAL A 1 58  ? -2.130  5.940   2.728   0.67 14.77 ? 58  VAL A CA  1 
ATOM   428  C CA  B VAL A 1 58  ? -2.106  5.984   2.732   0.33 14.83 ? 58  VAL A CA  1 
ATOM   429  C C   A VAL A 1 58  ? -3.336  5.375   3.439   0.67 18.14 ? 58  VAL A C   1 
ATOM   430  C C   B VAL A 1 58  ? -3.387  5.444   3.350   0.33 17.95 ? 58  VAL A C   1 
ATOM   431  O O   A VAL A 1 58  ? -3.728  4.222   3.214   0.67 15.34 ? 58  VAL A O   1 
ATOM   432  O O   B VAL A 1 58  ? -3.876  4.374   2.980   0.33 15.36 ? 58  VAL A O   1 
ATOM   433  C CB  A VAL A 1 58  ? -2.574  6.366   1.329   0.67 14.32 ? 58  VAL A CB  1 
ATOM   434  C CB  B VAL A 1 58  ? -2.426  6.591   1.354   0.33 15.31 ? 58  VAL A CB  1 
ATOM   435  C CG1 A VAL A 1 58  ? -3.531  7.584   1.418   0.67 19.34 ? 58  VAL A CG1 1 
ATOM   436  C CG1 B VAL A 1 58  ? -1.243  7.379   0.843   0.33 18.70 ? 58  VAL A CG1 1 
ATOM   437  C CG2 A VAL A 1 58  ? -1.372  6.707   0.508   0.67 20.11 ? 58  VAL A CG2 1 
ATOM   438  C CG2 B VAL A 1 58  ? -2.822  5.524   0.367   0.33 17.09 ? 58  VAL A CG2 1 
ATOM   439  N N   . ALA A 1 59  ? -3.908  6.195   4.313   1.00 17.64 ? 59  ALA A N   1 
ATOM   440  C CA  . ALA A 1 59  ? -5.189  5.893   4.936   1.00 14.85 ? 59  ALA A CA  1 
ATOM   441  C C   . ALA A 1 59  ? -6.177  6.754   4.165   1.00 13.19 ? 59  ALA A C   1 
ATOM   442  O O   . ALA A 1 59  ? -6.048  8.001   4.102   1.00 20.78 ? 59  ALA A O   1 
ATOM   443  C CB  . ALA A 1 59  ? -5.181  6.269   6.394   1.00 21.84 ? 59  ALA A CB  1 
ATOM   444  N N   . LEU A 1 60  ? -7.154  6.085   3.584   1.00 15.84 ? 60  LEU A N   1 
ATOM   445  C CA  . LEU A 1 60  ? -8.165  6.746   2.757   1.00 14.57 ? 60  LEU A CA  1 
ATOM   446  C C   . LEU A 1 60  ? -9.546  6.504   3.345   1.00 23.58 ? 60  LEU A C   1 
ATOM   447  O O   . LEU A 1 60  ? -10.001 5.361   3.487   1.00 19.73 ? 60  LEU A O   1 
ATOM   448  C CB  . LEU A 1 60  ? -8.086  6.182   1.342   1.00 22.33 ? 60  LEU A CB  1 
ATOM   449  C CG  . LEU A 1 60  ? -9.032  6.791   0.319   1.00 19.55 ? 60  LEU A CG  1 
ATOM   450  C CD1 . LEU A 1 60  ? -8.460  8.106   -0.209  1.00 21.69 ? 60  LEU A CD1 1 
ATOM   451  C CD2 . LEU A 1 60  ? -9.299  5.817   -0.827  1.00 14.66 ? 60  LEU A CD2 1 
ATOM   452  N N   . GLU A 1 61  ? -10.240 7.572   3.701   1.00 15.38 ? 61  GLU A N   1 
ATOM   453  C CA  . GLU A 1 61  ? -11.599 7.393   4.188   1.00 17.04 ? 61  GLU A CA  1 
ATOM   454  C C   . GLU A 1 61  ? -12.501 7.298   2.975   1.00 21.90 ? 61  GLU A C   1 
ATOM   455  O O   . GLU A 1 61  ? -12.344 8.095   2.067   1.00 23.76 ? 61  GLU A O   1 
ATOM   456  C CB  . GLU A 1 61  ? -12.029 8.598   5.012   1.00 31.18 ? 61  GLU A CB  1 
ATOM   457  C CG  . GLU A 1 61  ? -13.533 8.626   5.256   1.00 27.06 ? 61  GLU A CG  1 
ATOM   458  C CD  . GLU A 1 61  ? -13.921 7.603   6.280   1.00 43.67 ? 61  GLU A CD  1 
ATOM   459  O OE1 . GLU A 1 61  ? -13.083 7.337   7.173   1.00 47.60 ? 61  GLU A OE1 1 
ATOM   460  O OE2 . GLU A 1 61  ? -15.048 7.062   6.196   1.00 55.99 ? 61  GLU A OE2 1 
ATOM   461  N N   . THR A 1 62  ? -13.428 6.344   2.943   1.00 21.63 ? 62  THR A N   1 
ATOM   462  C CA  . THR A 1 62  ? -14.270 6.189   1.762   1.00 25.68 ? 62  THR A CA  1 
ATOM   463  C C   . THR A 1 62  ? -15.624 5.558   2.067   1.00 22.80 ? 62  THR A C   1 
ATOM   464  O O   . THR A 1 62  ? -15.738 4.733   2.973   1.00 24.65 ? 62  THR A O   1 
ATOM   465  C CB  . THR A 1 62  ? -13.556 5.318   0.695   1.00 21.46 ? 62  THR A CB  1 
ATOM   466  O OG1 . THR A 1 62  ? -14.284 5.345   -0.540  1.00 26.64 ? 62  THR A OG1 1 
ATOM   467  C CG2 . THR A 1 62  ? -13.476 3.899   1.163   1.00 22.73 ? 62  THR A CG2 1 
ATOM   468  N N   . SER A 1 63  ? -16.629 5.925   1.259   1.00 32.58 ? 63  SER A N   1 
ATOM   469  C CA  . SER A 1 63  ? -17.961 5.302   1.283   1.00 31.98 ? 63  SER A CA  1 
ATOM   470  C C   . SER A 1 63  ? -18.150 4.268   0.172   1.00 28.15 ? 63  SER A C   1 
ATOM   471  O O   . SER A 1 63  ? -19.204 3.642   0.054   1.00 33.64 ? 63  SER A O   1 
ATOM   472  C CB  . SER A 1 63  ? -19.037 6.372   1.125   1.00 31.07 ? 63  SER A CB  1 
ATOM   473  O OG  . SER A 1 63  ? -18.727 7.510   1.917   1.00 50.71 ? 63  SER A OG  1 
ATOM   474  N N   . LEU A 1 64  ? -17.126 4.068   -0.633  1.00 25.48 ? 64  LEU A N   1 
ATOM   475  C CA  . LEU A 1 64  ? -17.215 3.127   -1.733  1.00 18.45 ? 64  LEU A CA  1 
ATOM   476  C C   . LEU A 1 64  ? -17.224 1.702   -1.217  1.00 21.84 ? 64  LEU A C   1 
ATOM   477  O O   . LEU A 1 64  ? -16.689 1.423   -0.144  1.00 26.12 ? 64  LEU A O   1 
ATOM   478  C CB  . LEU A 1 64  ? -16.041 3.346   -2.694  1.00 23.95 ? 64  LEU A CB  1 
ATOM   479  C CG  . LEU A 1 64  ? -15.923 4.730   -3.350  1.00 26.99 ? 64  LEU A CG  1 
ATOM   480  C CD1 . LEU A 1 64  ? -14.790 4.731   -4.379  1.00 22.44 ? 64  LEU A CD1 1 
ATOM   481  C CD2 . LEU A 1 64  ? -17.237 5.142   -4.014  1.00 26.16 ? 64  LEU A CD2 1 
ATOM   482  N N   . ALA A 1 65  ? -17.844 0.795   -1.972  1.00 24.61 ? 65  ALA A N   1 
ATOM   483  C CA  . ALA A 1 65  ? -17.663 -0.628  -1.765  1.00 25.55 ? 65  ALA A CA  1 
ATOM   484  C C   . ALA A 1 65  ? -16.230 -0.997  -2.109  1.00 24.28 ? 65  ALA A C   1 
ATOM   485  O O   . ALA A 1 65  ? -15.596 -0.316  -2.905  1.00 24.41 ? 65  ALA A O   1 
ATOM   486  C CB  . ALA A 1 65  ? -18.629 -1.430  -2.656  1.00 29.04 ? 65  ALA A CB  1 
ATOM   487  N N   . PRO A 1 66  ? -15.727 -2.106  -1.535  1.00 22.16 ? 66  PRO A N   1 
ATOM   488  C CA  . PRO A 1 66  ? -14.339 -2.543  -1.743  1.00 21.73 ? 66  PRO A CA  1 
ATOM   489  C C   . PRO A 1 66  ? -13.992 -2.737  -3.208  1.00 21.16 ? 66  PRO A C   1 
ATOM   490  O O   . PRO A 1 66  ? -12.946 -2.306  -3.696  1.00 19.50 ? 66  PRO A O   1 
ATOM   491  C CB  . PRO A 1 66  ? -14.277 -3.887  -1.021  1.00 24.10 ? 66  PRO A CB  1 
ATOM   492  C CG  . PRO A 1 66  ? -15.457 -3.913  -0.093  1.00 30.68 ? 66  PRO A CG  1 
ATOM   493  C CD  . PRO A 1 66  ? -16.502 -3.063  -0.729  1.00 28.04 ? 66  PRO A CD  1 
ATOM   494  N N   . GLU A 1 67  ? -14.897 -3.349  -3.948  1.00 24.64 ? 67  GLU A N   1 
ATOM   495  C CA  . GLU A 1 67  ? -14.587 -3.637  -5.346  1.00 27.81 ? 67  GLU A CA  1 
ATOM   496  C C   . GLU A 1 67  ? -14.680 -2.367  -6.203  1.00 15.93 ? 67  GLU A C   1 
ATOM   497  O O   . GLU A 1 67  ? -13.992 -2.243  -7.259  1.00 23.03 ? 67  GLU A O   1 
ATOM   498  C CB  . GLU A 1 67  ? -15.435 -4.824  -5.846  1.00 32.40 ? 67  GLU A CB  1 
ATOM   499  C CG  . GLU A 1 67  ? -16.942 -4.587  -5.957  1.00 41.18 ? 67  GLU A CG  1 
ATOM   500  C CD  . GLU A 1 67  ? -17.740 -4.701  -4.638  1.00 51.49 ? 67  GLU A CD  1 
ATOM   501  O OE1 . GLU A 1 67  ? -17.169 -4.905  -3.524  1.00 30.25 ? 67  GLU A OE1 1 
ATOM   502  O OE2 . GLU A 1 67  ? -18.979 -4.567  -4.736  1.00 53.56 ? 67  GLU A OE2 1 
ATOM   503  N N   . GLU A 1 68  ? -15.483 -1.401  -5.735  1.00 24.08 ? 68  GLU A N   1 
ATOM   504  C CA  . GLU A 1 68  ? -15.543 -0.062  -6.335  1.00 20.24 ? 68  GLU A CA  1 
ATOM   505  C C   . GLU A 1 68  ? -14.241 0.715   -6.093  1.00 22.84 ? 68  GLU A C   1 
ATOM   506  O O   . GLU A 1 68  ? -13.730 1.368   -6.995  1.00 21.15 ? 68  GLU A O   1 
ATOM   507  C CB  . GLU A 1 68  ? -16.752 0.745   -5.825  1.00 25.54 ? 68  GLU A CB  1 
ATOM   508  C CG  . GLU A 1 68  ? -18.123 0.167   -6.229  1.00 31.83 ? 68  GLU A CG  1 
ATOM   509  C CD  . GLU A 1 68  ? -19.274 0.681   -5.357  1.00 48.12 ? 68  GLU A CD  1 
ATOM   510  O OE1 . GLU A 1 68  ? -19.051 1.601   -4.537  1.00 25.81 ? 68  GLU A OE1 1 
ATOM   511  O OE2 . GLU A 1 68  ? -20.403 0.150   -5.484  1.00 58.95 ? 68  GLU A OE2 1 
ATOM   512  N N   . LEU A 1 69  ? -13.682 0.642   -4.887  1.00 21.83 ? 69  LEU A N   1 
ATOM   513  C CA  . LEU A 1 69  ? -12.343 1.212   -4.669  1.00 18.84 ? 69  LEU A CA  1 
ATOM   514  C C   . LEU A 1 69  ? -11.294 0.540   -5.562  1.00 14.16 ? 69  LEU A C   1 
ATOM   515  O O   . LEU A 1 69  ? -10.434 1.220   -6.104  1.00 19.79 ? 69  LEU A O   1 
ATOM   516  C CB  . LEU A 1 69  ? -11.913 1.064   -3.206  1.00 17.66 ? 69  LEU A CB  1 
ATOM   517  C CG  . LEU A 1 69  ? -10.559 1.662   -2.871  1.00 14.61 ? 69  LEU A CG  1 
ATOM   518  C CD1 . LEU A 1 69  ? -10.531 3.118   -3.193  1.00 18.58 ? 69  LEU A CD1 1 
ATOM   519  C CD2 . LEU A 1 69  ? -10.148 1.411   -1.382  1.00 16.24 ? 69  LEU A CD2 1 
ATOM   520  N N   . LEU A 1 70  ? -11.330 -0.790  -5.676  1.00 19.62 ? 70  LEU A N   1 
ATOM   521  C CA  . LEU A 1 70  ? -10.367 -1.486  -6.512  1.00 18.86 ? 70  LEU A CA  1 
ATOM   522  C C   . LEU A 1 70  ? -10.500 -1.007  -7.953  1.00 20.94 ? 70  LEU A C   1 
ATOM   523  O O   . LEU A 1 70  ? -9.504  -0.897  -8.637  1.00 17.57 ? 70  LEU A O   1 
ATOM   524  C CB  . LEU A 1 70  ? -10.534 -2.994  -6.461  1.00 20.17 ? 70  LEU A CB  1 
ATOM   525  C CG  . LEU A 1 70  ? -9.577  -3.839  -7.306  1.00 18.25 ? 70  LEU A CG  1 
ATOM   526  C CD1 . LEU A 1 70  ? -8.115  -3.805  -6.822  1.00 24.21 ? 70  LEU A CD1 1 
ATOM   527  C CD2 . LEU A 1 70  ? -10.073 -5.289  -7.338  1.00 28.06 ? 70  LEU A CD2 1 
ATOM   528  N N   . ASN A 1 71  ? -11.727 -0.780  -8.414  1.00 21.06 ? 71  ASN A N   1 
ATOM   529  C CA  . ASN A 1 71  ? -11.942 -0.257  -9.754  1.00 21.02 ? 71  ASN A CA  1 
ATOM   530  C C   . ASN A 1 71  ? -11.227 1.079   -9.913  1.00 25.49 ? 71  ASN A C   1 
ATOM   531  O O   . ASN A 1 71  ? -10.569 1.297   -10.937 1.00 20.72 ? 71  ASN A O   1 
ATOM   532  C CB  . ASN A 1 71  ? -13.429 -0.113  -10.067 1.00 20.19 ? 71  ASN A CB  1 
ATOM   533  C CG  . ASN A 1 71  ? -14.114 -1.452  -10.309 1.00 18.98 ? 71  ASN A CG  1 
ATOM   534  O OD1 . ASN A 1 71  ? -13.462 -2.486  -10.488 1.00 27.37 ? 71  ASN A OD1 1 
ATOM   535  N ND2 . ASN A 1 71  ? -15.438 -1.431  -10.329 1.00 26.46 ? 71  ASN A ND2 1 
ATOM   536  N N   . HIS A 1 72  ? -11.305 1.957   -8.903  1.00 23.13 ? 72  HIS A N   1 
ATOM   537  C CA  . HIS A 1 72  ? -10.583 3.226   -8.984  1.00 18.94 ? 72  HIS A CA  1 
ATOM   538  C C   . HIS A 1 72  ? -9.067  3.060   -8.904  1.00 17.35 ? 72  HIS A C   1 
ATOM   539  O O   . HIS A 1 72  ? -8.355  3.716   -9.606  1.00 16.56 ? 72  HIS A O   1 
ATOM   540  C CB  . HIS A 1 72  ? -11.061 4.232   -7.945  1.00 23.92 ? 72  HIS A CB  1 
ATOM   541  C CG  . HIS A 1 72  ? -12.404 4.807   -8.267  1.00 32.44 ? 72  HIS A CG  1 
ATOM   542  N ND1 . HIS A 1 72  ? -12.582 5.785   -9.221  1.00 36.94 ? 72  HIS A ND1 1 
ATOM   543  C CD2 . HIS A 1 72  ? -13.638 4.511   -7.797  1.00 23.44 ? 72  HIS A CD2 1 
ATOM   544  C CE1 . HIS A 1 72  ? -13.867 6.083   -9.305  1.00 32.59 ? 72  HIS A CE1 1 
ATOM   545  N NE2 . HIS A 1 72  ? -14.529 5.320   -8.453  1.00 29.35 ? 72  HIS A NE2 1 
ATOM   546  N N   . THR A 1 73  ? -8.564  2.174   -8.068  1.00 18.38 ? 73  THR A N   1 
ATOM   547  C CA  . THR A 1 73  ? -7.117  2.057   -7.962  1.00 11.85 ? 73  THR A CA  1 
ATOM   548  C C   . THR A 1 73  ? -6.552  1.459   -9.242  1.00 18.33 ? 73  THR A C   1 
ATOM   549  O O   . THR A 1 73  ? -5.487  1.858   -9.686  1.00 15.63 ? 73  THR A O   1 
ATOM   550  C CB  . THR A 1 73  ? -6.670  1.271   -6.726  1.00 13.09 ? 73  THR A CB  1 
ATOM   551  O OG1 . THR A 1 73  ? -7.174  -0.077  -6.801  1.00 18.92 ? 73  THR A OG1 1 
ATOM   552  C CG2 . THR A 1 73  ? -7.186  1.976   -5.482  1.00 16.99 ? 73  THR A CG2 1 
ATOM   553  N N   . GLN A 1 74  ? -7.294  0.539   -9.860  1.00 19.27 ? 74  GLN A N   1 
ATOM   554  C CA  . GLN A 1 74  ? -6.874  -0.031  -11.132 1.00 18.53 ? 74  GLN A CA  1 
ATOM   555  C C   . GLN A 1 74  ? -6.899  1.017   -12.245 1.00 19.57 ? 74  GLN A C   1 
ATOM   556  O O   . GLN A 1 74  ? -6.001  1.067   -13.089 1.00 20.62 ? 74  GLN A O   1 
ATOM   557  C CB  . GLN A 1 74  ? -7.751  -1.204  -11.480 1.00 17.97 ? 74  GLN A CB  1 
ATOM   558  C CG  . GLN A 1 74  ? -7.412  -2.417  -10.698 1.00 25.47 ? 74  GLN A CG  1 
ATOM   559  C CD  . GLN A 1 74  ? -8.160  -3.641  -11.128 1.00 32.16 ? 74  GLN A CD  1 
ATOM   560  O OE1 . GLN A 1 74  ? -9.176  -3.582  -11.823 1.00 29.94 ? 74  GLN A OE1 1 
ATOM   561  N NE2 . GLN A 1 74  ? -7.659  -4.769  -10.706 1.00 26.36 ? 74  GLN A NE2 1 
ATOM   562  N N   . ARG A 1 75  ? -7.928  1.855   -12.231 1.00 19.48 ? 75  ARG A N   1 
ATOM   563  C CA  . ARG A 1 75  ? -8.031  2.923   -13.190 1.00 18.44 ? 75  ARG A CA  1 
ATOM   564  C C   . ARG A 1 75  ? -6.795  3.825   -13.103 1.00 28.61 ? 75  ARG A C   1 
ATOM   565  O O   . ARG A 1 75  ? -6.169  4.147   -14.115 1.00 21.00 ? 75  ARG A O   1 
ATOM   566  C CB  . ARG A 1 75  ? -9.287  3.741   -12.943 1.00 23.61 ? 75  ARG A CB  1 
ATOM   567  C CG  . ARG A 1 75  ? -9.309  4.981   -13.799 1.00 23.27 ? 75  ARG A CG  1 
ATOM   568  C CD  . ARG A 1 75  ? -10.503 5.834   -13.587 1.00 20.95 ? 75  ARG A CD  1 
ATOM   569  N NE  . ARG A 1 75  ? -10.691 6.196   -12.193 1.00 26.63 ? 75  ARG A NE  1 
ATOM   570  C CZ  . ARG A 1 75  ? -9.996  7.141   -11.561 1.00 24.48 ? 75  ARG A CZ  1 
ATOM   571  N NH1 . ARG A 1 75  ? -9.038  7.829   -12.188 1.00 25.05 ? 75  ARG A NH1 1 
ATOM   572  N NH2 . ARG A 1 75  ? -10.258 7.399   -10.298 1.00 25.80 ? 75  ARG A NH2 1 
ATOM   573  N N   . ILE A 1 76  ? -6.424  4.189   -11.880 1.00 22.45 ? 76  ILE A N   1 
ATOM   574  C CA  . ILE A 1 76  ? -5.317  5.119   -11.639 1.00 14.16 ? 76  ILE A CA  1 
ATOM   575  C C   . ILE A 1 76  ? -4.002  4.498   -12.103 1.00 22.89 ? 76  ILE A C   1 
ATOM   576  O O   . ILE A 1 76  ? -3.180  5.171   -12.710 1.00 21.77 ? 76  ILE A O   1 
ATOM   577  C CB  . ILE A 1 76  ? -5.244  5.536   -10.133 1.00 13.85 ? 76  ILE A CB  1 
ATOM   578  C CG1 . ILE A 1 76  ? -6.454  6.363   -9.742  1.00 23.31 ? 76  ILE A CG1 1 
ATOM   579  C CG2 . ILE A 1 76  ? -3.938  6.365   -9.878  1.00 20.33 ? 76  ILE A CG2 1 
ATOM   580  C CD1 . ILE A 1 76  ? -6.546  6.684   -8.245  1.00 20.87 ? 76  ILE A CD1 1 
ATOM   581  N N   . GLU A 1 77  ? -3.806  3.212   -11.832 1.00 16.17 ? 77  GLU A N   1 
ATOM   582  C CA  . GLU A 1 77  ? -2.627  2.489   -12.300 1.00 19.66 ? 77  GLU A CA  1 
ATOM   583  C C   . GLU A 1 77  ? -2.524  2.538   -13.831 1.00 33.27 ? 77  GLU A C   1 
ATOM   584  O O   . GLU A 1 77  ? -1.426  2.692   -14.379 1.00 22.47 ? 77  GLU A O   1 
ATOM   585  C CB  . GLU A 1 77  ? -2.671  1.022   -11.867 1.00 20.07 ? 77  GLU A CB  1 
ATOM   586  C CG  . GLU A 1 77  ? -2.450  0.788   -10.374 1.00 21.10 ? 77  GLU A CG  1 
ATOM   587  C CD  . GLU A 1 77  ? -2.470  -0.668  -10.019 1.00 23.58 ? 77  GLU A CD  1 
ATOM   588  O OE1 . GLU A 1 77  ? -3.222  -1.416  -10.673 1.00 25.34 ? 77  GLU A OE1 1 
ATOM   589  O OE2 . GLU A 1 77  ? -1.710  -1.072  -9.121  1.00 21.61 ? 77  GLU A OE2 1 
ATOM   590  N N   . LEU A 1 78  ? -3.660  2.370   -14.513 1.00 23.91 ? 78  LEU A N   1 
ATOM   591  C CA  . LEU A 1 78  ? -3.659  2.356   -15.972 1.00 23.72 ? 78  LEU A CA  1 
ATOM   592  C C   . LEU A 1 78  ? -3.331  3.744   -16.495 1.00 29.35 ? 78  LEU A C   1 
ATOM   593  O O   . LEU A 1 78  ? -2.540  3.898   -17.423 1.00 36.50 ? 78  LEU A O   1 
ATOM   594  C CB  . LEU A 1 78  ? -5.035  1.957   -16.529 1.00 25.17 ? 78  LEU A CB  1 
ATOM   595  C CG  . LEU A 1 78  ? -5.352  0.480   -16.573 1.00 31.04 ? 78  LEU A CG  1 
ATOM   596  C CD1 . LEU A 1 78  ? -6.839  0.260   -16.875 1.00 28.74 ? 78  LEU A CD1 1 
ATOM   597  C CD2 . LEU A 1 78  ? -4.469  -0.207  -17.599 1.00 27.24 ? 78  LEU A CD2 1 
ATOM   598  N N   . GLN A 1 79  ? -3.970  4.751   -15.917 1.00 25.25 ? 79  GLN A N   1 
ATOM   599  C CA  . GLN A 1 79  ? -3.762  6.133   -16.322 1.00 26.41 ? 79  GLN A CA  1 
ATOM   600  C C   . GLN A 1 79  ? -2.344  6.702   -16.085 1.00 43.33 ? 79  GLN A C   1 
ATOM   601  O O   . GLN A 1 79  ? -1.890  7.576   -16.831 1.00 33.47 ? 79  GLN A O   1 
ATOM   602  C CB  . GLN A 1 79  ? -4.835  7.024   -15.666 1.00 22.83 ? 79  GLN A CB  1 
ATOM   603  C CG  . GLN A 1 79  ? -6.225  6.716   -16.226 1.00 29.10 ? 79  GLN A CG  1 
ATOM   604  C CD  . GLN A 1 79  ? -7.360  7.448   -15.555 1.00 25.27 ? 79  GLN A CD  1 
ATOM   605  O OE1 . GLN A 1 79  ? -7.278  7.825   -14.373 1.00 28.75 ? 79  GLN A OE1 1 
ATOM   606  N NE2 . GLN A 1 79  ? -8.456  7.630   -16.291 1.00 29.67 ? 79  GLN A NE2 1 
ATOM   607  N N   . GLN A 1 80  ? -1.635  6.210   -15.069 1.00 40.66 ? 80  GLN A N   1 
ATOM   608  C CA  . GLN A 1 80  ? -0.279  6.714   -14.786 1.00 37.12 ? 80  GLN A CA  1 
ATOM   609  C C   . GLN A 1 80  ? 0.804   5.644   -14.998 1.00 49.28 ? 80  GLN A C   1 
ATOM   610  O O   . GLN A 1 80  ? 1.991   5.929   -14.861 1.00 51.21 ? 80  GLN A O   1 
ATOM   611  C CB  . GLN A 1 80  ? -0.184  7.275   -13.355 1.00 34.04 ? 80  GLN A CB  1 
ATOM   612  C CG  . GLN A 1 80  ? -1.507  7.715   -12.725 1.00 42.64 ? 80  GLN A CG  1 
ATOM   613  C CD  . GLN A 1 80  ? -1.724  9.213   -12.731 1.00 59.52 ? 80  GLN A CD  1 
ATOM   614  O OE1 . GLN A 1 80  ? -0.924  9.964   -13.299 1.00 63.01 ? 80  GLN A OE1 1 
ATOM   615  N NE2 . GLN A 1 80  ? -2.819  9.666   -12.084 1.00 34.48 ? 80  GLN A NE2 1 
ATOM   616  N N   . GLY A 1 81  ? 0.403   4.423   -15.355 1.00 53.34 ? 81  GLY A N   1 
ATOM   617  C CA  . GLY A 1 81  ? 1.336   3.306   -15.423 1.00 48.69 ? 81  GLY A CA  1 
ATOM   618  C C   . GLY A 1 81  ? 1.820   2.898   -16.812 1.00 61.75 ? 81  GLY A C   1 
ATOM   619  O O   . GLY A 1 81  ? 1.627   3.611   -17.810 1.00 57.52 ? 81  GLY A O   1 
ATOM   620  N N   . ARG A 1 82  ? 2.482   1.739   -16.857 1.00 64.97 ? 82  ARG A N   1 
ATOM   621  C CA  . ARG A 1 82  ? 2.877   1.095   -18.107 1.00 62.28 ? 82  ARG A CA  1 
ATOM   622  C C   . ARG A 1 82  ? 3.567   -0.239  -17.824 1.00 59.58 ? 82  ARG A C   1 
ATOM   623  O O   . ARG A 1 82  ? 4.357   -0.354  -16.886 1.00 64.31 ? 82  ARG A O   1 
ATOM   624  C CB  . ARG A 1 82  ? 3.786   2.000   -18.947 1.00 59.60 ? 82  ARG A CB  1 
ATOM   625  C CG  . ARG A 1 82  ? 4.988   2.558   -18.199 1.00 61.13 ? 82  ARG A CG  1 
ATOM   626  C CD  . ARG A 1 82  ? 6.154   2.914   -19.132 1.00 57.36 ? 82  ARG A CD  1 
ATOM   627  N NE  . ARG A 1 82  ? 7.368   2.197   -18.738 1.00 72.14 ? 82  ARG A NE  1 
ATOM   628  C CZ  . ARG A 1 82  ? 7.648   0.939   -19.077 1.00 74.83 ? 82  ARG A CZ  1 
ATOM   629  N NH1 . ARG A 1 82  ? 6.807   0.248   -19.841 1.00 69.90 ? 82  ARG A NH1 1 
ATOM   630  N NH2 . ARG A 1 82  ? 8.772   0.363   -18.651 1.00 58.43 ? 82  ARG A NH2 1 
ATOM   631  N N   . GLU A 1 87  ? 8.125   -6.877  -15.972 1.00 52.41 ? 87  GLU A N   1 
ATOM   632  C CA  . GLU A 1 87  ? 7.034   -6.463  -15.092 1.00 61.94 ? 87  GLU A CA  1 
ATOM   633  C C   . GLU A 1 87  ? 6.942   -7.321  -13.827 1.00 63.67 ? 87  GLU A C   1 
ATOM   634  O O   . GLU A 1 87  ? 6.981   -6.796  -12.715 1.00 67.66 ? 87  GLU A O   1 
ATOM   635  C CB  . GLU A 1 87  ? 5.702   -6.514  -15.843 1.00 65.95 ? 87  GLU A CB  1 
ATOM   636  C CG  . GLU A 1 87  ? 4.532   -5.899  -15.086 1.00 77.75 ? 87  GLU A CG  1 
ATOM   637  C CD  . GLU A 1 87  ? 4.647   -4.383  -14.942 1.00 83.05 ? 87  GLU A CD  1 
ATOM   638  O OE1 . GLU A 1 87  ? 5.756   -3.836  -15.145 1.00 74.07 ? 87  GLU A OE1 1 
ATOM   639  O OE2 . GLU A 1 87  ? 3.617   -3.742  -14.637 1.00 71.00 ? 87  GLU A OE2 1 
ATOM   640  N N   . ARG A 1 88  ? 6.841   -8.637  -14.002 1.00 51.09 ? 88  ARG A N   1 
ATOM   641  C CA  . ARG A 1 88  ? 6.575   -9.563  -12.890 1.00 70.51 ? 88  ARG A CA  1 
ATOM   642  C C   . ARG A 1 88  ? 7.396   -9.304  -11.617 1.00 48.14 ? 88  ARG A C   1 
ATOM   643  O O   . ARG A 1 88  ? 6.837   -9.216  -10.520 1.00 60.99 ? 88  ARG A O   1 
ATOM   644  C CB  . ARG A 1 88  ? 6.767   -11.014 -13.344 1.00 76.94 ? 88  ARG A CB  1 
ATOM   645  C CG  . ARG A 1 88  ? 6.044   -12.034 -12.470 1.00 74.36 ? 88  ARG A CG  1 
ATOM   646  C CD  . ARG A 1 88  ? 5.781   -13.317 -13.244 1.00 75.42 ? 88  ARG A CD  1 
ATOM   647  N NE  . ARG A 1 88  ? 7.022   -13.994 -13.621 1.00 76.93 ? 88  ARG A NE  1 
ATOM   648  C CZ  . ARG A 1 88  ? 7.551   -15.034 -12.978 1.00 73.45 ? 88  ARG A CZ  1 
ATOM   649  N NH1 . ARG A 1 88  ? 6.949   -15.562 -11.913 1.00 84.20 ? 88  ARG A NH1 1 
ATOM   650  N NH2 . ARG A 1 88  ? 8.688   -15.564 -13.413 1.00 70.78 ? 88  ARG A NH2 1 
ATOM   651  N N   . TRP A 1 89  ? 8.712   -9.209  -11.750 1.00 56.85 ? 89  TRP A N   1 
ATOM   652  C CA  . TRP A 1 89  ? 9.536   -8.828  -10.607 1.00 50.23 ? 89  TRP A CA  1 
ATOM   653  C C   . TRP A 1 89  ? 10.086  -7.417  -10.812 1.00 46.91 ? 89  TRP A C   1 
ATOM   654  O O   . TRP A 1 89  ? 11.189  -7.094  -10.381 1.00 43.23 ? 89  TRP A O   1 
ATOM   655  C CB  . TRP A 1 89  ? 10.652  -9.850  -10.360 1.00 41.41 ? 89  TRP A CB  1 
ATOM   656  C CG  . TRP A 1 89  ? 10.117  -11.223 -9.946  1.00 72.19 ? 89  TRP A CG  1 
ATOM   657  C CD1 . TRP A 1 89  ? 9.995   -12.333 -10.741 1.00 60.03 ? 89  TRP A CD1 1 
ATOM   658  C CD2 . TRP A 1 89  ? 9.635   -11.612 -8.646  1.00 59.78 ? 89  TRP A CD2 1 
ATOM   659  N NE1 . TRP A 1 89  ? 9.469   -13.377 -10.018 1.00 64.53 ? 89  TRP A NE1 1 
ATOM   660  C CE2 . TRP A 1 89  ? 9.242   -12.964 -8.732  1.00 60.54 ? 89  TRP A CE2 1 
ATOM   661  C CE3 . TRP A 1 89  ? 9.505   -10.951 -7.417  1.00 48.10 ? 89  TRP A CE3 1 
ATOM   662  C CZ2 . TRP A 1 89  ? 8.729   -13.666 -7.638  1.00 65.22 ? 89  TRP A CZ2 1 
ATOM   663  C CZ3 . TRP A 1 89  ? 8.995   -11.653 -6.329  1.00 58.37 ? 89  TRP A CZ3 1 
ATOM   664  C CH2 . TRP A 1 89  ? 8.613   -12.993 -6.450  1.00 60.24 ? 89  TRP A CH2 1 
ATOM   665  N N   . GLY A 1 90  ? 9.275   -6.576  -11.448 1.00 55.26 ? 90  GLY A N   1 
ATOM   666  C CA  . GLY A 1 90  ? 9.615   -5.182  -11.681 1.00 47.98 ? 90  GLY A CA  1 
ATOM   667  C C   . GLY A 1 90  ? 10.345  -5.044  -12.995 1.00 51.17 ? 90  GLY A C   1 
ATOM   668  O O   . GLY A 1 90  ? 10.670  -6.057  -13.616 1.00 52.03 ? 90  GLY A O   1 
ATOM   669  N N   . PRO A 1 91  ? 10.599  -3.799  -13.429 1.00 50.22 ? 91  PRO A N   1 
ATOM   670  C CA  . PRO A 1 91  ? 10.237  -2.565  -12.723 1.00 49.10 ? 91  PRO A CA  1 
ATOM   671  C C   . PRO A 1 91  ? 8.739   -2.306  -12.755 1.00 55.00 ? 91  PRO A C   1 
ATOM   672  O O   . PRO A 1 91  ? 8.040   -2.893  -13.595 1.00 46.68 ? 91  PRO A O   1 
ATOM   673  C CB  . PRO A 1 91  ? 10.956  -1.461  -13.518 1.00 38.65 ? 91  PRO A CB  1 
ATOM   674  C CG  . PRO A 1 91  ? 11.766  -2.146  -14.563 1.00 46.47 ? 91  PRO A CG  1 
ATOM   675  C CD  . PRO A 1 91  ? 11.203  -3.515  -14.738 1.00 54.28 ? 91  PRO A CD  1 
ATOM   676  N N   . ARG A 1 92  ? 8.273   -1.424  -11.866 1.00 39.91 ? 92  ARG A N   1 
ATOM   677  C CA  . ARG A 1 92  ? 6.850   -1.111  -11.717 1.00 36.84 ? 92  ARG A CA  1 
ATOM   678  C C   . ARG A 1 92  ? 6.658   0.408   -11.760 1.00 39.43 ? 92  ARG A C   1 
ATOM   679  O O   . ARG A 1 92  ? 7.223   1.167   -10.964 1.00 30.85 ? 92  ARG A O   1 
ATOM   680  C CB  . ARG A 1 92  ? 6.312   -1.646  -10.385 1.00 32.08 ? 92  ARG A CB  1 
ATOM   681  C CG  . ARG A 1 92  ? 6.836   -3.009  -9.973  1.00 36.15 ? 92  ARG A CG  1 
ATOM   682  C CD  . ARG A 1 92  ? 6.220   -4.155  -10.748 1.00 39.96 ? 92  ARG A CD  1 
ATOM   683  N NE  . ARG A 1 92  ? 4.765   -4.164  -10.651 1.00 43.56 ? 92  ARG A NE  1 
ATOM   684  C CZ  . ARG A 1 92  ? 3.972   -5.118  -11.148 1.00 70.38 ? 92  ARG A CZ  1 
ATOM   685  N NH1 . ARG A 1 92  ? 4.491   -6.173  -11.762 1.00 65.33 ? 92  ARG A NH1 1 
ATOM   686  N NH2 . ARG A 1 92  ? 2.648   -5.027  -11.021 1.00 60.14 ? 92  ARG A NH2 1 
ATOM   687  N N   . THR A 1 93  ? 5.857   0.863   -12.695 1.00 29.07 ? 93  THR A N   1 
ATOM   688  C CA  . THR A 1 93  ? 5.621   2.285   -12.821 1.00 35.18 ? 93  THR A CA  1 
ATOM   689  C C   . THR A 1 93  ? 4.841   2.805   -11.610 1.00 31.29 ? 93  THR A C   1 
ATOM   690  O O   . THR A 1 93  ? 5.187   3.853   -11.007 1.00 34.27 ? 93  THR A O   1 
ATOM   691  C CB  . THR A 1 93  ? 4.844   2.565   -14.113 1.00 35.02 ? 93  THR A CB  1 
ATOM   692  O OG1 . THR A 1 93  ? 5.630   2.114   -15.221 1.00 46.76 ? 93  THR A OG1 1 
ATOM   693  C CG2 . THR A 1 93  ? 4.564   4.049   -14.265 1.00 38.95 ? 93  THR A CG2 1 
ATOM   694  N N   . LEU A 1 94  ? 3.776   2.081   -11.288 1.00 22.59 ? 94  LEU A N   1 
ATOM   695  C CA  . LEU A 1 94  ? 2.893   2.424   -10.176 1.00 18.10 ? 94  LEU A CA  1 
ATOM   696  C C   . LEU A 1 94  ? 2.040   1.258   -9.777  1.00 22.51 ? 94  LEU A C   1 
ATOM   697  O O   . LEU A 1 94  ? 1.199   0.819   -10.560 1.00 22.74 ? 94  LEU A O   1 
ATOM   698  C CB  . LEU A 1 94  ? 1.974   3.558   -10.521 1.00 17.59 ? 94  LEU A CB  1 
ATOM   699  C CG  . LEU A 1 94  ? 1.039   4.069   -9.429  1.00 22.16 ? 94  LEU A CG  1 
ATOM   700  C CD1 . LEU A 1 94  ? 1.877   4.769   -8.302  1.00 20.53 ? 94  LEU A CD1 1 
ATOM   701  C CD2 . LEU A 1 94  ? -0.057  4.983   -10.001 1.00 27.52 ? 94  LEU A CD2 1 
ATOM   702  N N   . ASP A 1 95  ? 2.216   0.810   -8.533  1.00 18.45 ? 95  ASP A N   1 
ATOM   703  C CA  . ASP A 1 95  ? 1.337   -0.198  -7.944  1.00 21.04 ? 95  ASP A CA  1 
ATOM   704  C C   . ASP A 1 95  ? 0.499   0.375   -6.803  1.00 17.76 ? 95  ASP A C   1 
ATOM   705  O O   . ASP A 1 95  ? 1.021   1.115   -5.969  1.00 17.18 ? 95  ASP A O   1 
ATOM   706  C CB  . ASP A 1 95  ? 2.179   -1.338  -7.425  1.00 21.86 ? 95  ASP A CB  1 
ATOM   707  C CG  . ASP A 1 95  ? 2.867   -2.086  -8.533  1.00 31.99 ? 95  ASP A CG  1 
ATOM   708  O OD1 . ASP A 1 95  ? 2.285   -2.228  -9.635  1.00 31.71 ? 95  ASP A OD1 1 
ATOM   709  O OD2 . ASP A 1 95  ? 4.001   -2.516  -8.300  1.00 37.74 ? 95  ASP A OD2 1 
ATOM   710  N N   . LEU A 1 96  ? -0.801  0.054   -6.786  1.00 15.95 ? 96  LEU A N   1 
ATOM   711  C CA  . LEU A 1 96  ? -1.663  0.433   -5.665  1.00 20.84 ? 96  LEU A CA  1 
ATOM   712  C C   . LEU A 1 96  ? -2.315  -0.814  -5.112  1.00 24.89 ? 96  LEU A C   1 
ATOM   713  O O   . LEU A 1 96  ? -3.090  -1.481  -5.805  1.00 22.92 ? 96  LEU A O   1 
ATOM   714  C CB  . LEU A 1 96  ? -2.750  1.398   -6.101  1.00 16.34 ? 96  LEU A CB  1 
ATOM   715  C CG  . LEU A 1 96  ? -2.213  2.705   -6.661  1.00 16.53 ? 96  LEU A CG  1 
ATOM   716  C CD1 . LEU A 1 96  ? -3.343  3.449   -7.256  1.00 17.52 ? 96  LEU A CD1 1 
ATOM   717  C CD2 . LEU A 1 96  ? -1.544  3.514   -5.531  1.00 20.77 ? 96  LEU A CD2 1 
ATOM   718  N N   . ASP A 1 97  ? -1.995  -1.130  -3.864  1.00 16.63 ? 97  ASP A N   1 
ATOM   719  C CA  . ASP A 1 97  ? -2.411  -2.368  -3.276  1.00 13.13 ? 97  ASP A CA  1 
ATOM   720  C C   . ASP A 1 97  ? -3.289  -2.066  -2.083  1.00 19.43 ? 97  ASP A C   1 
ATOM   721  O O   . ASP A 1 97  ? -2.859  -1.353  -1.211  1.00 22.73 ? 97  ASP A O   1 
ATOM   722  C CB  . ASP A 1 97  ? -1.195  -3.212  -2.857  1.00 16.72 ? 97  ASP A CB  1 
ATOM   723  C CG  . ASP A 1 97  ? -0.477  -3.848  -4.040  1.00 27.24 ? 97  ASP A CG  1 
ATOM   724  O OD1 . ASP A 1 97  ? 0.340   -3.171  -4.697  1.00 30.73 ? 97  ASP A OD1 1 
ATOM   725  O OD2 . ASP A 1 97  ? -0.713  -5.028  -4.322  1.00 33.74 ? 97  ASP A OD2 1 
ATOM   726  N N   . ILE A 1 98  ? -4.506  -2.618  -2.050  1.00 18.12 ? 98  ILE A N   1 
ATOM   727  C CA  . ILE A 1 98  ? -5.402  -2.485  -0.896  1.00 16.00 ? 98  ILE A CA  1 
ATOM   728  C C   . ILE A 1 98  ? -4.976  -3.455  0.186   1.00 15.02 ? 98  ILE A C   1 
ATOM   729  O O   . ILE A 1 98  ? -5.054  -4.689  0.028   1.00 18.95 ? 98  ILE A O   1 
ATOM   730  C CB  . ILE A 1 98  ? -6.877  -2.712  -1.292  1.00 15.25 ? 98  ILE A CB  1 
ATOM   731  C CG1 . ILE A 1 98  ? -7.267  -1.783  -2.431  1.00 15.67 ? 98  ILE A CG1 1 
ATOM   732  C CG2 . ILE A 1 98  ? -7.794  -2.465  -0.115  1.00 14.82 ? 98  ILE A CG2 1 
ATOM   733  C CD1 . ILE A 1 98  ? -8.563  -2.093  -3.078  1.00 17.21 ? 98  ILE A CD1 1 
ATOM   734  N N   . MET A 1 99  ? -4.478  -2.898  1.284   1.00 14.13 ? 99  MET A N   1 
ATOM   735  C CA  . MET A 1 99  ? -3.976  -3.694  2.368   1.00 9.54  ? 99  MET A CA  1 
ATOM   736  C C   . MET A 1 99  ? -5.083  -4.106  3.269   1.00 15.59 ? 99  MET A C   1 
ATOM   737  O O   . MET A 1 99  ? -5.187  -5.291  3.606   1.00 14.53 ? 99  MET A O   1 
ATOM   738  C CB  . MET A 1 99  ? -2.886  -2.934  3.162   1.00 10.82 ? 99  MET A CB  1 
ATOM   739  C CG  . MET A 1 99  ? -1.568  -2.817  2.374   1.00 16.97 ? 99  MET A CG  1 
ATOM   740  S SD  . MET A 1 99  ? -0.179  -2.165  3.334   1.00 17.53 ? 99  MET A SD  1 
ATOM   741  C CE  . MET A 1 99  ? -0.573  -0.426  3.408   1.00 16.23 ? 99  MET A CE  1 
ATOM   742  N N   . LEU A 1 100 ? -5.907  -3.134  3.656   1.00 15.56 ? 100 LEU A N   1 
ATOM   743  C CA  . LEU A 1 100 ? -7.019  -3.345  4.545   1.00 17.20 ? 100 LEU A CA  1 
ATOM   744  C C   . LEU A 1 100 ? -8.181  -2.525  4.072   1.00 14.95 ? 100 LEU A C   1 
ATOM   745  O O   . LEU A 1 100 ? -7.999  -1.411  3.539   1.00 15.64 ? 100 LEU A O   1 
ATOM   746  C CB  . LEU A 1 100 ? -6.670  -2.901  5.975   1.00 19.49 ? 100 LEU A CB  1 
ATOM   747  C CG  . LEU A 1 100 ? -5.829  -3.700  6.980   1.00 21.38 ? 100 LEU A CG  1 
ATOM   748  C CD1 . LEU A 1 100 ? -6.250  -5.132  7.004   1.00 32.14 ? 100 LEU A CD1 1 
ATOM   749  C CD2 . LEU A 1 100 ? -4.375  -3.577  6.733   1.00 21.70 ? 100 LEU A CD2 1 
ATOM   750  N N   . PHE A 1 101 ? -9.382  -3.070  4.251   1.00 15.60 ? 101 PHE A N   1 
ATOM   751  C CA  . PHE A 1 101 ? -10.577 -2.321  3.962   1.00 16.64 ? 101 PHE A CA  1 
ATOM   752  C C   . PHE A 1 101 ? -11.464 -2.366  5.203   1.00 13.16 ? 101 PHE A C   1 
ATOM   753  O O   . PHE A 1 101 ? -12.210 -3.324  5.428   1.00 19.30 ? 101 PHE A O   1 
ATOM   754  C CB  . PHE A 1 101 ? -11.299 -2.856  2.721   1.00 18.70 ? 101 PHE A CB  1 
ATOM   755  C CG  . PHE A 1 101 ? -12.354 -1.920  2.214   1.00 21.79 ? 101 PHE A CG  1 
ATOM   756  C CD1 . PHE A 1 101 ? -13.642 -1.976  2.716   1.00 26.49 ? 101 PHE A CD1 1 
ATOM   757  C CD2 . PHE A 1 101 ? -12.035 -0.930  1.268   1.00 19.64 ? 101 PHE A CD2 1 
ATOM   758  C CE1 . PHE A 1 101 ? -14.621 -1.084  2.270   1.00 26.41 ? 101 PHE A CE1 1 
ATOM   759  C CE2 . PHE A 1 101 ? -13.001 -0.051  0.803   1.00 18.55 ? 101 PHE A CE2 1 
ATOM   760  C CZ  . PHE A 1 101 ? -14.302 -0.134  1.312   1.00 25.21 ? 101 PHE A CZ  1 
ATOM   761  N N   . GLY A 1 102 ? -11.361 -1.324  6.023   1.00 20.20 ? 102 GLY A N   1 
ATOM   762  C CA  . GLY A 1 102 ? -11.948 -1.356  7.344   1.00 22.63 ? 102 GLY A CA  1 
ATOM   763  C C   . GLY A 1 102 ? -11.577 -2.690  7.980   1.00 22.34 ? 102 GLY A C   1 
ATOM   764  O O   . GLY A 1 102 ? -10.433 -3.146  7.877   1.00 19.43 ? 102 GLY A O   1 
ATOM   765  N N   A ASN A 1 103 ? -12.548 -3.331  8.633   0.51 19.65 ? 103 ASN A N   1 
ATOM   766  N N   B ASN A 1 103 ? -12.549 -3.326  8.607   0.49 19.67 ? 103 ASN A N   1 
ATOM   767  C CA  A ASN A 1 103 ? -12.335 -4.634  9.260   0.51 21.97 ? 103 ASN A CA  1 
ATOM   768  C CA  B ASN A 1 103 ? -12.314 -4.600  9.233   0.49 21.94 ? 103 ASN A CA  1 
ATOM   769  C C   A ASN A 1 103 ? -12.808 -5.788  8.384   0.51 27.81 ? 103 ASN A C   1 
ATOM   770  C C   B ASN A 1 103 ? -12.985 -5.714  8.432   0.49 27.66 ? 103 ASN A C   1 
ATOM   771  O O   A ASN A 1 103 ? -12.904 -6.929  8.841   0.51 22.79 ? 103 ASN A O   1 
ATOM   772  O O   B ASN A 1 103 ? -13.363 -6.751  8.970   0.49 24.31 ? 103 ASN A O   1 
ATOM   773  C CB  A ASN A 1 103 ? -13.063 -4.719  10.611  0.51 26.96 ? 103 ASN A CB  1 
ATOM   774  C CB  B ASN A 1 103 ? -12.780 -4.528  10.690  0.49 27.81 ? 103 ASN A CB  1 
ATOM   775  C CG  A ASN A 1 103 ? -12.484 -5.798  11.519  0.51 26.43 ? 103 ASN A CG  1 
ATOM   776  C CG  B ASN A 1 103 ? -12.115 -3.371  11.447  0.49 24.93 ? 103 ASN A CG  1 
ATOM   777  O OD1 A ASN A 1 103 ? -11.289 -5.787  11.813  0.51 26.65 ? 103 ASN A OD1 1 
ATOM   778  O OD1 B ASN A 1 103 ? -12.780 -2.474  11.965  0.49 34.51 ? 103 ASN A OD1 1 
ATOM   779  N ND2 A ASN A 1 103 ? -13.330 -6.728  11.973  0.51 31.66 ? 103 ASN A ND2 1 
ATOM   780  N ND2 B ASN A 1 103 ? -10.786 -3.379  11.475  0.49 30.01 ? 103 ASN A ND2 1 
ATOM   781  N N   . GLU A 1 104 ? -13.094 -5.494  7.123   1.00 24.87 ? 104 GLU A N   1 
ATOM   782  C CA  . GLU A 1 104 ? -13.630 -6.514  6.232   1.00 21.60 ? 104 GLU A CA  1 
ATOM   783  C C   . GLU A 1 104 ? -12.650 -7.603  5.840   1.00 22.20 ? 104 GLU A C   1 
ATOM   784  O O   . GLU A 1 104 ? -11.434 -7.390  5.699   1.00 22.13 ? 104 GLU A O   1 
ATOM   785  C CB  . GLU A 1 104 ? -14.193 -5.876  4.995   1.00 20.39 ? 104 GLU A CB  1 
ATOM   786  C CG  . GLU A 1 104 ? -15.418 -5.011  5.264   1.00 33.18 ? 104 GLU A CG  1 
ATOM   787  C CD  . GLU A 1 104 ? -16.354 -5.012  4.091   1.00 56.70 ? 104 GLU A CD  1 
ATOM   788  O OE1 . GLU A 1 104 ? -16.444 -6.062  3.395   1.00 48.90 ? 104 GLU A OE1 1 
ATOM   789  O OE2 . GLU A 1 104 ? -16.988 -3.956  3.861   1.00 68.43 ? 104 GLU A OE2 1 
ATOM   790  N N   . VAL A 1 105 ? -13.210 -8.790  5.642   1.00 23.16 ? 105 VAL A N   1 
ATOM   791  C CA  . VAL A 1 105 ? -12.467 -9.903  5.100   1.00 19.48 ? 105 VAL A CA  1 
ATOM   792  C C   . VAL A 1 105 ? -13.036 -10.236 3.704   1.00 20.72 ? 105 VAL A C   1 
ATOM   793  O O   . VAL A 1 105 ? -14.231 -10.459 3.546   1.00 22.65 ? 105 VAL A O   1 
ATOM   794  C CB  . VAL A 1 105 ? -12.566 -11.122 6.027   1.00 31.04 ? 105 VAL A CB  1 
ATOM   795  C CG1 . VAL A 1 105 ? -11.977 -12.367 5.357   1.00 28.78 ? 105 VAL A CG1 1 
ATOM   796  C CG2 . VAL A 1 105 ? -11.870 -10.820 7.360   1.00 25.62 ? 105 VAL A CG2 1 
ATOM   797  N N   . ILE A 1 106 ? -12.187 -10.221 2.687   1.00 22.64 ? 106 ILE A N   1 
ATOM   798  C CA  . ILE A 1 106 ? -12.653 -10.437 1.314   1.00 22.32 ? 106 ILE A CA  1 
ATOM   799  C C   . ILE A 1 106 ? -11.780 -11.476 0.644   1.00 26.41 ? 106 ILE A C   1 
ATOM   800  O O   . ILE A 1 106 ? -10.563 -11.384 0.652   1.00 18.86 ? 106 ILE A O   1 
ATOM   801  C CB  . ILE A 1 106 ? -12.642 -9.137  0.506   1.00 25.86 ? 106 ILE A CB  1 
ATOM   802  C CG1 . ILE A 1 106 ? -13.458 -8.067  1.218   1.00 26.95 ? 106 ILE A CG1 1 
ATOM   803  C CG2 . ILE A 1 106 ? -13.221 -9.351  -0.867  1.00 22.87 ? 106 ILE A CG2 1 
ATOM   804  C CD1 . ILE A 1 106 ? -13.249 -6.716  0.679   1.00 29.43 ? 106 ILE A CD1 1 
ATOM   805  N N   . ASN A 1 107 ? -12.403 -12.506 0.090   1.00 22.33 ? 107 ASN A N   1 
ATOM   806  C CA  . ASN A 1 107 ? -11.653 -13.472 -0.655  1.00 24.32 ? 107 ASN A CA  1 
ATOM   807  C C   . ASN A 1 107 ? -12.404 -13.786 -1.938  1.00 33.32 ? 107 ASN A C   1 
ATOM   808  O O   . ASN A 1 107 ? -13.156 -14.751 -2.001  1.00 25.11 ? 107 ASN A O   1 
ATOM   809  C CB  . ASN A 1 107 ? -11.441 -14.729 0.183   1.00 29.63 ? 107 ASN A CB  1 
ATOM   810  C CG  . ASN A 1 107 ? -10.418 -14.515 1.299   1.00 28.81 ? 107 ASN A CG  1 
ATOM   811  O OD1 . ASN A 1 107 ? -10.773 -14.271 2.444   1.00 32.54 ? 107 ASN A OD1 1 
ATOM   812  N ND2 . ASN A 1 107 ? -9.147  -14.588 0.954   1.00 38.28 ? 107 ASN A ND2 1 
ATOM   813  N N   . THR A 1 108 ? -12.243 -12.935 -2.937  1.00 24.48 ? 108 THR A N   1 
ATOM   814  C CA  . THR A 1 108 ? -12.863 -13.186 -4.230  1.00 24.83 ? 108 THR A CA  1 
ATOM   815  C C   . THR A 1 108 ? -11.798 -13.342 -5.292  1.00 23.50 ? 108 THR A C   1 
ATOM   816  O O   . THR A 1 108 ? -10.602 -13.311 -5.018  1.00 28.32 ? 108 THR A O   1 
ATOM   817  C CB  . THR A 1 108 ? -13.836 -12.058 -4.664  1.00 29.86 ? 108 THR A CB  1 
ATOM   818  O OG1 . THR A 1 108 ? -13.096 -10.862 -4.944  1.00 25.20 ? 108 THR A OG1 1 
ATOM   819  C CG2 . THR A 1 108 ? -14.862 -11.786 -3.581  1.00 30.38 ? 108 THR A CG2 1 
ATOM   820  N N   . GLU A 1 109 ? -12.268 -13.572 -6.514  1.00 31.84 ? 109 GLU A N   1 
ATOM   821  C CA  . GLU A 1 109 ? -11.421 -13.662 -7.678  1.00 32.29 ? 109 GLU A CA  1 
ATOM   822  C C   . GLU A 1 109 ? -10.595 -12.389 -7.830  1.00 25.63 ? 109 GLU A C   1 
ATOM   823  O O   . GLU A 1 109 ? -9.384  -12.421 -8.060  1.00 36.65 ? 109 GLU A O   1 
ATOM   824  C CB  . GLU A 1 109 ? -12.313 -13.876 -8.912  1.00 38.16 ? 109 GLU A CB  1 
ATOM   825  C CG  . GLU A 1 109 ? -13.138 -15.159 -8.843  1.00 43.00 ? 109 GLU A CG  1 
ATOM   826  C CD  . GLU A 1 109 ? -14.594 -14.959 -8.399  1.00 52.53 ? 109 GLU A CD  1 
ATOM   827  O OE1 . GLU A 1 109 ? -14.976 -13.856 -7.940  1.00 44.38 ? 109 GLU A OE1 1 
ATOM   828  O OE2 . GLU A 1 109 ? -15.366 -15.940 -8.519  1.00 61.44 ? 109 GLU A OE2 1 
ATOM   829  N N   . ARG A 1 110 ? -11.264 -11.259 -7.673  1.00 27.04 ? 110 ARG A N   1 
ATOM   830  C CA  . ARG A 1 110 ? -10.631 -9.958  -7.882  1.00 29.28 ? 110 ARG A CA  1 
ATOM   831  C C   . ARG A 1 110 ? -9.850  -9.456  -6.668  1.00 25.32 ? 110 ARG A C   1 
ATOM   832  O O   . ARG A 1 110 ? -8.832  -8.795  -6.838  1.00 27.36 ? 110 ARG A O   1 
ATOM   833  C CB  . ARG A 1 110 ? -11.674 -8.907  -8.222  1.00 29.98 ? 110 ARG A CB  1 
ATOM   834  C CG  . ARG A 1 110 ? -12.231 -8.976  -9.618  1.00 34.76 ? 110 ARG A CG  1 
ATOM   835  C CD  . ARG A 1 110 ? -13.062 -7.743  -9.888  1.00 27.24 ? 110 ARG A CD  1 
ATOM   836  N NE  . ARG A 1 110 ? -12.230 -6.607  -10.213 1.00 29.68 ? 110 ARG A NE  1 
ATOM   837  C CZ  . ARG A 1 110 ? -12.632 -5.340  -10.165 1.00 35.00 ? 110 ARG A CZ  1 
ATOM   838  N NH1 . ARG A 1 110 ? -13.862 -5.014  -9.775  1.00 29.07 ? 110 ARG A NH1 1 
ATOM   839  N NH2 . ARG A 1 110 ? -11.790 -4.385  -10.504 1.00 32.70 ? 110 ARG A NH2 1 
ATOM   840  N N   . LEU A 1 111 ? -10.322 -9.766  -5.459  1.00 26.82 ? 111 LEU A N   1 
ATOM   841  C CA  . LEU A 1 111 ? -9.855  -9.067  -4.258  1.00 23.61 ? 111 LEU A CA  1 
ATOM   842  C C   . LEU A 1 111 ? -9.598  -9.996  -3.080  1.00 22.79 ? 111 LEU A C   1 
ATOM   843  O O   . LEU A 1 111 ? -10.440 -10.814 -2.706  1.00 26.65 ? 111 LEU A O   1 
ATOM   844  C CB  . LEU A 1 111 ? -10.901 -7.991  -3.922  1.00 27.66 ? 111 LEU A CB  1 
ATOM   845  C CG  . LEU A 1 111 ? -10.598 -6.815  -2.997  1.00 26.05 ? 111 LEU A CG  1 
ATOM   846  C CD1 . LEU A 1 111 ? -9.256  -6.230  -3.260  1.00 21.92 ? 111 LEU A CD1 1 
ATOM   847  C CD2 . LEU A 1 111 ? -11.665 -5.772  -3.183  1.00 24.68 ? 111 LEU A CD2 1 
ATOM   848  N N   . THR A 1 112 ? -8.400  -9.926  -2.526  1.00 22.79 ? 112 THR A N   1 
ATOM   849  C CA  . THR A 1 112 ? -8.098  -10.576 -1.256  1.00 22.49 ? 112 THR A CA  1 
ATOM   850  C C   . THR A 1 112 ? -7.710  -9.497  -0.264  1.00 26.72 ? 112 THR A C   1 
ATOM   851  O O   . THR A 1 112 ? -6.755  -8.745  -0.509  1.00 22.28 ? 112 THR A O   1 
ATOM   852  C CB  . THR A 1 112 ? -6.935  -11.527 -1.372  1.00 26.37 ? 112 THR A CB  1 
ATOM   853  O OG1 . THR A 1 112 ? -7.248  -12.509 -2.352  1.00 31.51 ? 112 THR A OG1 1 
ATOM   854  C CG2 . THR A 1 112 ? -6.676  -12.195 -0.044  1.00 27.84 ? 112 THR A CG2 1 
ATOM   855  N N   . VAL A 1 113 ? -8.482  -9.408  0.819   1.00 23.23 ? 113 VAL A N   1 
ATOM   856  C CA  . VAL A 1 113 ? -8.260  -8.425  1.875   1.00 19.52 ? 113 VAL A CA  1 
ATOM   857  C C   . VAL A 1 113 ? -8.501  -9.164  3.170   1.00 20.83 ? 113 VAL A C   1 
ATOM   858  O O   . VAL A 1 113 ? -9.551  -9.818  3.308   1.00 20.47 ? 113 VAL A O   1 
ATOM   859  C CB  . VAL A 1 113 ? -9.237  -7.235  1.741   1.00 18.08 ? 113 VAL A CB  1 
ATOM   860  C CG1 . VAL A 1 113 ? -9.184  -6.341  2.953   1.00 23.02 ? 113 VAL A CG1 1 
ATOM   861  C CG2 . VAL A 1 113 ? -8.902  -6.408  0.503   1.00 21.87 ? 113 VAL A CG2 1 
ATOM   862  N N   . PRO A 1 114 ? -7.552  -9.077  4.131   1.00 18.26 ? 114 PRO A N   1 
ATOM   863  C CA  . PRO A 1 114 ? -6.288  -8.322  4.030   1.00 20.76 ? 114 PRO A CA  1 
ATOM   864  C C   . PRO A 1 114 ? -5.439  -8.804  2.884   1.00 21.34 ? 114 PRO A C   1 
ATOM   865  O O   . PRO A 1 114 ? -5.542  -9.945  2.474   1.00 20.08 ? 114 PRO A O   1 
ATOM   866  C CB  . PRO A 1 114 ? -5.584  -8.652  5.347   1.00 22.70 ? 114 PRO A CB  1 
ATOM   867  C CG  . PRO A 1 114 ? -6.705  -8.828  6.305   1.00 18.75 ? 114 PRO A CG  1 
ATOM   868  C CD  . PRO A 1 114 ? -7.799  -9.509  5.510   1.00 20.27 ? 114 PRO A CD  1 
ATOM   869  N N   . HIS A 1 115 ? -4.560  -7.942  2.417   1.00 19.03 ? 115 HIS A N   1 
ATOM   870  C CA  . HIS A 1 115 ? -3.727  -8.224  1.262   1.00 20.07 ? 115 HIS A CA  1 
ATOM   871  C C   . HIS A 1 115 ? -2.946  -9.508  1.478   1.00 16.64 ? 115 HIS A C   1 
ATOM   872  O O   . HIS A 1 115 ? -2.327  -9.727  2.514   1.00 17.34 ? 115 HIS A O   1 
ATOM   873  C CB  . HIS A 1 115 ? -2.801  -7.043  1.010   1.00 19.44 ? 115 HIS A CB  1 
ATOM   874  C CG  . HIS A 1 115 ? -1.935  -7.194  -0.185  1.00 18.15 ? 115 HIS A CG  1 
ATOM   875  N ND1 . HIS A 1 115 ? -0.808  -7.980  -0.185  1.00 19.59 ? 115 HIS A ND1 1 
ATOM   876  C CD2 . HIS A 1 115 ? -2.021  -6.650  -1.422  1.00 21.16 ? 115 HIS A CD2 1 
ATOM   877  C CE1 . HIS A 1 115 ? -0.248  -7.933  -1.383  1.00 24.60 ? 115 HIS A CE1 1 
ATOM   878  N NE2 . HIS A 1 115 ? -0.960  -7.124  -2.147  1.00 22.40 ? 115 HIS A NE2 1 
ATOM   879  N N   . TYR A 1 116 ? -2.960  -10.337 0.443   1.00 21.16 ? 116 TYR A N   1 
ATOM   880  C CA  . TYR A 1 116 ? -2.508  -11.734 0.529   1.00 25.41 ? 116 TYR A CA  1 
ATOM   881  C C   . TYR A 1 116 ? -1.030  -11.929 0.865   1.00 31.16 ? 116 TYR A C   1 
ATOM   882  O O   . TYR A 1 116 ? -0.649  -13.027 1.204   1.00 30.80 ? 116 TYR A O   1 
ATOM   883  C CB  . TYR A 1 116 ? -2.806  -12.462 -0.803  1.00 28.69 ? 116 TYR A CB  1 
ATOM   884  C CG  . TYR A 1 116 ? -2.238  -11.715 -1.980  1.00 29.52 ? 116 TYR A CG  1 
ATOM   885  C CD1 . TYR A 1 116 ? -0.932  -11.936 -2.397  1.00 36.04 ? 116 TYR A CD1 1 
ATOM   886  C CD2 . TYR A 1 116 ? -2.981  -10.721 -2.633  1.00 46.30 ? 116 TYR A CD2 1 
ATOM   887  C CE1 . TYR A 1 116 ? -0.379  -11.213 -3.461  1.00 48.78 ? 116 TYR A CE1 1 
ATOM   888  C CE2 . TYR A 1 116 ? -2.437  -9.994  -3.704  1.00 42.01 ? 116 TYR A CE2 1 
ATOM   889  C CZ  . TYR A 1 116 ? -1.134  -10.247 -4.109  1.00 50.07 ? 116 TYR A CZ  1 
ATOM   890  O OH  . TYR A 1 116 ? -0.586  -9.536  -5.165  1.00 55.61 ? 116 TYR A OH  1 
ATOM   891  N N   . ASP A 1 117 ? -0.181  -10.908 0.737   1.00 21.20 ? 117 ASP A N   1 
ATOM   892  C CA  . ASP A 1 117 ? 1.221   -11.112 1.070   1.00 21.57 ? 117 ASP A CA  1 
ATOM   893  C C   . ASP A 1 117 ? 1.843   -10.017 1.931   1.00 18.31 ? 117 ASP A C   1 
ATOM   894  O O   . ASP A 1 117 ? 3.048   -10.049 2.168   1.00 18.20 ? 117 ASP A O   1 
ATOM   895  C CB  . ASP A 1 117 ? 2.068   -11.300 -0.185  1.00 33.22 ? 117 ASP A CB  1 
ATOM   896  C CG  . ASP A 1 117 ? 3.362   -12.057 0.111   1.00 33.98 ? 117 ASP A CG  1 
ATOM   897  O OD1 . ASP A 1 117 ? 3.341   -12.946 0.997   1.00 30.75 ? 117 ASP A OD1 1 
ATOM   898  O OD2 . ASP A 1 117 ? 4.402   -11.760 -0.515  1.00 41.43 ? 117 ASP A OD2 1 
ATOM   899  N N   . MET A 1 118 ? 1.036   -9.091  2.432   1.00 20.07 ? 118 MET A N   1 
ATOM   900  C CA  . MET A 1 118 ? 1.583   -7.966  3.193   1.00 18.87 ? 118 MET A CA  1 
ATOM   901  C C   . MET A 1 118 ? 2.329   -8.442  4.440   1.00 17.34 ? 118 MET A C   1 
ATOM   902  O O   . MET A 1 118 ? 3.308   -7.830  4.846   1.00 14.32 ? 118 MET A O   1 
ATOM   903  C CB  . MET A 1 118 ? 0.502   -6.950  3.550   1.00 18.40 ? 118 MET A CB  1 
ATOM   904  C CG  . MET A 1 118 ? -0.582  -7.441  4.444   1.00 13.96 ? 118 MET A CG  1 
ATOM   905  S SD  . MET A 1 118 ? -1.885  -6.246  4.739   1.00 18.48 ? 118 MET A SD  1 
ATOM   906  C CE  . MET A 1 118 ? -1.036  -5.121  5.840   1.00 16.96 ? 118 MET A CE  1 
ATOM   907  N N   A LYS A 1 119 ? 1.909   -9.545  5.039   0.39 18.35 ? 119 LYS A N   1 
ATOM   908  N N   B LYS A 1 119 ? 1.896   -9.570  5.013   0.61 18.35 ? 119 LYS A N   1 
ATOM   909  C CA  A LYS A 1 119 ? 2.547   -9.945  6.284   0.39 17.44 ? 119 LYS A CA  1 
ATOM   910  C CA  B LYS A 1 119 ? 2.507   -10.093 6.245   0.61 17.29 ? 119 LYS A CA  1 
ATOM   911  C C   A LYS A 1 119 ? 3.970   -10.465 6.079   0.39 18.55 ? 119 LYS A C   1 
ATOM   912  C C   B LYS A 1 119 ? 3.987   -10.384 6.066   0.61 18.51 ? 119 LYS A C   1 
ATOM   913  O O   A LYS A 1 119 ? 4.690   -10.698 7.062   0.39 20.33 ? 119 LYS A O   1 
ATOM   914  O O   B LYS A 1 119 ? 4.752   -10.421 7.051   0.61 20.15 ? 119 LYS A O   1 
ATOM   915  C CB  A LYS A 1 119 ? 1.639   -10.898 7.066   0.39 19.00 ? 119 LYS A CB  1 
ATOM   916  C CB  B LYS A 1 119 ? 1.768   -11.345 6.762   0.61 20.01 ? 119 LYS A CB  1 
ATOM   917  C CG  A LYS A 1 119 ? 0.328   -10.193 7.441   0.39 19.16 ? 119 LYS A CG  1 
ATOM   918  C CG  B LYS A 1 119 ? 2.204   -12.663 6.130   0.61 15.63 ? 119 LYS A CG  1 
ATOM   919  C CD  A LYS A 1 119 ? -0.572  -10.983 8.369   0.39 24.64 ? 119 LYS A CD  1 
ATOM   920  C CD  B LYS A 1 119 ? 1.972   -13.879 7.036   0.61 21.53 ? 119 LYS A CD  1 
ATOM   921  C CE  A LYS A 1 119 ? -2.008  -10.616 8.104   0.39 26.79 ? 119 LYS A CE  1 
ATOM   922  C CE  B LYS A 1 119 ? 0.505   -14.201 7.263   0.61 22.43 ? 119 LYS A CE  1 
ATOM   923  N NZ  A LYS A 1 119 ? -2.460  -11.222 6.827   0.39 30.72 ? 119 LYS A NZ  1 
ATOM   924  N NZ  B LYS A 1 119 ? 0.300   -15.034 8.492   0.61 17.56 ? 119 LYS A NZ  1 
ATOM   925  N N   . ASN A 1 120 ? 4.382   -10.592 4.814   1.00 13.98 ? 120 ASN A N   1 
ATOM   926  C CA  . ASN A 1 120 ? 5.754   -10.965 4.474   1.00 17.17 ? 120 ASN A CA  1 
ATOM   927  C C   . ASN A 1 120 ? 6.576   -9.792  3.894   1.00 25.03 ? 120 ASN A C   1 
ATOM   928  O O   . ASN A 1 120 ? 7.718   -9.986  3.460   1.00 22.65 ? 120 ASN A O   1 
ATOM   929  C CB  . ASN A 1 120 ? 5.759   -12.120 3.467   1.00 17.56 ? 120 ASN A CB  1 
ATOM   930  C CG  . ASN A 1 120 ? 5.362   -13.434 4.084   1.00 17.97 ? 120 ASN A CG  1 
ATOM   931  O OD1 . ASN A 1 120 ? 5.946   -13.846 5.093   1.00 21.54 ? 120 ASN A OD1 1 
ATOM   932  N ND2 . ASN A 1 120 ? 4.353   -14.091 3.507   1.00 14.21 ? 120 ASN A ND2 1 
ATOM   933  N N   . ARG A 1 121 ? 6.020   -8.577  3.894   1.00 20.34 ? 121 ARG A N   1 
ATOM   934  C CA  . ARG A 1 121 ? 6.665   -7.464  3.198   1.00 17.79 ? 121 ARG A CA  1 
ATOM   935  C C   . ARG A 1 121 ? 6.848   -6.273  4.109   1.00 17.43 ? 121 ARG A C   1 
ATOM   936  O O   . ARG A 1 121 ? 5.913   -5.534  4.339   1.00 19.20 ? 121 ARG A O   1 
ATOM   937  C CB  . ARG A 1 121 ? 5.825   -7.059  2.000   1.00 16.05 ? 121 ARG A CB  1 
ATOM   938  C CG  . ARG A 1 121 ? 5.595   -8.195  1.008   1.00 18.97 ? 121 ARG A CG  1 
ATOM   939  C CD  . ARG A 1 121 ? 4.699   -7.876  -0.173  1.00 27.83 ? 121 ARG A CD  1 
ATOM   940  N NE  . ARG A 1 121 ? 4.769   -8.966  -1.160  1.00 41.71 ? 121 ARG A NE  1 
ATOM   941  C CZ  . ARG A 1 121 ? 4.470   -8.848  -2.454  1.00 55.18 ? 121 ARG A CZ  1 
ATOM   942  N NH1 . ARG A 1 121 ? 4.052   -7.688  -2.951  1.00 38.12 ? 121 ARG A NH1 1 
ATOM   943  N NH2 . ARG A 1 121 ? 4.594   -9.902  -3.256  1.00 47.24 ? 121 ARG A NH2 1 
ATOM   944  N N   . GLY A 1 122 ? 8.057   -6.102  4.618   1.00 19.83 ? 122 GLY A N   1 
ATOM   945  C CA  . GLY A 1 122 ? 8.370   -4.984  5.476   1.00 16.55 ? 122 GLY A CA  1 
ATOM   946  C C   . GLY A 1 122 ? 8.133   -3.676  4.771   1.00 16.37 ? 122 GLY A C   1 
ATOM   947  O O   . GLY A 1 122 ? 7.774   -2.679  5.411   1.00 16.66 ? 122 GLY A O   1 
ATOM   948  N N   . PHE A 1 123 ? 8.312   -3.631  3.456   1.00 21.97 ? 123 PHE A N   1 
ATOM   949  C CA  . PHE A 1 123 ? 8.066   -2.354  2.756   1.00 18.96 ? 123 PHE A CA  1 
ATOM   950  C C   . PHE A 1 123 ? 6.594   -1.979  2.722   1.00 15.24 ? 123 PHE A C   1 
ATOM   951  O O   . PHE A 1 123 ? 6.242   -0.837  2.393   1.00 17.29 ? 123 PHE A O   1 
ATOM   952  C CB  . PHE A 1 123 ? 8.668   -2.330  1.357   1.00 17.52 ? 123 PHE A CB  1 
ATOM   953  C CG  . PHE A 1 123 ? 8.167   -3.401  0.458   1.00 20.96 ? 123 PHE A CG  1 
ATOM   954  C CD1 . PHE A 1 123 ? 6.952   -3.276  -0.172  1.00 19.30 ? 123 PHE A CD1 1 
ATOM   955  C CD2 . PHE A 1 123 ? 8.927   -4.525  0.222   1.00 27.43 ? 123 PHE A CD2 1 
ATOM   956  C CE1 . PHE A 1 123 ? 6.488   -4.268  -1.019  1.00 25.11 ? 123 PHE A CE1 1 
ATOM   957  C CE2 . PHE A 1 123 ? 8.468   -5.513  -0.623  1.00 27.40 ? 123 PHE A CE2 1 
ATOM   958  C CZ  . PHE A 1 123 ? 7.259   -5.390  -1.231  1.00 22.90 ? 123 PHE A CZ  1 
ATOM   959  N N   . MET A 1 124 ? 5.709   -2.927  3.066   1.00 16.65 ? 124 MET A N   1 
ATOM   960  C CA  . MET A 1 124 ? 4.279   -2.630  3.244   1.00 13.39 ? 124 MET A CA  1 
ATOM   961  C C   . MET A 1 124 ? 3.936   -2.345  4.697   1.00 13.76 ? 124 MET A C   1 
ATOM   962  O O   . MET A 1 124 ? 3.172   -1.436  5.009   1.00 16.30 ? 124 MET A O   1 
ATOM   963  C CB  . MET A 1 124 ? 3.402   -3.771  2.714   1.00 16.15 ? 124 MET A CB  1 
ATOM   964  C CG  . MET A 1 124 ? 3.531   -4.000  1.200   1.00 17.17 ? 124 MET A CG  1 
ATOM   965  S SD  . MET A 1 124 ? 2.470   -5.336  0.553   1.00 19.34 ? 124 MET A SD  1 
ATOM   966  C CE  . MET A 1 124 ? 0.914   -4.508  0.502   1.00 23.43 ? 124 MET A CE  1 
ATOM   967  N N   . LEU A 1 125 ? 4.501   -3.150  5.584   1.00 17.80 ? 125 LEU A N   1 
ATOM   968  C CA  . LEU A 1 125 ? 4.168   -3.127  6.996   1.00 13.25 ? 125 LEU A CA  1 
ATOM   969  C C   . LEU A 1 125 ? 4.730   -1.929  7.746   1.00 11.99 ? 125 LEU A C   1 
ATOM   970  O O   . LEU A 1 125 ? 4.067   -1.371  8.624   1.00 13.39 ? 125 LEU A O   1 
ATOM   971  C CB  . LEU A 1 125 ? 4.711   -4.422  7.639   1.00 13.49 ? 125 LEU A CB  1 
ATOM   972  C CG  . LEU A 1 125 ? 4.034   -5.719  7.187   1.00 15.89 ? 125 LEU A CG  1 
ATOM   973  C CD1 . LEU A 1 125 ? 4.725   -6.876  7.866   1.00 21.74 ? 125 LEU A CD1 1 
ATOM   974  C CD2 . LEU A 1 125 ? 2.572   -5.697  7.541   1.00 17.98 ? 125 LEU A CD2 1 
ATOM   975  N N   . TRP A 1 126 ? 5.958   -1.541  7.438   1.00 19.82 ? 126 TRP A N   1 
ATOM   976  C CA  . TRP A 1 126 ? 6.593   -0.468  8.199   1.00 15.45 ? 126 TRP A CA  1 
ATOM   977  C C   . TRP A 1 126 ? 5.911   0.882   7.907   1.00 17.90 ? 126 TRP A C   1 
ATOM   978  O O   . TRP A 1 126 ? 5.640   1.653   8.830   1.00 18.44 ? 126 TRP A O   1 
ATOM   979  C CB  . TRP A 1 126 ? 8.079   -0.391  7.948   1.00 14.59 ? 126 TRP A CB  1 
ATOM   980  C CG  . TRP A 1 126 ? 8.927   -1.236  8.875   1.00 17.22 ? 126 TRP A CG  1 
ATOM   981  C CD1 . TRP A 1 126 ? 9.702   -2.294  8.515   1.00 19.05 ? 126 TRP A CD1 1 
ATOM   982  C CD2 . TRP A 1 126 ? 9.070   -1.101  10.300  1.00 19.51 ? 126 TRP A CD2 1 
ATOM   983  N NE1 . TRP A 1 126 ? 10.322  -2.832  9.622   1.00 20.54 ? 126 TRP A NE1 1 
ATOM   984  C CE2 . TRP A 1 126 ? 9.954   -2.124  10.732  1.00 17.86 ? 126 TRP A CE2 1 
ATOM   985  C CE3 . TRP A 1 126 ? 8.543   -0.224  11.251  1.00 24.68 ? 126 TRP A CE3 1 
ATOM   986  C CZ2 . TRP A 1 126 ? 10.315  -2.293  12.067  1.00 20.47 ? 126 TRP A CZ2 1 
ATOM   987  C CZ3 . TRP A 1 126 ? 8.931   -0.387  12.607  1.00 26.46 ? 126 TRP A CZ3 1 
ATOM   988  C CH2 . TRP A 1 126 ? 9.795   -1.415  12.987  1.00 25.86 ? 126 TRP A CH2 1 
ATOM   989  N N   . PRO A 1 127 ? 5.581   1.157   6.632   1.00 18.75 ? 127 PRO A N   1 
ATOM   990  C CA  . PRO A 1 127 ? 4.901   2.443   6.430   1.00 15.18 ? 127 PRO A CA  1 
ATOM   991  C C   . PRO A 1 127 ? 3.516   2.452   7.037   1.00 13.30 ? 127 PRO A C   1 
ATOM   992  O O   . PRO A 1 127 ? 3.079   3.484   7.522   1.00 12.77 ? 127 PRO A O   1 
ATOM   993  C CB  . PRO A 1 127 ? 4.856   2.590   4.916   1.00 14.14 ? 127 PRO A CB  1 
ATOM   994  C CG  . PRO A 1 127 ? 6.052   1.822   4.441   1.00 18.07 ? 127 PRO A CG  1 
ATOM   995  C CD  . PRO A 1 127 ? 6.153   0.638   5.382   1.00 18.79 ? 127 PRO A CD  1 
ATOM   996  N N   . LEU A 1 128 ? 2.814   1.328   6.997   1.00 15.21 ? 128 LEU A N   1 
ATOM   997  C CA  . LEU A 1 128 ? 1.521   1.224   7.658   1.00 18.40 ? 128 LEU A CA  1 
ATOM   998  C C   . LEU A 1 128 ? 1.654   1.459   9.167   1.00 14.21 ? 128 LEU A C   1 
ATOM   999  O O   . LEU A 1 128 ? 0.803   2.129   9.796   1.00 15.67 ? 128 LEU A O   1 
ATOM   1000 C CB  . LEU A 1 128 ? 0.897   -0.143  7.413   1.00 11.90 ? 128 LEU A CB  1 
ATOM   1001 C CG  . LEU A 1 128 ? -0.488  -0.487  7.931   1.00 14.30 ? 128 LEU A CG  1 
ATOM   1002 C CD1 . LEU A 1 128 ? -1.519  0.524   7.458   1.00 15.83 ? 128 LEU A CD1 1 
ATOM   1003 C CD2 . LEU A 1 128 ? -0.906  -1.905  7.481   1.00 14.97 ? 128 LEU A CD2 1 
ATOM   1004 N N   . PHE A 1 129 ? 2.691   0.881   9.749   1.00 15.40 ? 129 PHE A N   1 
ATOM   1005 C CA  . PHE A 1 129 ? 2.876   0.983   11.201  1.00 13.84 ? 129 PHE A CA  1 
ATOM   1006 C C   . PHE A 1 129 ? 3.114   2.443   11.583  1.00 17.04 ? 129 PHE A C   1 
ATOM   1007 O O   . PHE A 1 129 ? 2.693   2.899   12.657  1.00 19.47 ? 129 PHE A O   1 
ATOM   1008 C CB  . PHE A 1 129 ? 4.046   0.123   11.629  1.00 17.71 ? 129 PHE A CB  1 
ATOM   1009 C CG  . PHE A 1 129 ? 4.367   0.234   13.085  1.00 15.13 ? 129 PHE A CG  1 
ATOM   1010 C CD1 . PHE A 1 129 ? 3.551   -0.346  14.021  1.00 16.55 ? 129 PHE A CD1 1 
ATOM   1011 C CD2 . PHE A 1 129 ? 5.507   0.895   13.499  1.00 20.95 ? 129 PHE A CD2 1 
ATOM   1012 C CE1 . PHE A 1 129 ? 3.865   -0.269  15.372  1.00 23.81 ? 129 PHE A CE1 1 
ATOM   1013 C CE2 . PHE A 1 129 ? 5.827   0.982   14.841  1.00 24.57 ? 129 PHE A CE2 1 
ATOM   1014 C CZ  . PHE A 1 129 ? 4.999   0.403   15.769  1.00 20.14 ? 129 PHE A CZ  1 
ATOM   1015 N N   . GLU A 1 130 ? 3.775   3.187   10.702  1.00 15.07 ? 130 GLU A N   1 
ATOM   1016 C CA  . GLU A 1 130 ? 3.957   4.645   10.924  1.00 16.91 ? 130 GLU A CA  1 
ATOM   1017 C C   . GLU A 1 130 ? 2.649   5.415   11.112  1.00 18.64 ? 130 GLU A C   1 
ATOM   1018 O O   . GLU A 1 130 ? 2.528   6.227   12.018  1.00 17.02 ? 130 GLU A O   1 
ATOM   1019 C CB  . GLU A 1 130 ? 4.743   5.282   9.761   1.00 21.33 ? 130 GLU A CB  1 
ATOM   1020 C CG  . GLU A 1 130 ? 5.056   6.723   10.012  1.00 17.57 ? 130 GLU A CG  1 
ATOM   1021 C CD  . GLU A 1 130 ? 5.716   7.416   8.850   1.00 19.87 ? 130 GLU A CD  1 
ATOM   1022 O OE1 . GLU A 1 130 ? 5.813   6.853   7.754   1.00 22.30 ? 130 GLU A OE1 1 
ATOM   1023 O OE2 . GLU A 1 130 ? 6.162   8.546   9.031   1.00 26.51 ? 130 GLU A OE2 1 
ATOM   1024 N N   . ILE A 1 131 ? 1.658   5.137   10.275  1.00 15.58 ? 131 ILE A N   1 
ATOM   1025 C CA  . ILE A 1 131 ? 0.407   5.871   10.282  1.00 21.03 ? 131 ILE A CA  1 
ATOM   1026 C C   . ILE A 1 131 ? -0.679  5.188   11.085  1.00 15.54 ? 131 ILE A C   1 
ATOM   1027 O O   . ILE A 1 131 ? -1.713  5.768   11.355  1.00 19.57 ? 131 ILE A O   1 
ATOM   1028 C CB  . ILE A 1 131 ? -0.097  6.148   8.841   1.00 19.91 ? 131 ILE A CB  1 
ATOM   1029 C CG1 . ILE A 1 131 ? -0.398  4.874   8.064   1.00 17.06 ? 131 ILE A CG1 1 
ATOM   1030 C CG2 . ILE A 1 131 ? 0.924   6.965   8.125   1.00 17.95 ? 131 ILE A CG2 1 
ATOM   1031 C CD1 . ILE A 1 131 ? -1.059  5.179   6.665   1.00 18.24 ? 131 ILE A CD1 1 
ATOM   1032 N N   . ALA A 1 132 ? -0.435  3.945   11.492  1.00 15.74 ? 132 ALA A N   1 
ATOM   1033 C CA  . ALA A 1 132 ? -1.470  3.186   12.204  1.00 16.64 ? 132 ALA A CA  1 
ATOM   1034 C C   . ALA A 1 132 ? -0.850  2.170   13.165  1.00 17.95 ? 132 ALA A C   1 
ATOM   1035 O O   . ALA A 1 132 ? -1.090  0.941   13.044  1.00 16.20 ? 132 ALA A O   1 
ATOM   1036 C CB  . ALA A 1 132 ? -2.367  2.469   11.148  1.00 20.56 ? 132 ALA A CB  1 
ATOM   1037 N N   . PRO A 1 133 ? -0.022  2.655   14.124  1.00 13.92 ? 133 PRO A N   1 
ATOM   1038 C CA  . PRO A 1 133 ? 0.719   1.694   14.966  1.00 13.71 ? 133 PRO A CA  1 
ATOM   1039 C C   . PRO A 1 133 ? -0.151  0.730   15.794  1.00 14.58 ? 133 PRO A C   1 
ATOM   1040 O O   . PRO A 1 133 ? 0.308   -0.379  16.145  1.00 19.07 ? 133 PRO A O   1 
ATOM   1041 C CB  . PRO A 1 133 ? 1.576   2.608   15.868  1.00 21.34 ? 133 PRO A CB  1 
ATOM   1042 C CG  . PRO A 1 133 ? 0.812   3.861   15.945  1.00 21.46 ? 133 PRO A CG  1 
ATOM   1043 C CD  . PRO A 1 133 ? 0.116   4.035   14.609  1.00 20.49 ? 133 PRO A CD  1 
ATOM   1044 N N   . GLU A 1 134 ? -1.383  1.121   16.090  1.00 15.98 ? 134 GLU A N   1 
ATOM   1045 C CA  . GLU A 1 134 ? -2.261  0.300   16.908  1.00 21.50 ? 134 GLU A CA  1 
ATOM   1046 C C   . GLU A 1 134 ? -3.135  -0.668  16.083  1.00 28.63 ? 134 GLU A C   1 
ATOM   1047 O O   . GLU A 1 134 ? -4.035  -1.278  16.624  1.00 19.89 ? 134 GLU A O   1 
ATOM   1048 C CB  . GLU A 1 134 ? -3.189  1.169   17.757  1.00 24.29 ? 134 GLU A CB  1 
ATOM   1049 C CG  . GLU A 1 134 ? -2.509  2.300   18.539  1.00 26.97 ? 134 GLU A CG  1 
ATOM   1050 C CD  . GLU A 1 134 ? -1.480  1.795   19.529  1.00 36.46 ? 134 GLU A CD  1 
ATOM   1051 O OE1 . GLU A 1 134 ? -1.612  0.636   19.987  1.00 60.72 ? 134 GLU A OE1 1 
ATOM   1052 O OE2 . GLU A 1 134 ? -0.539  2.553   19.854  1.00 47.01 ? 134 GLU A OE2 1 
ATOM   1053 N N   . LEU A 1 135 ? -2.877  -0.813  14.788  1.00 17.90 ? 135 LEU A N   1 
ATOM   1054 C CA  . LEU A 1 135 ? -3.828  -1.504  13.910  1.00 18.01 ? 135 LEU A CA  1 
ATOM   1055 C C   . LEU A 1 135 ? -4.001  -2.993  14.334  1.00 11.74 ? 135 LEU A C   1 
ATOM   1056 O O   . LEU A 1 135 ? -3.025  -3.646  14.657  1.00 15.69 ? 135 LEU A O   1 
ATOM   1057 C CB  . LEU A 1 135 ? -3.308  -1.439  12.481  1.00 16.64 ? 135 LEU A CB  1 
ATOM   1058 C CG  . LEU A 1 135 ? -4.173  -1.956  11.334  1.00 20.00 ? 135 LEU A CG  1 
ATOM   1059 C CD1 . LEU A 1 135 ? -3.985  -1.021  10.145  1.00 20.24 ? 135 LEU A CD1 1 
ATOM   1060 C CD2 . LEU A 1 135 ? -3.773  -3.380  10.961  1.00 26.79 ? 135 LEU A CD2 1 
ATOM   1061 N N   . VAL A 1 136 ? -5.237  -3.457  14.384  1.00 23.20 ? 136 VAL A N   1 
ATOM   1062 C CA  . VAL A 1 136 ? -5.542  -4.864  14.558  1.00 16.19 ? 136 VAL A CA  1 
ATOM   1063 C C   . VAL A 1 136 ? -6.212  -5.354  13.279  1.00 15.57 ? 136 VAL A C   1 
ATOM   1064 O O   . VAL A 1 136 ? -7.149  -4.713  12.766  1.00 21.15 ? 136 VAL A O   1 
ATOM   1065 C CB  . VAL A 1 136 ? -6.501  -5.109  15.751  1.00 21.93 ? 136 VAL A CB  1 
ATOM   1066 C CG1 . VAL A 1 136 ? -6.691  -6.601  16.019  1.00 28.28 ? 136 VAL A CG1 1 
ATOM   1067 C CG2 . VAL A 1 136 ? -5.955  -4.422  17.028  1.00 32.39 ? 136 VAL A CG2 1 
ATOM   1068 N N   . PHE A 1 137 ? -5.743  -6.500  12.790  1.00 22.72 ? 137 PHE A N   1 
ATOM   1069 C CA  . PHE A 1 137 ? -6.355  -7.177  11.655  1.00 21.36 ? 137 PHE A CA  1 
ATOM   1070 C C   . PHE A 1 137 ? -7.681  -7.818  12.023  1.00 26.14 ? 137 PHE A C   1 
ATOM   1071 O O   . PHE A 1 137 ? -7.972  -8.035  13.198  1.00 20.66 ? 137 PHE A O   1 
ATOM   1072 C CB  . PHE A 1 137 ? -5.378  -8.207  11.083  1.00 20.38 ? 137 PHE A CB  1 
ATOM   1073 C CG  . PHE A 1 137 ? -4.160  -7.574  10.475  1.00 20.88 ? 137 PHE A CG  1 
ATOM   1074 C CD1 . PHE A 1 137 ? -3.095  -7.210  11.255  1.00 24.24 ? 137 PHE A CD1 1 
ATOM   1075 C CD2 . PHE A 1 137 ? -4.126  -7.270  9.127   1.00 30.81 ? 137 PHE A CD2 1 
ATOM   1076 C CE1 . PHE A 1 137 ? -2.002  -6.602  10.712  1.00 19.81 ? 137 PHE A CE1 1 
ATOM   1077 C CE2 . PHE A 1 137 ? -3.037  -6.660  8.580   1.00 24.70 ? 137 PHE A CE2 1 
ATOM   1078 C CZ  . PHE A 1 137 ? -1.971  -6.317  9.374   1.00 25.89 ? 137 PHE A CZ  1 
ATOM   1079 N N   . PRO A 1 138 ? -8.502  -8.099  11.011  1.00 20.98 ? 138 PRO A N   1 
ATOM   1080 C CA  . PRO A 1 138 ? -9.823  -8.682  11.226  1.00 25.44 ? 138 PRO A CA  1 
ATOM   1081 C C   . PRO A 1 138 ? -9.750  -9.955  12.047  1.00 24.07 ? 138 PRO A C   1 
ATOM   1082 O O   . PRO A 1 138 ? -10.670 -10.226 12.802  1.00 24.29 ? 138 PRO A O   1 
ATOM   1083 C CB  . PRO A 1 138 ? -10.316 -8.974  9.798   1.00 25.10 ? 138 PRO A CB  1 
ATOM   1084 C CG  . PRO A 1 138 ? -9.652  -7.932  8.990   1.00 22.36 ? 138 PRO A CG  1 
ATOM   1085 C CD  . PRO A 1 138 ? -8.283  -7.740  9.594   1.00 18.78 ? 138 PRO A CD  1 
ATOM   1086 N N   . ASP A 1 139 ? -8.651  -10.691 11.943  1.00 20.93 ? 139 ASP A N   1 
ATOM   1087 C CA  . ASP A 1 139 ? -8.523  -11.952 12.658  1.00 24.62 ? 139 ASP A CA  1 
ATOM   1088 C C   . ASP A 1 139 ? -7.960  -11.768 14.080  1.00 35.69 ? 139 ASP A C   1 
ATOM   1089 O O   . ASP A 1 139 ? -7.768  -12.744 14.801  1.00 36.38 ? 139 ASP A O   1 
ATOM   1090 C CB  . ASP A 1 139 ? -7.649  -12.914 11.861  1.00 25.39 ? 139 ASP A CB  1 
ATOM   1091 C CG  . ASP A 1 139 ? -6.173  -12.556 11.890  1.00 27.69 ? 139 ASP A CG  1 
ATOM   1092 O OD1 . ASP A 1 139 ? -5.811  -11.480 12.406  1.00 31.79 ? 139 ASP A OD1 1 
ATOM   1093 O OD2 . ASP A 1 139 ? -5.351  -13.361 11.393  1.00 27.21 ? 139 ASP A OD2 1 
ATOM   1094 N N   . GLY A 1 140 ? -7.686  -10.521 14.470  1.00 24.71 ? 140 GLY A N   1 
ATOM   1095 C CA  . GLY A 1 140 ? -7.190  -10.231 15.813  1.00 24.20 ? 140 GLY A CA  1 
ATOM   1096 C C   . GLY A 1 140 ? -5.673  -10.144 15.890  1.00 28.95 ? 140 GLY A C   1 
ATOM   1097 O O   . GLY A 1 140 ? -5.136  -9.784  16.933  1.00 30.41 ? 140 GLY A O   1 
ATOM   1098 N N   . GLU A 1 141 ? -4.958  -10.457 14.815  1.00 20.44 ? 141 GLU A N   1 
ATOM   1099 C CA  . GLU A 1 141 ? -3.505  -10.206 14.822  1.00 21.25 ? 141 GLU A CA  1 
ATOM   1100 C C   . GLU A 1 141 ? -3.247  -8.696  14.931  1.00 17.81 ? 141 GLU A C   1 
ATOM   1101 O O   . GLU A 1 141 ? -4.075  -7.891  14.509  1.00 24.86 ? 141 GLU A O   1 
ATOM   1102 C CB  . GLU A 1 141 ? -2.829  -10.727 13.564  1.00 25.52 ? 141 GLU A CB  1 
ATOM   1103 C CG  . GLU A 1 141 ? -2.772  -12.232 13.424  1.00 30.28 ? 141 GLU A CG  1 
ATOM   1104 C CD  . GLU A 1 141 ? -2.186  -12.625 12.094  1.00 26.99 ? 141 GLU A CD  1 
ATOM   1105 O OE1 . GLU A 1 141 ? -0.945  -12.489 11.950  1.00 32.26 ? 141 GLU A OE1 1 
ATOM   1106 O OE2 . GLU A 1 141 ? -2.967  -13.022 11.186  1.00 31.00 ? 141 GLU A OE2 1 
ATOM   1107 N N   . MET A 1 142 ? -2.128  -8.324  15.558  1.00 20.61 ? 142 MET A N   1 
ATOM   1108 C CA  . MET A 1 142 ? -1.748  -6.922  15.670  1.00 28.35 ? 142 MET A CA  1 
ATOM   1109 C C   . MET A 1 142 ? -0.558  -6.651  14.778  1.00 19.20 ? 142 MET A C   1 
ATOM   1110 O O   . MET A 1 142 ? 0.379   -7.429  14.733  1.00 19.46 ? 142 MET A O   1 
ATOM   1111 C CB  . MET A 1 142 ? -1.431  -6.566  17.126  1.00 28.26 ? 142 MET A CB  1 
ATOM   1112 C CG  . MET A 1 142 ? -2.681  -6.491  17.982  1.00 38.99 ? 142 MET A CG  1 
ATOM   1113 S SD  . MET A 1 142 ? -2.332  -6.089  19.695  1.00 67.35 ? 142 MET A SD  1 
ATOM   1114 C CE  . MET A 1 142 ? -1.539  -7.624  20.178  1.00 24.28 ? 142 MET A CE  1 
ATOM   1115 N N   . LEU A 1 143 ? -0.625  -5.542  14.047  1.00 20.38 ? 143 LEU A N   1 
ATOM   1116 C CA  . LEU A 1 143 ? 0.458   -5.118  13.190  1.00 20.84 ? 143 LEU A CA  1 
ATOM   1117 C C   . LEU A 1 143 ? 1.729   -5.032  13.995  1.00 19.49 ? 143 LEU A C   1 
ATOM   1118 O O   . LEU A 1 143 ? 2.789   -5.533  13.597  1.00 19.59 ? 143 LEU A O   1 
ATOM   1119 C CB  . LEU A 1 143 ? 0.123   -3.750  12.596  1.00 27.07 ? 143 LEU A CB  1 
ATOM   1120 C CG  . LEU A 1 143 ? 1.205   -3.130  11.742  1.00 19.55 ? 143 LEU A CG  1 
ATOM   1121 C CD1 . LEU A 1 143 ? 1.595   -4.111  10.643  1.00 19.54 ? 143 LEU A CD1 1 
ATOM   1122 C CD2 . LEU A 1 143 ? 0.713   -1.748  11.181  1.00 16.45 ? 143 LEU A CD2 1 
ATOM   1123 N N   . ARG A 1 144 ? 1.640   -4.405  15.159  1.00 21.36 ? 144 ARG A N   1 
ATOM   1124 C CA  . ARG A 1 144 ? 2.828   -4.290  15.975  1.00 28.96 ? 144 ARG A CA  1 
ATOM   1125 C C   . ARG A 1 144 ? 3.415   -5.663  16.293  1.00 26.16 ? 144 ARG A C   1 
ATOM   1126 O O   . ARG A 1 144 ? 4.625   -5.838  16.341  1.00 22.76 ? 144 ARG A O   1 
ATOM   1127 C CB  . ARG A 1 144 ? 2.492   -3.574  17.258  1.00 25.50 ? 144 ARG A CB  1 
ATOM   1128 C CG  . ARG A 1 144 ? 3.621   -3.483  18.191  1.00 21.50 ? 144 ARG A CG  1 
ATOM   1129 C CD  . ARG A 1 144 ? 3.053   -3.485  19.603  1.00 36.71 ? 144 ARG A CD  1 
ATOM   1130 N NE  . ARG A 1 144 ? 2.730   -4.853  19.975  1.00 43.37 ? 144 ARG A NE  1 
ATOM   1131 C CZ  . ARG A 1 144 ? 1.505   -5.347  20.128  1.00 36.29 ? 144 ARG A CZ  1 
ATOM   1132 N NH1 . ARG A 1 144 ? 0.426   -4.587  19.960  1.00 44.00 ? 144 ARG A NH1 1 
ATOM   1133 N NH2 . ARG A 1 144 ? 1.378   -6.625  20.463  1.00 41.62 ? 144 ARG A NH2 1 
ATOM   1134 N N   . GLN A 1 145 ? 2.546   -6.638  16.504  1.00 21.82 ? 145 GLN A N   1 
ATOM   1135 C CA  . GLN A 1 145 ? 2.981   -7.968  16.866  1.00 24.13 ? 145 GLN A CA  1 
ATOM   1136 C C   . GLN A 1 145 ? 3.650   -8.655  15.697  1.00 22.41 ? 145 GLN A C   1 
ATOM   1137 O O   . GLN A 1 145 ? 4.638   -9.345  15.877  1.00 28.21 ? 145 GLN A O   1 
ATOM   1138 C CB  . GLN A 1 145 ? 1.777   -8.779  17.376  1.00 37.90 ? 145 GLN A CB  1 
ATOM   1139 C CG  . GLN A 1 145 ? 2.132   -10.163 17.919  1.00 41.96 ? 145 GLN A CG  1 
ATOM   1140 C CD  . GLN A 1 145 ? 2.774   -10.162 19.303  1.00 41.05 ? 145 GLN A CD  1 
ATOM   1141 O OE1 . GLN A 1 145 ? 2.871   -9.133  19.972  1.00 54.91 ? 145 GLN A OE1 1 
ATOM   1142 N NE2 . GLN A 1 145 ? 3.213   -11.343 19.740  1.00 62.45 ? 145 GLN A NE2 1 
ATOM   1143 N N   . ILE A 1 146 ? 3.138   -8.442  14.483  1.00 22.85 ? 146 ILE A N   1 
ATOM   1144 C CA  . ILE A 1 146 ? 3.798   -8.974  13.312  1.00 19.49 ? 146 ILE A CA  1 
ATOM   1145 C C   . ILE A 1 146 ? 5.183   -8.421  13.131  1.00 19.81 ? 146 ILE A C   1 
ATOM   1146 O O   . ILE A 1 146 ? 6.101   -9.171  12.816  1.00 20.74 ? 146 ILE A O   1 
ATOM   1147 C CB  . ILE A 1 146 ? 3.001   -8.773  12.026  1.00 23.43 ? 146 ILE A CB  1 
ATOM   1148 C CG1 . ILE A 1 146 ? 1.679   -9.536  12.108  1.00 23.90 ? 146 ILE A CG1 1 
ATOM   1149 C CG2 . ILE A 1 146 ? 3.858   -9.260  10.819  1.00 20.15 ? 146 ILE A CG2 1 
ATOM   1150 C CD1 . ILE A 1 146 ? 0.575   -9.040  11.171  1.00 28.85 ? 146 ILE A CD1 1 
ATOM   1151 N N   . LEU A 1 147 ? 5.372   -7.110  13.287  1.00 19.08 ? 147 LEU A N   1 
ATOM   1152 C CA  . LEU A 1 147 ? 6.712   -6.557  13.130  1.00 19.78 ? 147 LEU A CA  1 
ATOM   1153 C C   . LEU A 1 147 ? 7.666   -7.057  14.209  1.00 25.88 ? 147 LEU A C   1 
ATOM   1154 O O   . LEU A 1 147 ? 8.844   -7.304  13.941  1.00 23.35 ? 147 LEU A O   1 
ATOM   1155 C CB  . LEU A 1 147 ? 6.649   -5.025  13.151  1.00 18.97 ? 147 LEU A CB  1 
ATOM   1156 C CG  . LEU A 1 147 ? 6.067   -4.410  11.875  1.00 20.80 ? 147 LEU A CG  1 
ATOM   1157 C CD1 . LEU A 1 147 ? 5.705   -2.959  12.120  1.00 22.20 ? 147 LEU A CD1 1 
ATOM   1158 C CD2 . LEU A 1 147 ? 7.064   -4.488  10.764  1.00 17.22 ? 147 LEU A CD2 1 
ATOM   1159 N N   A HIS A 1 148 ? 7.134   -7.223  15.423  0.50 28.54 ? 148 HIS A N   1 
ATOM   1160 N N   B HIS A 1 148 ? 7.183   -7.185  15.435  0.50 28.56 ? 148 HIS A N   1 
ATOM   1161 C CA  A HIS A 1 148 ? 7.899   -7.703  16.587  0.50 29.96 ? 148 HIS A CA  1 
ATOM   1162 C CA  B HIS A 1 148 ? 8.046   -7.724  16.471  0.50 30.07 ? 148 HIS A CA  1 
ATOM   1163 C C   A HIS A 1 148 ? 8.284   -9.185  16.492  0.50 29.34 ? 148 HIS A C   1 
ATOM   1164 C C   B HIS A 1 148 ? 8.448   -9.135  16.081  0.50 30.31 ? 148 HIS A C   1 
ATOM   1165 O O   A HIS A 1 148 ? 9.318   -9.589  17.018  0.50 29.94 ? 148 HIS A O   1 
ATOM   1166 O O   B HIS A 1 148 ? 9.639   -9.434  15.975  0.50 25.60 ? 148 HIS A O   1 
ATOM   1167 C CB  A HIS A 1 148 ? 7.101   -7.450  17.877  0.50 28.95 ? 148 HIS A CB  1 
ATOM   1168 C CB  B HIS A 1 148 ? 7.369   -7.726  17.835  0.50 29.22 ? 148 HIS A CB  1 
ATOM   1169 C CG  A HIS A 1 148 ? 7.502   -8.320  19.032  0.50 26.12 ? 148 HIS A CG  1 
ATOM   1170 C CG  B HIS A 1 148 ? 8.139   -6.983  18.878  0.50 27.89 ? 148 HIS A CG  1 
ATOM   1171 N ND1 A HIS A 1 148 ? 8.380   -7.903  20.012  0.50 30.97 ? 148 HIS A ND1 1 
ATOM   1172 N ND1 B HIS A 1 148 ? 8.958   -7.609  19.795  0.50 29.89 ? 148 HIS A ND1 1 
ATOM   1173 C CD2 A HIS A 1 148 ? 7.133   -9.578  19.370  0.50 31.80 ? 148 HIS A CD2 1 
ATOM   1174 C CD2 B HIS A 1 148 ? 8.211   -5.661  19.149  0.50 25.55 ? 148 HIS A CD2 1 
ATOM   1175 C CE1 A HIS A 1 148 ? 8.529   -8.865  20.904  0.50 29.09 ? 148 HIS A CE1 1 
ATOM   1176 C CE1 B HIS A 1 148 ? 9.494   -6.701  20.589  0.50 30.83 ? 148 HIS A CE1 1 
ATOM   1177 N NE2 A HIS A 1 148 ? 7.789   -9.895  20.534  0.50 29.20 ? 148 HIS A NE2 1 
ATOM   1178 N NE2 B HIS A 1 148 ? 9.063   -5.513  20.213  0.50 20.00 ? 148 HIS A NE2 1 
ATOM   1179 N N   . THR A 1 149 ? 7.446   -9.977  15.824  1.00 28.01 ? 149 THR A N   1 
ATOM   1180 C CA  . THR A 1 149 ? 7.679   -11.422 15.617  1.00 26.56 ? 149 THR A CA  1 
ATOM   1181 C C   . THR A 1 149 ? 8.709   -11.630 14.517  1.00 28.28 ? 149 THR A C   1 
ATOM   1182 O O   . THR A 1 149 ? 9.639   -12.388 14.671  1.00 31.46 ? 149 THR A O   1 
ATOM   1183 C CB  . THR A 1 149 ? 6.360   -12.128 15.235  1.00 31.38 ? 149 THR A CB  1 
ATOM   1184 O OG1 . THR A 1 149 ? 5.502   -12.213 16.379  1.00 37.55 ? 149 THR A OG1 1 
ATOM   1185 C CG2 . THR A 1 149 ? 6.593   -13.540 14.659  1.00 34.10 ? 149 THR A CG2 1 
ATOM   1186 N N   . ARG A 1 150 ? 8.545   -10.917 13.404  1.00 26.03 ? 150 ARG A N   1 
ATOM   1187 C CA  . ARG A 1 150 ? 9.420   -11.067 12.260  1.00 17.80 ? 150 ARG A CA  1 
ATOM   1188 C C   . ARG A 1 150 ? 10.695  -10.225 12.271  1.00 21.10 ? 150 ARG A C   1 
ATOM   1189 O O   . ARG A 1 150 ? 11.635  -10.526 11.554  1.00 24.32 ? 150 ARG A O   1 
ATOM   1190 C CB  . ARG A 1 150 ? 8.630   -10.726 10.983  1.00 21.31 ? 150 ARG A CB  1 
ATOM   1191 C CG  . ARG A 1 150 ? 7.498   -11.701 10.655  1.00 26.20 ? 150 ARG A CG  1 
ATOM   1192 C CD  . ARG A 1 150 ? 7.983   -13.108 10.253  1.00 21.48 ? 150 ARG A CD  1 
ATOM   1193 N NE  . ARG A 1 150 ? 8.871   -13.127 9.092   1.00 23.57 ? 150 ARG A NE  1 
ATOM   1194 C CZ  . ARG A 1 150 ? 8.441   -13.173 7.830   1.00 19.62 ? 150 ARG A CZ  1 
ATOM   1195 N NH1 . ARG A 1 150 ? 7.144   -13.176 7.565   1.00 22.67 ? 150 ARG A NH1 1 
ATOM   1196 N NH2 . ARG A 1 150 ? 9.304   -13.179 6.838   1.00 29.52 ? 150 ARG A NH2 1 
ATOM   1197 N N   . ALA A 1 151 ? 10.711  -9.124  13.004  1.00 24.62 ? 151 ALA A N   1 
ATOM   1198 C CA  . ALA A 1 151 ? 11.897  -8.262  12.997  1.00 36.32 ? 151 ALA A CA  1 
ATOM   1199 C C   . ALA A 1 151 ? 12.389  -7.855  11.608  1.00 36.16 ? 151 ALA A C   1 
ATOM   1200 O O   . ALA A 1 151 ? 13.586  -7.898  11.352  1.00 35.64 ? 151 ALA A O   1 
ATOM   1201 C CB  . ALA A 1 151 ? 13.040  -8.959  13.740  1.00 45.82 ? 151 ALA A CB  1 
ATOM   1202 N N   . PHE A 1 152 ? 11.477  -7.475  10.716  1.00 30.86 ? 152 PHE A N   1 
ATOM   1203 C CA  . PHE A 1 152 ? 11.836  -6.901  9.419   1.00 24.47 ? 152 PHE A CA  1 
ATOM   1204 C C   . PHE A 1 152 ? 12.738  -5.694  9.600   1.00 21.23 ? 152 PHE A C   1 
ATOM   1205 O O   . PHE A 1 152 ? 12.514  -4.890  10.497  1.00 26.46 ? 152 PHE A O   1 
ATOM   1206 C CB  . PHE A 1 152 ? 10.571  -6.423  8.681   1.00 18.86 ? 152 PHE A CB  1 
ATOM   1207 C CG  . PHE A 1 152 ? 9.660   -7.540  8.212   1.00 22.45 ? 152 PHE A CG  1 
ATOM   1208 C CD1 . PHE A 1 152 ? 10.066  -8.410  7.228   1.00 25.61 ? 152 PHE A CD1 1 
ATOM   1209 C CD2 . PHE A 1 152 ? 8.404   -7.701  8.762   1.00 23.80 ? 152 PHE A CD2 1 
ATOM   1210 C CE1 . PHE A 1 152 ? 9.239   -9.437  6.798   1.00 24.30 ? 152 PHE A CE1 1 
ATOM   1211 C CE2 . PHE A 1 152 ? 7.561   -8.723  8.331   1.00 25.96 ? 152 PHE A CE2 1 
ATOM   1212 C CZ  . PHE A 1 152 ? 7.983   -9.575  7.339   1.00 17.62 ? 152 PHE A CZ  1 
ATOM   1213 N N   . ASP A 1 153 ? 13.736  -5.539  8.736   1.00 28.09 ? 153 ASP A N   1 
ATOM   1214 C CA  . ASP A 1 153 ? 14.585  -4.355  8.792   1.00 30.64 ? 153 ASP A CA  1 
ATOM   1215 C C   . ASP A 1 153 ? 13.767  -3.084  8.624   1.00 27.82 ? 153 ASP A C   1 
ATOM   1216 O O   . ASP A 1 153 ? 12.936  -2.995  7.718   1.00 24.06 ? 153 ASP A O   1 
ATOM   1217 C CB  . ASP A 1 153 ? 15.615  -4.385  7.681   1.00 32.74 ? 153 ASP A CB  1 
ATOM   1218 C CG  . ASP A 1 153 ? 16.739  -5.340  7.966   1.00 50.83 ? 153 ASP A CG  1 
ATOM   1219 O OD1 . ASP A 1 153 ? 17.147  -5.427  9.146   1.00 56.84 ? 153 ASP A OD1 1 
ATOM   1220 O OD2 . ASP A 1 153 ? 17.194  -6.003  7.011   1.00 45.32 ? 153 ASP A OD2 1 
ATOM   1221 N N   . LYS A 1 154 ? 14.039  -2.103  9.475   1.00 23.59 ? 154 LYS A N   1 
ATOM   1222 C CA  . LYS A 1 154 ? 13.466  -0.786  9.317   1.00 24.49 ? 154 LYS A CA  1 
ATOM   1223 C C   . LYS A 1 154 ? 13.874  -0.200  7.982   1.00 28.02 ? 154 LYS A C   1 
ATOM   1224 O O   . LYS A 1 154 ? 14.880  -0.597  7.392   1.00 28.04 ? 154 LYS A O   1 
ATOM   1225 C CB  . LYS A 1 154 ? 13.905  0.148   10.425  1.00 29.81 ? 154 LYS A CB  1 
ATOM   1226 C CG  . LYS A 1 154 ? 13.324  -0.175  11.791  1.00 28.76 ? 154 LYS A CG  1 
ATOM   1227 C CD  . LYS A 1 154 ? 13.453  1.063   12.687  1.00 36.38 ? 154 LYS A CD  1 
ATOM   1228 C CE  . LYS A 1 154 ? 12.536  1.006   13.845  1.00 31.82 ? 154 LYS A CE  1 
ATOM   1229 N NZ  . LYS A 1 154 ? 12.277  2.344   14.421  1.00 41.37 ? 154 LYS A NZ  1 
ATOM   1230 N N   . LEU A 1 155 ? 13.077  0.758   7.520   1.00 23.74 ? 155 LEU A N   1 
ATOM   1231 C CA  . LEU A 1 155 ? 13.254  1.348   6.209   1.00 25.62 ? 155 LEU A CA  1 
ATOM   1232 C C   . LEU A 1 155 ? 13.937  2.708   6.277   1.00 24.25 ? 155 LEU A C   1 
ATOM   1233 O O   . LEU A 1 155 ? 13.767  3.475   7.224   1.00 28.30 ? 155 LEU A O   1 
ATOM   1234 C CB  . LEU A 1 155 ? 11.884  1.558   5.566   1.00 24.36 ? 155 LEU A CB  1 
ATOM   1235 C CG  . LEU A 1 155 ? 10.996  0.317   5.506   1.00 23.77 ? 155 LEU A CG  1 
ATOM   1236 C CD1 . LEU A 1 155 ? 9.720   0.677   4.790   1.00 21.46 ? 155 LEU A CD1 1 
ATOM   1237 C CD2 . LEU A 1 155 ? 11.751  -0.827  4.838   1.00 22.31 ? 155 LEU A CD2 1 
ATOM   1238 N N   . ASN A 1 156 ? 14.664  3.013   5.227   1.00 19.97 ? 156 ASN A N   1 
ATOM   1239 C CA  . ASN A 1 156 ? 15.254  4.334   5.071   1.00 29.75 ? 156 ASN A CA  1 
ATOM   1240 C C   . ASN A 1 156 ? 14.294  5.223   4.338   1.00 23.65 ? 156 ASN A C   1 
ATOM   1241 O O   . ASN A 1 156 ? 13.588  4.758   3.431   1.00 18.83 ? 156 ASN A O   1 
ATOM   1242 C CB  . ASN A 1 156 ? 16.551  4.234   4.280   1.00 26.81 ? 156 ASN A CB  1 
ATOM   1243 C CG  . ASN A 1 156 ? 17.638  3.540   5.062   1.00 42.13 ? 156 ASN A CG  1 
ATOM   1244 O OD1 . ASN A 1 156 ? 17.859  3.843   6.252   1.00 30.86 ? 156 ASN A OD1 1 
ATOM   1245 N ND2 . ASN A 1 156 ? 18.305  2.585   4.420   1.00 40.21 ? 156 ASN A ND2 1 
ATOM   1246 N N   . LYS A 1 157 ? 14.272  6.494   4.714   1.00 26.09 ? 157 LYS A N   1 
ATOM   1247 C CA  . LYS A 1 157 ? 13.350  7.419   4.109   1.00 26.96 ? 157 LYS A CA  1 
ATOM   1248 C C   . LYS A 1 157 ? 13.898  7.832   2.754   1.00 20.64 ? 157 LYS A C   1 
ATOM   1249 O O   . LYS A 1 157 ? 15.102  7.791   2.531   1.00 22.10 ? 157 LYS A O   1 
ATOM   1250 C CB  . LYS A 1 157 ? 13.109  8.615   5.034   1.00 26.97 ? 157 LYS A CB  1 
ATOM   1251 C CG  . LYS A 1 157 ? 12.280  8.246   6.276   1.00 29.61 ? 157 LYS A CG  1 
ATOM   1252 C CD  . LYS A 1 157 ? 11.834  9.475   7.033   1.00 27.87 ? 157 LYS A CD  1 
ATOM   1253 C CE  . LYS A 1 157 ? 11.121  9.093   8.296   1.00 42.31 ? 157 LYS A CE  1 
ATOM   1254 N NZ  . LYS A 1 157 ? 11.076  10.256  9.206   1.00 50.34 ? 157 LYS A NZ  1 
ATOM   1255 N N   . TRP A 1 158 ? 13.004  8.213   1.850   1.00 20.78 ? 158 TRP A N   1 
ATOM   1256 C CA  . TRP A 1 158 ? 13.396  8.550   0.488   1.00 22.34 ? 158 TRP A CA  1 
ATOM   1257 C C   . TRP A 1 158 ? 14.324  9.754   0.469   1.00 31.27 ? 158 TRP A C   1 
ATOM   1258 O O   . TRP A 1 158 ? 15.361  9.753   -0.214  1.00 30.55 ? 158 TRP A O   1 
ATOM   1259 C CB  . TRP A 1 158 ? 12.155  8.892   -0.321  1.00 25.93 ? 158 TRP A CB  1 
ATOM   1260 C CG  . TRP A 1 158 ? 12.413  9.106   -1.763  1.00 24.02 ? 158 TRP A CG  1 
ATOM   1261 C CD1 . TRP A 1 158 ? 12.479  10.308  -2.406  1.00 30.70 ? 158 TRP A CD1 1 
ATOM   1262 C CD2 . TRP A 1 158 ? 12.614  8.105   -2.762  1.00 19.62 ? 158 TRP A CD2 1 
ATOM   1263 N NE1 . TRP A 1 158 ? 12.721  10.120  -3.734  1.00 32.39 ? 158 TRP A NE1 1 
ATOM   1264 C CE2 . TRP A 1 158 ? 12.819  8.774   -3.978  1.00 26.08 ? 158 TRP A CE2 1 
ATOM   1265 C CE3 . TRP A 1 158 ? 12.655  6.698   -2.746  1.00 22.28 ? 158 TRP A CE3 1 
ATOM   1266 C CZ2 . TRP A 1 158 ? 13.041  8.114   -5.146  1.00 22.98 ? 158 TRP A CZ2 1 
ATOM   1267 C CZ3 . TRP A 1 158 ? 12.889  6.047   -3.904  1.00 26.11 ? 158 TRP A CZ3 1 
ATOM   1268 C CH2 . TRP A 1 158 ? 13.077  6.743   -5.095  1.00 32.29 ? 158 TRP A CH2 1 
ATOM   1269 O OXT . TRP A 1 158 ? 14.016  10.750  1.129   1.00 23.07 ? 158 TRP A OXT 1 
HETATM 1270 C C1  . J1B B 2 .   ? -4.153  -8.622  -9.325  1.00 39.02 ? 171 J1B A C1  1 
HETATM 1271 N N1  . J1B B 2 .   ? -5.821  -8.219  -6.256  1.00 28.54 ? 171 J1B A N1  1 
HETATM 1272 O O1  . J1B B 2 .   ? -4.274  -8.622  -7.919  1.00 36.04 ? 171 J1B A O1  1 
HETATM 1273 S S1  . J1B B 2 .   ? -2.125  -6.704  -9.640  1.00 41.23 ? 171 J1B A S1  1 
HETATM 1274 C C2  . J1B B 2 .   ? -5.136  -7.542  -9.780  1.00 37.78 ? 171 J1B A C2  1 
HETATM 1275 N N2  . J1B B 2 .   ? -6.194  -8.551  -4.019  1.00 26.01 ? 171 J1B A N2  1 
HETATM 1276 O O2  . J1B B 2 .   ? -5.701  -7.889  -11.012 1.00 43.13 ? 171 J1B A O2  1 
HETATM 1277 C C3  . J1B B 2 .   ? -6.234  -7.539  -8.648  1.00 35.98 ? 171 J1B A C3  1 
HETATM 1278 N N3  . J1B B 2 .   ? -5.829  -6.444  -2.029  1.00 12.96 ? 171 J1B A N3  1 
HETATM 1279 O O3  . J1B B 2 .   ? -7.479  -8.001  -9.128  1.00 33.49 ? 171 J1B A O3  1 
HETATM 1280 C C4  . J1B B 2 .   ? -5.685  -8.567  -7.654  1.00 27.98 ? 171 J1B A C4  1 
HETATM 1281 N N4  . J1B B 2 .   ? -5.173  -5.021  -3.834  1.00 19.89 ? 171 J1B A N4  1 
HETATM 1282 C C5  . J1B B 2 .   ? -6.210  -9.125  -5.227  1.00 26.60 ? 171 J1B A C5  1 
HETATM 1283 N N5  . J1B B 2 .   ? -5.101  -5.844  -6.156  1.00 22.96 ? 171 J1B A N5  1 
HETATM 1284 O O5  . J1B B 2 .   ? 6.612   -2.062  -3.763  1.00 18.25 ? 171 J1B A O5  1 
HETATM 1285 C C6  . J1B B 2 .   ? -5.785  -7.249  -4.266  1.00 24.04 ? 171 J1B A C6  1 
HETATM 1286 N N6  . J1B B 2 .   ? 0.347   -5.679  -6.555  1.00 37.99 ? 171 J1B A N6  1 
HETATM 1287 C C7  . J1B B 2 .   ? -5.592  -6.212  -3.370  1.00 21.56 ? 171 J1B A C7  1 
HETATM 1288 C C8  . J1B B 2 .   ? -4.956  -4.904  -5.180  1.00 21.82 ? 171 J1B A C8  1 
HETATM 1289 N N8  . J1B B 2 .   ? 9.967   -4.353  -4.160  1.00 29.18 ? 171 J1B A N8  1 
HETATM 1290 C C9  . J1B B 2 .   ? -5.538  -7.020  -5.638  1.00 27.07 ? 171 J1B A C9  1 
HETATM 1291 N N9  . J1B B 2 .   ? 10.921  -2.905  -2.634  1.00 22.67 ? 171 J1B A N9  1 
HETATM 1292 C C10 . J1B B 2 .   ? -2.731  -8.383  -9.783  1.00 32.48 ? 171 J1B A C10 1 
HETATM 1293 N N10 . J1B B 2 .   ? 8.706   -2.511  -3.243  1.00 19.46 ? 171 J1B A N10 1 
HETATM 1294 C C11 . J1B B 2 .   ? -2.170  -6.129  -7.913  1.00 31.48 ? 171 J1B A C11 1 
HETATM 1295 N N11 . J1B B 2 .   ? 6.538   -4.308  -5.540  1.00 27.68 ? 171 J1B A N11 1 
HETATM 1296 C C12 . J1B B 2 .   ? -1.473  -7.131  -7.038  1.00 33.23 ? 171 J1B A C12 1 
HETATM 1297 N N12 . J1B B 2 .   ? 8.938   -5.770  -5.709  1.00 35.51 ? 171 J1B A N12 1 
HETATM 1298 C C13 . J1B B 2 .   ? 0.019   -6.981  -7.174  1.00 41.34 ? 171 J1B A C13 1 
HETATM 1299 C C14 . J1B B 2 .   ? -0.053  -4.596  -7.458  1.00 31.28 ? 171 J1B A C14 1 
HETATM 1300 C C15 . J1B B 2 .   ? -1.585  -4.713  -7.799  1.00 29.23 ? 171 J1B A C15 1 
HETATM 1301 C C16 . J1B B 2 .   ? 1.762   -5.703  -6.030  1.00 47.89 ? 171 J1B A C16 1 
HETATM 1302 C C18 . J1B B 2 .   ? 5.320   -5.667  -7.042  1.00 35.98 ? 171 J1B A C18 1 
HETATM 1303 C C19 . J1B B 2 .   ? 9.834   -3.273  -3.367  1.00 26.26 ? 171 J1B A C19 1 
HETATM 1304 C C20 . J1B B 2 .   ? 7.549   -2.818  -3.960  1.00 25.75 ? 171 J1B A C20 1 
HETATM 1305 C C21 . J1B B 2 .   ? 6.577   -5.382  -6.263  1.00 40.60 ? 171 J1B A C21 1 
HETATM 1306 C C22 . J1B B 2 .   ? 7.794   -6.288  -6.474  1.00 34.46 ? 171 J1B A C22 1 
HETATM 1307 C C23 . J1B B 2 .   ? 8.203   -6.396  -7.935  1.00 35.46 ? 171 J1B A C23 1 
HETATM 1308 C C24 . J1B B 2 .   ? 7.516   -7.696  -5.966  1.00 34.07 ? 171 J1B A C24 1 
HETATM 1309 C C25 . J1B B 2 .   ? 8.843   -4.679  -4.880  1.00 28.30 ? 171 J1B A C25 1 
HETATM 1310 C C26 . J1B B 2 .   ? 7.667   -3.961  -4.811  1.00 22.56 ? 171 J1B A C26 1 
HETATM 1311 C C27 . J1B B 2 .   ? 2.891   -5.399  -7.019  1.00 45.67 ? 171 J1B A C27 1 
HETATM 1312 N N28 . J1B B 2 .   ? 4.130   -5.321  -6.258  1.00 37.57 ? 171 J1B A N28 1 
HETATM 1313 C C   . ACT C 3 .   ? 3.420   -2.174  -3.423  1.00 42.04 ? 191 ACT A C   1 
HETATM 1314 O O   . ACT C 3 .   ? 3.963   -3.022  -4.211  1.00 33.06 ? 191 ACT A O   1 
HETATM 1315 O OXT . ACT C 3 .   ? 2.440   -1.533  -3.836  1.00 37.61 ? 191 ACT A OXT 1 
HETATM 1316 C CH3 . ACT C 3 .   ? 3.867   -1.886  -2.024  1.00 30.03 ? 191 ACT A CH3 1 
HETATM 1317 O O   . HOH D 4 .   ? -9.593  -5.294  6.100   1.00 17.13 ? 201 HOH A O   1 
HETATM 1318 O O   . HOH D 4 .   ? -0.648  -2.859  16.092  1.00 22.02 ? 202 HOH A O   1 
HETATM 1319 O O   . HOH D 4 .   ? 10.423  -7.802  3.351   1.00 28.11 ? 203 HOH A O   1 
HETATM 1320 O O   . HOH D 4 .   ? 10.989  1.969   8.888   1.00 27.91 ? 204 HOH A O   1 
HETATM 1321 O O   . HOH D 4 .   ? -5.030  -1.727  -7.801  1.00 24.82 ? 205 HOH A O   1 
HETATM 1322 O O   . HOH D 4 .   ? 4.194   0.232   0.527   1.00 20.56 ? 206 HOH A O   1 
HETATM 1323 O O   . HOH D 4 .   ? -3.882  14.487  7.637   1.00 23.36 ? 207 HOH A O   1 
HETATM 1324 O O   . HOH D 4 .   ? 3.303   14.649  -9.846  1.00 32.27 ? 208 HOH A O   1 
HETATM 1325 O O   . HOH D 4 .   ? -8.834  -12.581 3.404   1.00 31.44 ? 209 HOH A O   1 
HETATM 1326 O O   . HOH D 4 .   ? 0.647   0.573   21.568  1.00 33.78 ? 210 HOH A O   1 
HETATM 1327 O O   . HOH D 4 .   ? 11.626  -12.619 9.648   1.00 25.79 ? 211 HOH A O   1 
HETATM 1328 O O   . HOH D 4 .   ? -13.000 1.768   9.026   1.00 30.37 ? 212 HOH A O   1 
HETATM 1329 O O   . HOH D 4 .   ? -8.988  7.683   -19.021 1.00 25.89 ? 213 HOH A O   1 
HETATM 1330 O O   . HOH D 4 .   ? 14.095  4.767   -7.949  1.00 29.33 ? 214 HOH A O   1 
HETATM 1331 O O   . HOH D 4 .   ? -15.945 -9.284  6.636   1.00 33.49 ? 215 HOH A O   1 
HETATM 1332 O O   . HOH D 4 .   ? 11.947  -4.623  5.807   1.00 32.68 ? 216 HOH A O   1 
HETATM 1333 O O   . HOH D 4 .   ? -14.751 5.639   8.561   1.00 43.94 ? 217 HOH A O   1 
HETATM 1334 O O   . HOH D 4 .   ? 9.771   9.230   11.178  1.00 37.07 ? 218 HOH A O   1 
HETATM 1335 O O   . HOH D 4 .   ? 14.978  1.138   3.174   1.00 28.09 ? 219 HOH A O   1 
HETATM 1336 O O   . HOH D 4 .   ? -6.091  -12.322 3.640   1.00 27.37 ? 220 HOH A O   1 
HETATM 1337 O O   . HOH D 4 .   ? -9.068  -7.246  -10.924 1.00 32.45 ? 221 HOH A O   1 
HETATM 1338 O O   . HOH D 4 .   ? -15.395 -2.742  8.518   1.00 30.18 ? 222 HOH A O   1 
HETATM 1339 O O   . HOH D 4 .   ? 15.875  7.291   6.944   1.00 33.14 ? 223 HOH A O   1 
HETATM 1340 O O   . HOH D 4 .   ? 0.698   0.972   -13.285 1.00 32.91 ? 224 HOH A O   1 
HETATM 1341 O O   . HOH D 4 .   ? -7.433  -1.496  14.186  1.00 25.93 ? 225 HOH A O   1 
HETATM 1342 O O   . HOH D 4 .   ? 6.658   -13.333 0.047   1.00 42.49 ? 226 HOH A O   1 
HETATM 1343 O O   . HOH D 4 .   ? -14.747 -8.836  -5.896  1.00 39.43 ? 227 HOH A O   1 
HETATM 1344 O O   . HOH D 4 .   ? -18.531 4.626   6.010   1.00 46.54 ? 228 HOH A O   1 
HETATM 1345 O O   . HOH D 4 .   ? -0.692  -2.564  20.004  1.00 31.93 ? 229 HOH A O   1 
HETATM 1346 O O   . HOH D 4 .   ? 16.668  -2.406  11.121  1.00 37.19 ? 230 HOH A O   1 
HETATM 1347 O O   . HOH D 4 .   ? -17.504 1.596   2.527   1.00 37.58 ? 231 HOH A O   1 
HETATM 1348 O O   . HOH D 4 .   ? -3.226  12.645  9.726   1.00 32.49 ? 232 HOH A O   1 
HETATM 1349 O O   . HOH D 4 .   ? 11.624  11.572  2.607   1.00 39.16 ? 233 HOH A O   1 
HETATM 1350 O O   . HOH D 4 .   ? 4.926   -12.768 8.967   1.00 29.98 ? 234 HOH A O   1 
HETATM 1351 O O   . HOH D 4 .   ? -3.141  12.980  -10.627 1.00 37.26 ? 235 HOH A O   1 
HETATM 1352 O O   . HOH D 4 .   ? -5.062  -4.521  -8.437  1.00 30.03 ? 236 HOH A O   1 
HETATM 1353 O O   . HOH D 4 .   ? 8.017   9.889   -10.933 1.00 42.86 ? 237 HOH A O   1 
HETATM 1354 O O   . HOH D 4 .   ? 11.008  -5.040  3.155   1.00 38.63 ? 238 HOH A O   1 
HETATM 1355 O O   . HOH D 4 .   ? 12.990  -4.968  -0.327  1.00 35.37 ? 239 HOH A O   1 
HETATM 1356 O O   . HOH D 4 .   ? -14.631 -9.069  9.915   1.00 40.50 ? 240 HOH A O   1 
HETATM 1357 O O   . HOH D 4 .   ? -12.902 13.140  -3.658  1.00 36.83 ? 241 HOH A O   1 
HETATM 1358 O O   . HOH D 4 .   ? -9.048  9.656   -9.362  1.00 29.57 ? 242 HOH A O   1 
HETATM 1359 O O   . HOH D 4 .   ? -17.910 -6.558  1.262   1.00 47.93 ? 243 HOH A O   1 
HETATM 1360 O O   . HOH D 4 .   ? -9.203  -14.867 15.320  1.00 37.58 ? 244 HOH A O   1 
HETATM 1361 O O   . HOH D 4 .   ? -8.763  -4.615  10.887  1.00 35.49 ? 245 HOH A O   1 
HETATM 1362 O O   . HOH D 4 .   ? -5.745  8.978   -12.643 1.00 32.31 ? 246 HOH A O   1 
HETATM 1363 O O   . HOH D 4 .   ? 9.806   4.530   -17.604 1.00 48.27 ? 247 HOH A O   1 
HETATM 1364 O O   . HOH D 4 .   ? 9.172   11.319  3.242   1.00 29.63 ? 248 HOH A O   1 
HETATM 1365 O O   . HOH D 4 .   ? 0.321   4.951   19.452  1.00 41.67 ? 249 HOH A O   1 
HETATM 1366 O O   . HOH D 4 .   ? 9.755   3.671   9.821   1.00 38.85 ? 250 HOH A O   1 
HETATM 1367 O O   . HOH D 4 .   ? 17.737  2.008   1.091   1.00 48.00 ? 251 HOH A O   1 
HETATM 1368 O O   . HOH D 4 .   ? 2.760   -15.832 0.551   1.00 33.17 ? 252 HOH A O   1 
HETATM 1369 O O   . HOH D 4 .   ? -0.447  -10.623 16.439  1.00 34.20 ? 253 HOH A O   1 
HETATM 1370 O O   . HOH D 4 .   ? -6.499  -8.892  19.349  1.00 46.02 ? 254 HOH A O   1 
HETATM 1371 O O   . HOH D 4 .   ? 5.765   -2.092  -16.628 1.00 55.47 ? 255 HOH A O   1 
HETATM 1372 O O   . HOH D 4 .   ? -19.312 6.798   -7.092  1.00 51.02 ? 256 HOH A O   1 
HETATM 1373 O O   . HOH D 4 .   ? -17.172 -3.799  -10.427 1.00 39.57 ? 257 HOH A O   1 
HETATM 1374 O O   . HOH D 4 .   ? 15.791  -1.387  4.794   1.00 46.58 ? 258 HOH A O   1 
HETATM 1375 O O   . HOH D 4 .   ? -4.531  6.296   10.440  1.00 48.36 ? 259 HOH A O   1 
HETATM 1376 O O   . HOH D 4 .   ? 5.052   15.437  -2.178  1.00 39.71 ? 260 HOH A O   1 
HETATM 1377 O O   . HOH D 4 .   ? 5.705   -1.090  -6.839  1.00 34.98 ? 261 HOH A O   1 
HETATM 1378 O O   . HOH D 4 .   ? -3.265  3.527   15.157  1.00 27.36 ? 262 HOH A O   1 
HETATM 1379 O O   . HOH D 4 .   ? -0.680  -11.143 4.384   1.00 21.01 ? 263 HOH A O   1 
HETATM 1380 O O   . HOH D 4 .   ? 3.707   -13.322 11.463  1.00 37.04 ? 264 HOH A O   1 
HETATM 1381 O O   . HOH D 4 .   ? -7.669  14.057  -0.149  1.00 30.50 ? 265 HOH A O   1 
HETATM 1382 O O   . HOH D 4 .   ? 13.788  11.828  -6.160  1.00 47.09 ? 266 HOH A O   1 
HETATM 1383 O O   . HOH D 4 .   ? 3.938   6.701   14.271  1.00 31.20 ? 267 HOH A O   1 
HETATM 1384 O O   . HOH D 4 .   ? -7.657  -12.090 -5.339  1.00 32.68 ? 268 HOH A O   1 
HETATM 1385 O O   . HOH D 4 .   ? 13.144  5.740   8.605   1.00 45.60 ? 269 HOH A O   1 
HETATM 1386 O O   . HOH D 4 .   ? 18.220  0.324   -0.428  1.00 46.59 ? 270 HOH A O   1 
HETATM 1387 O O   . HOH D 4 .   ? 1.639   -13.396 10.452  1.00 34.55 ? 271 HOH A O   1 
HETATM 1388 O O   . HOH D 4 .   ? -6.099  7.704   -19.941 1.00 39.46 ? 272 HOH A O   1 
HETATM 1389 O O   . HOH D 4 .   ? 6.777   15.327  -14.254 1.00 50.63 ? 273 HOH A O   1 
HETATM 1390 O O   . HOH D 4 .   ? 11.046  2.237   -18.212 1.00 43.12 ? 274 HOH A O   1 
HETATM 1391 O O   . HOH D 4 .   ? -5.322  2.272   14.285  1.00 41.75 ? 275 HOH A O   1 
HETATM 1392 O O   . HOH D 4 .   ? 12.171  -11.413 16.452  1.00 37.07 ? 276 HOH A O   1 
HETATM 1393 O O   . HOH D 4 .   ? 2.493   5.824   18.666  1.00 36.13 ? 277 HOH A O   1 
HETATM 1394 O O   . HOH D 4 .   ? -19.874 -2.822  -6.201  1.00 44.07 ? 278 HOH A O   1 
HETATM 1395 O O   . HOH D 4 .   ? 2.344   -10.217 -5.710  1.00 43.76 ? 279 HOH A O   1 
HETATM 1396 O O   . HOH D 4 .   ? -3.872  -13.132 5.161   1.00 47.29 ? 280 HOH A O   1 
HETATM 1397 O O   . HOH D 4 .   ? 14.383  -2.767  3.639   1.00 45.34 ? 281 HOH A O   1 
HETATM 1398 O O   . HOH D 4 .   ? -1.782  -13.874 8.756   1.00 32.14 ? 282 HOH A O   1 
HETATM 1399 O O   . HOH D 4 .   ? 11.970  11.102  -8.238  1.00 32.35 ? 283 HOH A O   1 
HETATM 1400 O O   . HOH D 4 .   ? 3.531   -5.310  -2.889  1.00 37.59 ? 284 HOH A O   1 
HETATM 1401 O O   . HOH D 4 .   ? -6.792  -10.860 9.392   1.00 26.11 ? 285 HOH A O   1 
HETATM 1402 O O   . HOH D 4 .   ? -8.154  -12.743 7.663   1.00 37.23 ? 286 HOH A O   1 
HETATM 1403 O O   . HOH D 4 .   ? 1.396   -0.337  18.703  1.00 34.95 ? 287 HOH A O   1 
HETATM 1404 O O   . HOH D 4 .   ? 7.285   16.349  -6.523  1.00 44.25 ? 288 HOH A O   1 
# 
loop_
_pdbx_poly_seq_scheme.asym_id 
_pdbx_poly_seq_scheme.entity_id 
_pdbx_poly_seq_scheme.seq_id 
_pdbx_poly_seq_scheme.mon_id 
_pdbx_poly_seq_scheme.ndb_seq_num 
_pdbx_poly_seq_scheme.pdb_seq_num 
_pdbx_poly_seq_scheme.auth_seq_num 
_pdbx_poly_seq_scheme.pdb_mon_id 
_pdbx_poly_seq_scheme.auth_mon_id 
_pdbx_poly_seq_scheme.pdb_strand_id 
_pdbx_poly_seq_scheme.pdb_ins_code 
_pdbx_poly_seq_scheme.hetero 
A 1 1   THR 1   1   1   THR THR A . n 
A 1 2   VAL 2   2   2   VAL VAL A . n 
A 1 3   ALA 3   3   3   ALA ALA A . n 
A 1 4   TYR 4   4   4   TYR TYR A . n 
A 1 5   ILE 5   5   5   ILE ILE A . n 
A 1 6   ALA 6   6   6   ALA ALA A . n 
A 1 7   ILE 7   7   7   ILE ILE A . n 
A 1 8   GLY 8   8   8   GLY GLY A . n 
A 1 9   SER 9   9   9   SER SER A . n 
A 1 10  ASN 10  10  10  ASN ASN A . n 
A 1 11  LEU 11  11  11  LEU LEU A . n 
A 1 12  ALA 12  12  12  ALA ALA A . n 
A 1 13  SER 13  13  13  SER SER A . n 
A 1 14  PRO 14  14  14  PRO PRO A . n 
A 1 15  LEU 15  15  15  LEU LEU A . n 
A 1 16  GLU 16  16  16  GLU GLU A . n 
A 1 17  GLN 17  17  17  GLN GLN A . n 
A 1 18  VAL 18  18  18  VAL VAL A . n 
A 1 19  ASN 19  19  19  ASN ASN A . n 
A 1 20  ALA 20  20  20  ALA ALA A . n 
A 1 21  ALA 21  21  21  ALA ALA A . n 
A 1 22  LEU 22  22  22  LEU LEU A . n 
A 1 23  LYS 23  23  23  LYS LYS A . n 
A 1 24  ALA 24  24  24  ALA ALA A . n 
A 1 25  LEU 25  25  25  LEU LEU A . n 
A 1 26  GLY 26  26  26  GLY GLY A . n 
A 1 27  ASP 27  27  27  ASP ASP A . n 
A 1 28  ILE 28  28  28  ILE ILE A . n 
A 1 29  PRO 29  29  29  PRO PRO A . n 
A 1 30  GLU 30  30  30  GLU GLU A . n 
A 1 31  SER 31  31  31  SER SER A . n 
A 1 32  HIS 32  32  32  HIS HIS A . n 
A 1 33  ILE 33  33  33  ILE ILE A . n 
A 1 34  LEU 34  34  34  LEU LEU A . n 
A 1 35  THR 35  35  35  THR THR A . n 
A 1 36  VAL 36  36  36  VAL VAL A . n 
A 1 37  SER 37  37  37  SER SER A . n 
A 1 38  SER 38  38  38  SER SER A . n 
A 1 39  PHE 39  39  39  PHE PHE A . n 
A 1 40  TYR 40  40  40  TYR TYR A . n 
A 1 41  ARG 41  41  41  ARG ARG A . n 
A 1 42  THR 42  42  42  THR THR A . n 
A 1 43  PRO 43  43  43  PRO PRO A . n 
A 1 44  PRO 44  44  44  PRO PRO A . n 
A 1 45  LEU 45  45  45  LEU LEU A . n 
A 1 46  GLY 46  46  46  GLY GLY A . n 
A 1 47  PRO 47  47  47  PRO PRO A . n 
A 1 48  GLN 48  48  48  GLN GLN A . n 
A 1 49  ASP 49  49  49  ASP ASP A . n 
A 1 50  GLN 50  50  50  GLN GLN A . n 
A 1 51  PRO 51  51  51  PRO PRO A . n 
A 1 52  ASP 52  52  52  ASP ASP A . n 
A 1 53  TYR 53  53  53  TYR TYR A . n 
A 1 54  LEU 54  54  54  LEU LEU A . n 
A 1 55  ASN 55  55  55  ASN ASN A . n 
A 1 56  ALA 56  56  56  ALA ALA A . n 
A 1 57  ALA 57  57  57  ALA ALA A . n 
A 1 58  VAL 58  58  58  VAL VAL A . n 
A 1 59  ALA 59  59  59  ALA ALA A . n 
A 1 60  LEU 60  60  60  LEU LEU A . n 
A 1 61  GLU 61  61  61  GLU GLU A . n 
A 1 62  THR 62  62  62  THR THR A . n 
A 1 63  SER 63  63  63  SER SER A . n 
A 1 64  LEU 64  64  64  LEU LEU A . n 
A 1 65  ALA 65  65  65  ALA ALA A . n 
A 1 66  PRO 66  66  66  PRO PRO A . n 
A 1 67  GLU 67  67  67  GLU GLU A . n 
A 1 68  GLU 68  68  68  GLU GLU A . n 
A 1 69  LEU 69  69  69  LEU LEU A . n 
A 1 70  LEU 70  70  70  LEU LEU A . n 
A 1 71  ASN 71  71  71  ASN ASN A . n 
A 1 72  HIS 72  72  72  HIS HIS A . n 
A 1 73  THR 73  73  73  THR THR A . n 
A 1 74  GLN 74  74  74  GLN GLN A . n 
A 1 75  ARG 75  75  75  ARG ARG A . n 
A 1 76  ILE 76  76  76  ILE ILE A . n 
A 1 77  GLU 77  77  77  GLU GLU A . n 
A 1 78  LEU 78  78  78  LEU LEU A . n 
A 1 79  GLN 79  79  79  GLN GLN A . n 
A 1 80  GLN 80  80  80  GLN GLN A . n 
A 1 81  GLY 81  81  81  GLY GLY A . n 
A 1 82  ARG 82  82  82  ARG ARG A . n 
A 1 83  VAL 83  83  ?   ?   ?   A . n 
A 1 84  ARG 84  84  ?   ?   ?   A . n 
A 1 85  LYS 85  85  ?   ?   ?   A . n 
A 1 86  ALA 86  86  ?   ?   ?   A . n 
A 1 87  GLU 87  87  87  GLU GLU A . n 
A 1 88  ARG 88  88  88  ARG ARG A . n 
A 1 89  TRP 89  89  89  TRP TRP A . n 
A 1 90  GLY 90  90  90  GLY GLY A . n 
A 1 91  PRO 91  91  91  PRO PRO A . n 
A 1 92  ARG 92  92  92  ARG ARG A . n 
A 1 93  THR 93  93  93  THR THR A . n 
A 1 94  LEU 94  94  94  LEU LEU A . n 
A 1 95  ASP 95  95  95  ASP ASP A . n 
A 1 96  LEU 96  96  96  LEU LEU A . n 
A 1 97  ASP 97  97  97  ASP ASP A . n 
A 1 98  ILE 98  98  98  ILE ILE A . n 
A 1 99  MET 99  99  99  MET MET A . n 
A 1 100 LEU 100 100 100 LEU LEU A . n 
A 1 101 PHE 101 101 101 PHE PHE A . n 
A 1 102 GLY 102 102 102 GLY GLY A . n 
A 1 103 ASN 103 103 103 ASN ASN A . n 
A 1 104 GLU 104 104 104 GLU GLU A . n 
A 1 105 VAL 105 105 105 VAL VAL A . n 
A 1 106 ILE 106 106 106 ILE ILE A . n 
A 1 107 ASN 107 107 107 ASN ASN A . n 
A 1 108 THR 108 108 108 THR THR A . n 
A 1 109 GLU 109 109 109 GLU GLU A . n 
A 1 110 ARG 110 110 110 ARG ARG A . n 
A 1 111 LEU 111 111 111 LEU LEU A . n 
A 1 112 THR 112 112 112 THR THR A . n 
A 1 113 VAL 113 113 113 VAL VAL A . n 
A 1 114 PRO 114 114 114 PRO PRO A . n 
A 1 115 HIS 115 115 115 HIS HIS A . n 
A 1 116 TYR 116 116 116 TYR TYR A . n 
A 1 117 ASP 117 117 117 ASP ASP A . n 
A 1 118 MET 118 118 118 MET MET A . n 
A 1 119 LYS 119 119 119 LYS LYS A . n 
A 1 120 ASN 120 120 120 ASN ASN A . n 
A 1 121 ARG 121 121 121 ARG ARG A . n 
A 1 122 GLY 122 122 122 GLY GLY A . n 
A 1 123 PHE 123 123 123 PHE PHE A . n 
A 1 124 MET 124 124 124 MET MET A . n 
A 1 125 LEU 125 125 125 LEU LEU A . n 
A 1 126 TRP 126 126 126 TRP TRP A . n 
A 1 127 PRO 127 127 127 PRO PRO A . n 
A 1 128 LEU 128 128 128 LEU LEU A . n 
A 1 129 PHE 129 129 129 PHE PHE A . n 
A 1 130 GLU 130 130 130 GLU GLU A . n 
A 1 131 ILE 131 131 131 ILE ILE A . n 
A 1 132 ALA 132 132 132 ALA ALA A . n 
A 1 133 PRO 133 133 133 PRO PRO A . n 
A 1 134 GLU 134 134 134 GLU GLU A . n 
A 1 135 LEU 135 135 135 LEU LEU A . n 
A 1 136 VAL 136 136 136 VAL VAL A . n 
A 1 137 PHE 137 137 137 PHE PHE A . n 
A 1 138 PRO 138 138 138 PRO PRO A . n 
A 1 139 ASP 139 139 139 ASP ASP A . n 
A 1 140 GLY 140 140 140 GLY GLY A . n 
A 1 141 GLU 141 141 141 GLU GLU A . n 
A 1 142 MET 142 142 142 MET MET A . n 
A 1 143 LEU 143 143 143 LEU LEU A . n 
A 1 144 ARG 144 144 144 ARG ARG A . n 
A 1 145 GLN 145 145 145 GLN GLN A . n 
A 1 146 ILE 146 146 146 ILE ILE A . n 
A 1 147 LEU 147 147 147 LEU LEU A . n 
A 1 148 HIS 148 148 148 HIS HIS A . n 
A 1 149 THR 149 149 149 THR THR A . n 
A 1 150 ARG 150 150 150 ARG ARG A . n 
A 1 151 ALA 151 151 151 ALA ALA A . n 
A 1 152 PHE 152 152 152 PHE PHE A . n 
A 1 153 ASP 153 153 153 ASP ASP A . n 
A 1 154 LYS 154 154 154 LYS LYS A . n 
A 1 155 LEU 155 155 155 LEU LEU A . n 
A 1 156 ASN 156 156 156 ASN ASN A . n 
A 1 157 LYS 157 157 157 LYS LYS A . n 
A 1 158 TRP 158 158 158 TRP TRP A . n 
# 
loop_
_pdbx_nonpoly_scheme.asym_id 
_pdbx_nonpoly_scheme.entity_id 
_pdbx_nonpoly_scheme.mon_id 
_pdbx_nonpoly_scheme.ndb_seq_num 
_pdbx_nonpoly_scheme.pdb_seq_num 
_pdbx_nonpoly_scheme.auth_seq_num 
_pdbx_nonpoly_scheme.pdb_mon_id 
_pdbx_nonpoly_scheme.auth_mon_id 
_pdbx_nonpoly_scheme.pdb_strand_id 
_pdbx_nonpoly_scheme.pdb_ins_code 
B 2 J1B 1  171 171 J1B J1B A . 
C 3 ACT 1  191 191 ACT ACT A . 
D 4 HOH 1  201 201 HOH HOH A . 
D 4 HOH 2  202 202 HOH HOH A . 
D 4 HOH 3  203 203 HOH HOH A . 
D 4 HOH 4  204 204 HOH HOH A . 
D 4 HOH 5  205 205 HOH HOH A . 
D 4 HOH 6  206 206 HOH HOH A . 
D 4 HOH 7  207 207 HOH HOH A . 
D 4 HOH 8  208 208 HOH HOH A . 
D 4 HOH 9  209 209 HOH HOH A . 
D 4 HOH 10 210 210 HOH HOH A . 
D 4 HOH 11 211 211 HOH HOH A . 
D 4 HOH 12 212 212 HOH HOH A . 
D 4 HOH 13 213 213 HOH HOH A . 
D 4 HOH 14 214 214 HOH HOH A . 
D 4 HOH 15 215 215 HOH HOH A . 
D 4 HOH 16 216 216 HOH HOH A . 
D 4 HOH 17 217 217 HOH HOH A . 
D 4 HOH 18 218 218 HOH HOH A . 
D 4 HOH 19 219 219 HOH HOH A . 
D 4 HOH 20 220 220 HOH HOH A . 
D 4 HOH 21 221 221 HOH HOH A . 
D 4 HOH 22 222 222 HOH HOH A . 
D 4 HOH 23 223 223 HOH HOH A . 
D 4 HOH 24 224 224 HOH HOH A . 
D 4 HOH 25 225 225 HOH HOH A . 
D 4 HOH 26 226 226 HOH HOH A . 
D 4 HOH 27 227 227 HOH HOH A . 
D 4 HOH 28 228 228 HOH HOH A . 
D 4 HOH 29 229 229 HOH HOH A . 
D 4 HOH 30 230 230 HOH HOH A . 
D 4 HOH 31 231 231 HOH HOH A . 
D 4 HOH 32 232 232 HOH HOH A . 
D 4 HOH 33 233 233 HOH HOH A . 
D 4 HOH 34 234 234 HOH HOH A . 
D 4 HOH 35 235 235 HOH HOH A . 
D 4 HOH 36 236 236 HOH HOH A . 
D 4 HOH 37 237 237 HOH HOH A . 
D 4 HOH 38 238 238 HOH HOH A . 
D 4 HOH 39 239 239 HOH HOH A . 
D 4 HOH 40 240 240 HOH HOH A . 
D 4 HOH 41 241 241 HOH HOH A . 
D 4 HOH 42 242 242 HOH HOH A . 
D 4 HOH 43 243 243 HOH HOH A . 
D 4 HOH 44 244 244 HOH HOH A . 
D 4 HOH 45 245 245 HOH HOH A . 
D 4 HOH 46 246 246 HOH HOH A . 
D 4 HOH 47 247 247 HOH HOH A . 
D 4 HOH 48 248 248 HOH HOH A . 
D 4 HOH 49 249 249 HOH HOH A . 
D 4 HOH 50 250 250 HOH HOH A . 
D 4 HOH 51 251 251 HOH HOH A . 
D 4 HOH 52 252 252 HOH HOH A . 
D 4 HOH 53 253 253 HOH HOH A . 
D 4 HOH 54 254 254 HOH HOH A . 
D 4 HOH 55 255 255 HOH HOH A . 
D 4 HOH 56 256 256 HOH HOH A . 
D 4 HOH 57 257 257 HOH HOH A . 
D 4 HOH 58 258 258 HOH HOH A . 
D 4 HOH 59 259 259 HOH HOH A . 
D 4 HOH 60 260 260 HOH HOH A . 
D 4 HOH 61 261 261 HOH HOH A . 
D 4 HOH 62 262 262 HOH HOH A . 
D 4 HOH 63 263 263 HOH HOH A . 
D 4 HOH 64 264 264 HOH HOH A . 
D 4 HOH 65 265 265 HOH HOH A . 
D 4 HOH 66 266 266 HOH HOH A . 
D 4 HOH 67 267 267 HOH HOH A . 
D 4 HOH 68 268 268 HOH HOH A . 
D 4 HOH 69 269 269 HOH HOH A . 
D 4 HOH 70 270 270 HOH HOH A . 
D 4 HOH 71 271 271 HOH HOH A . 
D 4 HOH 72 272 272 HOH HOH A . 
D 4 HOH 73 273 273 HOH HOH A . 
D 4 HOH 74 274 274 HOH HOH A . 
D 4 HOH 75 275 275 HOH HOH A . 
D 4 HOH 76 276 276 HOH HOH A . 
D 4 HOH 77 277 277 HOH HOH A . 
D 4 HOH 78 278 278 HOH HOH A . 
D 4 HOH 79 279 279 HOH HOH A . 
D 4 HOH 80 280 280 HOH HOH A . 
D 4 HOH 81 281 281 HOH HOH A . 
D 4 HOH 82 282 282 HOH HOH A . 
D 4 HOH 83 283 283 HOH HOH A . 
D 4 HOH 84 284 284 HOH HOH A . 
D 4 HOH 85 285 285 HOH HOH A . 
D 4 HOH 86 286 286 HOH HOH A . 
D 4 HOH 87 287 287 HOH HOH A . 
D 4 HOH 88 288 288 HOH HOH A . 
# 
_pdbx_struct_assembly.id                   1 
_pdbx_struct_assembly.details              author_and_software_defined_assembly 
_pdbx_struct_assembly.method_details       PISA 
_pdbx_struct_assembly.oligomeric_details   monomeric 
_pdbx_struct_assembly.oligomeric_count     1 
# 
_pdbx_struct_assembly_gen.assembly_id       1 
_pdbx_struct_assembly_gen.oper_expression   1 
_pdbx_struct_assembly_gen.asym_id_list      A,B,C,D 
# 
_pdbx_struct_oper_list.id                   1 
_pdbx_struct_oper_list.type                 'identity operation' 
_pdbx_struct_oper_list.name                 1_555 
_pdbx_struct_oper_list.symmetry_operation   x,y,z 
_pdbx_struct_oper_list.matrix[1][1]         1.0000000000 
_pdbx_struct_oper_list.matrix[1][2]         0.0000000000 
_pdbx_struct_oper_list.matrix[1][3]         0.0000000000 
_pdbx_struct_oper_list.vector[1]            0.0000000000 
_pdbx_struct_oper_list.matrix[2][1]         0.0000000000 
_pdbx_struct_oper_list.matrix[2][2]         1.0000000000 
_pdbx_struct_oper_list.matrix[2][3]         0.0000000000 
_pdbx_struct_oper_list.vector[2]            0.0000000000 
_pdbx_struct_oper_list.matrix[3][1]         0.0000000000 
_pdbx_struct_oper_list.matrix[3][2]         0.0000000000 
_pdbx_struct_oper_list.matrix[3][3]         1.0000000000 
_pdbx_struct_oper_list.vector[3]            0.0000000000 
# 
loop_
_pdbx_audit_revision_history.ordinal 
_pdbx_audit_revision_history.data_content_type 
_pdbx_audit_revision_history.major_revision 
_pdbx_audit_revision_history.minor_revision 
_pdbx_audit_revision_history.revision_date 
1 'Structure model' 1 0 2012-01-04 
2 'Structure model' 1 1 2012-01-18 
3 'Structure model' 1 2 2023-08-30 
4 'Structure model' 1 3 2023-09-13 
# 
_pdbx_audit_revision_details.ordinal             1 
_pdbx_audit_revision_details.revision_ordinal    1 
_pdbx_audit_revision_details.data_content_type   'Structure model' 
_pdbx_audit_revision_details.provider            repository 
_pdbx_audit_revision_details.type                'Initial release' 
_pdbx_audit_revision_details.description         ? 
_pdbx_audit_revision_details.details             ? 
# 
loop_
_pdbx_audit_revision_group.ordinal 
_pdbx_audit_revision_group.revision_ordinal 
_pdbx_audit_revision_group.data_content_type 
_pdbx_audit_revision_group.group 
1 2 'Structure model' 'Database references'    
2 3 'Structure model' 'Data collection'        
3 3 'Structure model' 'Database references'    
4 3 'Structure model' 'Derived calculations'   
5 3 'Structure model' 'Structure summary'      
6 4 'Structure model' 'Refinement description' 
# 
loop_
_pdbx_audit_revision_category.ordinal 
_pdbx_audit_revision_category.revision_ordinal 
_pdbx_audit_revision_category.data_content_type 
_pdbx_audit_revision_category.category 
1 3 'Structure model' audit_author                  
2 3 'Structure model' chem_comp_atom                
3 3 'Structure model' chem_comp_bond                
4 3 'Structure model' citation_author               
5 3 'Structure model' database_2                    
6 3 'Structure model' struct_site                   
7 4 'Structure model' pdbx_initial_refinement_model 
# 
loop_
_pdbx_audit_revision_item.ordinal 
_pdbx_audit_revision_item.revision_ordinal 
_pdbx_audit_revision_item.data_content_type 
_pdbx_audit_revision_item.item 
1 3 'Structure model' '_audit_author.identifier_ORCID'      
2 3 'Structure model' '_citation_author.identifier_ORCID'   
3 3 'Structure model' '_database_2.pdbx_DOI'                
4 3 'Structure model' '_database_2.pdbx_database_accession' 
5 3 'Structure model' '_struct_site.pdbx_auth_asym_id'      
6 3 'Structure model' '_struct_site.pdbx_auth_comp_id'      
7 3 'Structure model' '_struct_site.pdbx_auth_seq_id'       
# 
loop_
_software.pdbx_ordinal 
_software.name 
_software.version 
_software.date 
_software.type 
_software.contact_author 
_software.contact_author_email 
_software.classification 
_software.location 
_software.language 
_software.citation_id 
1 SCALEPACK   .         ?               program 'Zbyszek Otwinowski' hkl@hkl-xray.com         'data scaling'    
http://www.hkl-xray.com/                  ?   ? 
2 PHENIX      1.7.2_869 ?               package 'Paul D. Adams'      PDAdams@lbl.gov          refinement        
http://www.phenix-online.org/             C++ ? 
3 PDB_EXTRACT 3.10      'June 10, 2010' package PDB                  deposit@deposit.rcsb.org 'data extraction' 
http://sw-tools.pdb.org/apps/PDB_EXTRACT/ C++ ? 
4 MAR345dtb   .         ?               ?       ?                    ?                        'data collection' ? ?   ? 
5 HKL-2000    .         ?               ?       ?                    ?                        'data reduction'  ? ?   ? 
6 PHENIX      .         ?               ?       ?                    ?                        phasing           ? ?   ? 
# 
loop_
_pdbx_validate_torsion.id 
_pdbx_validate_torsion.PDB_model_num 
_pdbx_validate_torsion.auth_comp_id 
_pdbx_validate_torsion.auth_asym_id 
_pdbx_validate_torsion.auth_seq_id 
_pdbx_validate_torsion.PDB_ins_code 
_pdbx_validate_torsion.label_alt_id 
_pdbx_validate_torsion.phi 
_pdbx_validate_torsion.psi 
1 1 GLN A 48  ? ? -68.16  4.29   
2 1 ASP A 49  ? ? -111.06 51.37  
3 1 LEU A 94  ? ? -162.94 117.93 
4 1 ALA A 132 ? ? -151.04 58.25  
# 
loop_
_pdbx_unobs_or_zero_occ_residues.id 
_pdbx_unobs_or_zero_occ_residues.PDB_model_num 
_pdbx_unobs_or_zero_occ_residues.polymer_flag 
_pdbx_unobs_or_zero_occ_residues.occupancy_flag 
_pdbx_unobs_or_zero_occ_residues.auth_asym_id 
_pdbx_unobs_or_zero_occ_residues.auth_comp_id 
_pdbx_unobs_or_zero_occ_residues.auth_seq_id 
_pdbx_unobs_or_zero_occ_residues.PDB_ins_code 
_pdbx_unobs_or_zero_occ_residues.label_asym_id 
_pdbx_unobs_or_zero_occ_residues.label_comp_id 
_pdbx_unobs_or_zero_occ_residues.label_seq_id 
1 1 Y 1 A VAL 83 ? A VAL 83 
2 1 Y 1 A ARG 84 ? A ARG 84 
3 1 Y 1 A LYS 85 ? A LYS 85 
4 1 Y 1 A ALA 86 ? A ALA 86 
# 
loop_
_chem_comp_atom.comp_id 
_chem_comp_atom.atom_id 
_chem_comp_atom.type_symbol 
_chem_comp_atom.pdbx_aromatic_flag 
_chem_comp_atom.pdbx_stereo_config 
_chem_comp_atom.pdbx_ordinal 
ACT C    C N N 1   
ACT O    O N N 2   
ACT OXT  O N N 3   
ACT CH3  C N N 4   
ACT H1   H N N 5   
ACT H2   H N N 6   
ACT H3   H N N 7   
ALA N    N N N 8   
ALA CA   C N S 9   
ALA C    C N N 10  
ALA O    O N N 11  
ALA CB   C N N 12  
ALA OXT  O N N 13  
ALA H    H N N 14  
ALA H2   H N N 15  
ALA HA   H N N 16  
ALA HB1  H N N 17  
ALA HB2  H N N 18  
ALA HB3  H N N 19  
ALA HXT  H N N 20  
ARG N    N N N 21  
ARG CA   C N S 22  
ARG C    C N N 23  
ARG O    O N N 24  
ARG CB   C N N 25  
ARG CG   C N N 26  
ARG CD   C N N 27  
ARG NE   N N N 28  
ARG CZ   C N N 29  
ARG NH1  N N N 30  
ARG NH2  N N N 31  
ARG OXT  O N N 32  
ARG H    H N N 33  
ARG H2   H N N 34  
ARG HA   H N N 35  
ARG HB2  H N N 36  
ARG HB3  H N N 37  
ARG HG2  H N N 38  
ARG HG3  H N N 39  
ARG HD2  H N N 40  
ARG HD3  H N N 41  
ARG HE   H N N 42  
ARG HH11 H N N 43  
ARG HH12 H N N 44  
ARG HH21 H N N 45  
ARG HH22 H N N 46  
ARG HXT  H N N 47  
ASN N    N N N 48  
ASN CA   C N S 49  
ASN C    C N N 50  
ASN O    O N N 51  
ASN CB   C N N 52  
ASN CG   C N N 53  
ASN OD1  O N N 54  
ASN ND2  N N N 55  
ASN OXT  O N N 56  
ASN H    H N N 57  
ASN H2   H N N 58  
ASN HA   H N N 59  
ASN HB2  H N N 60  
ASN HB3  H N N 61  
ASN HD21 H N N 62  
ASN HD22 H N N 63  
ASN HXT  H N N 64  
ASP N    N N N 65  
ASP CA   C N S 66  
ASP C    C N N 67  
ASP O    O N N 68  
ASP CB   C N N 69  
ASP CG   C N N 70  
ASP OD1  O N N 71  
ASP OD2  O N N 72  
ASP OXT  O N N 73  
ASP H    H N N 74  
ASP H2   H N N 75  
ASP HA   H N N 76  
ASP HB2  H N N 77  
ASP HB3  H N N 78  
ASP HD2  H N N 79  
ASP HXT  H N N 80  
GLN N    N N N 81  
GLN CA   C N S 82  
GLN C    C N N 83  
GLN O    O N N 84  
GLN CB   C N N 85  
GLN CG   C N N 86  
GLN CD   C N N 87  
GLN OE1  O N N 88  
GLN NE2  N N N 89  
GLN OXT  O N N 90  
GLN H    H N N 91  
GLN H2   H N N 92  
GLN HA   H N N 93  
GLN HB2  H N N 94  
GLN HB3  H N N 95  
GLN HG2  H N N 96  
GLN HG3  H N N 97  
GLN HE21 H N N 98  
GLN HE22 H N N 99  
GLN HXT  H N N 100 
GLU N    N N N 101 
GLU CA   C N S 102 
GLU C    C N N 103 
GLU O    O N N 104 
GLU CB   C N N 105 
GLU CG   C N N 106 
GLU CD   C N N 107 
GLU OE1  O N N 108 
GLU OE2  O N N 109 
GLU OXT  O N N 110 
GLU H    H N N 111 
GLU H2   H N N 112 
GLU HA   H N N 113 
GLU HB2  H N N 114 
GLU HB3  H N N 115 
GLU HG2  H N N 116 
GLU HG3  H N N 117 
GLU HE2  H N N 118 
GLU HXT  H N N 119 
GLY N    N N N 120 
GLY CA   C N N 121 
GLY C    C N N 122 
GLY O    O N N 123 
GLY OXT  O N N 124 
GLY H    H N N 125 
GLY H2   H N N 126 
GLY HA2  H N N 127 
GLY HA3  H N N 128 
GLY HXT  H N N 129 
HIS N    N N N 130 
HIS CA   C N S 131 
HIS C    C N N 132 
HIS O    O N N 133 
HIS CB   C N N 134 
HIS CG   C Y N 135 
HIS ND1  N Y N 136 
HIS CD2  C Y N 137 
HIS CE1  C Y N 138 
HIS NE2  N Y N 139 
HIS OXT  O N N 140 
HIS H    H N N 141 
HIS H2   H N N 142 
HIS HA   H N N 143 
HIS HB2  H N N 144 
HIS HB3  H N N 145 
HIS HD1  H N N 146 
HIS HD2  H N N 147 
HIS HE1  H N N 148 
HIS HE2  H N N 149 
HIS HXT  H N N 150 
HOH O    O N N 151 
HOH H1   H N N 152 
HOH H2   H N N 153 
ILE N    N N N 154 
ILE CA   C N S 155 
ILE C    C N N 156 
ILE O    O N N 157 
ILE CB   C N S 158 
ILE CG1  C N N 159 
ILE CG2  C N N 160 
ILE CD1  C N N 161 
ILE OXT  O N N 162 
ILE H    H N N 163 
ILE H2   H N N 164 
ILE HA   H N N 165 
ILE HB   H N N 166 
ILE HG12 H N N 167 
ILE HG13 H N N 168 
ILE HG21 H N N 169 
ILE HG22 H N N 170 
ILE HG23 H N N 171 
ILE HD11 H N N 172 
ILE HD12 H N N 173 
ILE HD13 H N N 174 
ILE HXT  H N N 175 
J1B C1   C N S 176 
J1B N1   N Y N 177 
J1B O1   O N N 178 
J1B S1   S N N 179 
J1B C2   C N S 180 
J1B N2   N Y N 181 
J1B O2   O N N 182 
J1B C3   C N R 183 
J1B N3   N N N 184 
J1B O3   O N N 185 
J1B C4   C N R 186 
J1B N4   N Y N 187 
J1B C5   C Y N 188 
J1B N5   N Y N 189 
J1B O5   O N N 190 
J1B C6   C Y N 191 
J1B N6   N N N 192 
J1B C7   C Y N 193 
J1B C8   C Y N 194 
J1B N8   N N N 195 
J1B C9   C Y N 196 
J1B N9   N N N 197 
J1B C10  C N N 198 
J1B N10  N N N 199 
J1B C11  C N N 200 
J1B N11  N N N 201 
J1B C12  C N N 202 
J1B N12  N N N 203 
J1B C13  C N N 204 
J1B C14  C N N 205 
J1B C15  C N N 206 
J1B C16  C N N 207 
J1B C18  C N N 208 
J1B C19  C N N 209 
J1B C20  C N N 210 
J1B C21  C N N 211 
J1B C22  C N N 212 
J1B C23  C N N 213 
J1B C24  C N N 214 
J1B C25  C N N 215 
J1B C26  C N N 216 
J1B C27  C N N 217 
J1B N28  N N N 218 
J1B H1   H N N 219 
J1B H2   H N N 220 
J1B HO2  H N N 221 
J1B H3   H N N 222 
J1B HN3  H N N 223 
J1B HN3A H N N 224 
J1B HO3  H N N 225 
J1B H4   H N N 226 
J1B H5   H N N 227 
J1B H8   H N N 228 
J1B HN9  H N N 229 
J1B HN9A H N N 230 
J1B H10  H N N 231 
J1B H10A H N N 232 
J1B HN10 H N N 233 
J1B H11  H N N 234 
J1B H12  H N N 235 
J1B H12A H N N 236 
J1B HN12 H N N 237 
J1B H13  H N N 238 
J1B H13A H N N 239 
J1B H14  H N N 240 
J1B H14A H N N 241 
J1B H15  H N N 242 
J1B H15A H N N 243 
J1B H16  H N N 244 
J1B H16A H N N 245 
J1B H18  H N N 246 
J1B H18A H N N 247 
J1B H23  H N N 248 
J1B H23A H N N 249 
J1B H23B H N N 250 
J1B H24  H N N 251 
J1B H24A H N N 252 
J1B H24B H N N 253 
J1B H27  H N N 254 
J1B H27A H N N 255 
J1B HN28 H N N 256 
LEU N    N N N 257 
LEU CA   C N S 258 
LEU C    C N N 259 
LEU O    O N N 260 
LEU CB   C N N 261 
LEU CG   C N N 262 
LEU CD1  C N N 263 
LEU CD2  C N N 264 
LEU OXT  O N N 265 
LEU H    H N N 266 
LEU H2   H N N 267 
LEU HA   H N N 268 
LEU HB2  H N N 269 
LEU HB3  H N N 270 
LEU HG   H N N 271 
LEU HD11 H N N 272 
LEU HD12 H N N 273 
LEU HD13 H N N 274 
LEU HD21 H N N 275 
LEU HD22 H N N 276 
LEU HD23 H N N 277 
LEU HXT  H N N 278 
LYS N    N N N 279 
LYS CA   C N S 280 
LYS C    C N N 281 
LYS O    O N N 282 
LYS CB   C N N 283 
LYS CG   C N N 284 
LYS CD   C N N 285 
LYS CE   C N N 286 
LYS NZ   N N N 287 
LYS OXT  O N N 288 
LYS H    H N N 289 
LYS H2   H N N 290 
LYS HA   H N N 291 
LYS HB2  H N N 292 
LYS HB3  H N N 293 
LYS HG2  H N N 294 
LYS HG3  H N N 295 
LYS HD2  H N N 296 
LYS HD3  H N N 297 
LYS HE2  H N N 298 
LYS HE3  H N N 299 
LYS HZ1  H N N 300 
LYS HZ2  H N N 301 
LYS HZ3  H N N 302 
LYS HXT  H N N 303 
MET N    N N N 304 
MET CA   C N S 305 
MET C    C N N 306 
MET O    O N N 307 
MET CB   C N N 308 
MET CG   C N N 309 
MET SD   S N N 310 
MET CE   C N N 311 
MET OXT  O N N 312 
MET H    H N N 313 
MET H2   H N N 314 
MET HA   H N N 315 
MET HB2  H N N 316 
MET HB3  H N N 317 
MET HG2  H N N 318 
MET HG3  H N N 319 
MET HE1  H N N 320 
MET HE2  H N N 321 
MET HE3  H N N 322 
MET HXT  H N N 323 
PHE N    N N N 324 
PHE CA   C N S 325 
PHE C    C N N 326 
PHE O    O N N 327 
PHE CB   C N N 328 
PHE CG   C Y N 329 
PHE CD1  C Y N 330 
PHE CD2  C Y N 331 
PHE CE1  C Y N 332 
PHE CE2  C Y N 333 
PHE CZ   C Y N 334 
PHE OXT  O N N 335 
PHE H    H N N 336 
PHE H2   H N N 337 
PHE HA   H N N 338 
PHE HB2  H N N 339 
PHE HB3  H N N 340 
PHE HD1  H N N 341 
PHE HD2  H N N 342 
PHE HE1  H N N 343 
PHE HE2  H N N 344 
PHE HZ   H N N 345 
PHE HXT  H N N 346 
PRO N    N N N 347 
PRO CA   C N S 348 
PRO C    C N N 349 
PRO O    O N N 350 
PRO CB   C N N 351 
PRO CG   C N N 352 
PRO CD   C N N 353 
PRO OXT  O N N 354 
PRO H    H N N 355 
PRO HA   H N N 356 
PRO HB2  H N N 357 
PRO HB3  H N N 358 
PRO HG2  H N N 359 
PRO HG3  H N N 360 
PRO HD2  H N N 361 
PRO HD3  H N N 362 
PRO HXT  H N N 363 
SER N    N N N 364 
SER CA   C N S 365 
SER C    C N N 366 
SER O    O N N 367 
SER CB   C N N 368 
SER OG   O N N 369 
SER OXT  O N N 370 
SER H    H N N 371 
SER H2   H N N 372 
SER HA   H N N 373 
SER HB2  H N N 374 
SER HB3  H N N 375 
SER HG   H N N 376 
SER HXT  H N N 377 
THR N    N N N 378 
THR CA   C N S 379 
THR C    C N N 380 
THR O    O N N 381 
THR CB   C N R 382 
THR OG1  O N N 383 
THR CG2  C N N 384 
THR OXT  O N N 385 
THR H    H N N 386 
THR H2   H N N 387 
THR HA   H N N 388 
THR HB   H N N 389 
THR HG1  H N N 390 
THR HG21 H N N 391 
THR HG22 H N N 392 
THR HG23 H N N 393 
THR HXT  H N N 394 
TRP N    N N N 395 
TRP CA   C N S 396 
TRP C    C N N 397 
TRP O    O N N 398 
TRP CB   C N N 399 
TRP CG   C Y N 400 
TRP CD1  C Y N 401 
TRP CD2  C Y N 402 
TRP NE1  N Y N 403 
TRP CE2  C Y N 404 
TRP CE3  C Y N 405 
TRP CZ2  C Y N 406 
TRP CZ3  C Y N 407 
TRP CH2  C Y N 408 
TRP OXT  O N N 409 
TRP H    H N N 410 
TRP H2   H N N 411 
TRP HA   H N N 412 
TRP HB2  H N N 413 
TRP HB3  H N N 414 
TRP HD1  H N N 415 
TRP HE1  H N N 416 
TRP HE3  H N N 417 
TRP HZ2  H N N 418 
TRP HZ3  H N N 419 
TRP HH2  H N N 420 
TRP HXT  H N N 421 
TYR N    N N N 422 
TYR CA   C N S 423 
TYR C    C N N 424 
TYR O    O N N 425 
TYR CB   C N N 426 
TYR CG   C Y N 427 
TYR CD1  C Y N 428 
TYR CD2  C Y N 429 
TYR CE1  C Y N 430 
TYR CE2  C Y N 431 
TYR CZ   C Y N 432 
TYR OH   O N N 433 
TYR OXT  O N N 434 
TYR H    H N N 435 
TYR H2   H N N 436 
TYR HA   H N N 437 
TYR HB2  H N N 438 
TYR HB3  H N N 439 
TYR HD1  H N N 440 
TYR HD2  H N N 441 
TYR HE1  H N N 442 
TYR HE2  H N N 443 
TYR HH   H N N 444 
TYR HXT  H N N 445 
VAL N    N N N 446 
VAL CA   C N S 447 
VAL C    C N N 448 
VAL O    O N N 449 
VAL CB   C N N 450 
VAL CG1  C N N 451 
VAL CG2  C N N 452 
VAL OXT  O N N 453 
VAL H    H N N 454 
VAL H2   H N N 455 
VAL HA   H N N 456 
VAL HB   H N N 457 
VAL HG11 H N N 458 
VAL HG12 H N N 459 
VAL HG13 H N N 460 
VAL HG21 H N N 461 
VAL HG22 H N N 462 
VAL HG23 H N N 463 
VAL HXT  H N N 464 
# 
loop_
_chem_comp_bond.comp_id 
_chem_comp_bond.atom_id_1 
_chem_comp_bond.atom_id_2 
_chem_comp_bond.value_order 
_chem_comp_bond.pdbx_aromatic_flag 
_chem_comp_bond.pdbx_stereo_config 
_chem_comp_bond.pdbx_ordinal 
ACT C   O    doub N N 1   
ACT C   OXT  sing N N 2   
ACT C   CH3  sing N N 3   
ACT CH3 H1   sing N N 4   
ACT CH3 H2   sing N N 5   
ACT CH3 H3   sing N N 6   
ALA N   CA   sing N N 7   
ALA N   H    sing N N 8   
ALA N   H2   sing N N 9   
ALA CA  C    sing N N 10  
ALA CA  CB   sing N N 11  
ALA CA  HA   sing N N 12  
ALA C   O    doub N N 13  
ALA C   OXT  sing N N 14  
ALA CB  HB1  sing N N 15  
ALA CB  HB2  sing N N 16  
ALA CB  HB3  sing N N 17  
ALA OXT HXT  sing N N 18  
ARG N   CA   sing N N 19  
ARG N   H    sing N N 20  
ARG N   H2   sing N N 21  
ARG CA  C    sing N N 22  
ARG CA  CB   sing N N 23  
ARG CA  HA   sing N N 24  
ARG C   O    doub N N 25  
ARG C   OXT  sing N N 26  
ARG CB  CG   sing N N 27  
ARG CB  HB2  sing N N 28  
ARG CB  HB3  sing N N 29  
ARG CG  CD   sing N N 30  
ARG CG  HG2  sing N N 31  
ARG CG  HG3  sing N N 32  
ARG CD  NE   sing N N 33  
ARG CD  HD2  sing N N 34  
ARG CD  HD3  sing N N 35  
ARG NE  CZ   sing N N 36  
ARG NE  HE   sing N N 37  
ARG CZ  NH1  sing N N 38  
ARG CZ  NH2  doub N N 39  
ARG NH1 HH11 sing N N 40  
ARG NH1 HH12 sing N N 41  
ARG NH2 HH21 sing N N 42  
ARG NH2 HH22 sing N N 43  
ARG OXT HXT  sing N N 44  
ASN N   CA   sing N N 45  
ASN N   H    sing N N 46  
ASN N   H2   sing N N 47  
ASN CA  C    sing N N 48  
ASN CA  CB   sing N N 49  
ASN CA  HA   sing N N 50  
ASN C   O    doub N N 51  
ASN C   OXT  sing N N 52  
ASN CB  CG   sing N N 53  
ASN CB  HB2  sing N N 54  
ASN CB  HB3  sing N N 55  
ASN CG  OD1  doub N N 56  
ASN CG  ND2  sing N N 57  
ASN ND2 HD21 sing N N 58  
ASN ND2 HD22 sing N N 59  
ASN OXT HXT  sing N N 60  
ASP N   CA   sing N N 61  
ASP N   H    sing N N 62  
ASP N   H2   sing N N 63  
ASP CA  C    sing N N 64  
ASP CA  CB   sing N N 65  
ASP CA  HA   sing N N 66  
ASP C   O    doub N N 67  
ASP C   OXT  sing N N 68  
ASP CB  CG   sing N N 69  
ASP CB  HB2  sing N N 70  
ASP CB  HB3  sing N N 71  
ASP CG  OD1  doub N N 72  
ASP CG  OD2  sing N N 73  
ASP OD2 HD2  sing N N 74  
ASP OXT HXT  sing N N 75  
GLN N   CA   sing N N 76  
GLN N   H    sing N N 77  
GLN N   H2   sing N N 78  
GLN CA  C    sing N N 79  
GLN CA  CB   sing N N 80  
GLN CA  HA   sing N N 81  
GLN C   O    doub N N 82  
GLN C   OXT  sing N N 83  
GLN CB  CG   sing N N 84  
GLN CB  HB2  sing N N 85  
GLN CB  HB3  sing N N 86  
GLN CG  CD   sing N N 87  
GLN CG  HG2  sing N N 88  
GLN CG  HG3  sing N N 89  
GLN CD  OE1  doub N N 90  
GLN CD  NE2  sing N N 91  
GLN NE2 HE21 sing N N 92  
GLN NE2 HE22 sing N N 93  
GLN OXT HXT  sing N N 94  
GLU N   CA   sing N N 95  
GLU N   H    sing N N 96  
GLU N   H2   sing N N 97  
GLU CA  C    sing N N 98  
GLU CA  CB   sing N N 99  
GLU CA  HA   sing N N 100 
GLU C   O    doub N N 101 
GLU C   OXT  sing N N 102 
GLU CB  CG   sing N N 103 
GLU CB  HB2  sing N N 104 
GLU CB  HB3  sing N N 105 
GLU CG  CD   sing N N 106 
GLU CG  HG2  sing N N 107 
GLU CG  HG3  sing N N 108 
GLU CD  OE1  doub N N 109 
GLU CD  OE2  sing N N 110 
GLU OE2 HE2  sing N N 111 
GLU OXT HXT  sing N N 112 
GLY N   CA   sing N N 113 
GLY N   H    sing N N 114 
GLY N   H2   sing N N 115 
GLY CA  C    sing N N 116 
GLY CA  HA2  sing N N 117 
GLY CA  HA3  sing N N 118 
GLY C   O    doub N N 119 
GLY C   OXT  sing N N 120 
GLY OXT HXT  sing N N 121 
HIS N   CA   sing N N 122 
HIS N   H    sing N N 123 
HIS N   H2   sing N N 124 
HIS CA  C    sing N N 125 
HIS CA  CB   sing N N 126 
HIS CA  HA   sing N N 127 
HIS C   O    doub N N 128 
HIS C   OXT  sing N N 129 
HIS CB  CG   sing N N 130 
HIS CB  HB2  sing N N 131 
HIS CB  HB3  sing N N 132 
HIS CG  ND1  sing Y N 133 
HIS CG  CD2  doub Y N 134 
HIS ND1 CE1  doub Y N 135 
HIS ND1 HD1  sing N N 136 
HIS CD2 NE2  sing Y N 137 
HIS CD2 HD2  sing N N 138 
HIS CE1 NE2  sing Y N 139 
HIS CE1 HE1  sing N N 140 
HIS NE2 HE2  sing N N 141 
HIS OXT HXT  sing N N 142 
HOH O   H1   sing N N 143 
HOH O   H2   sing N N 144 
ILE N   CA   sing N N 145 
ILE N   H    sing N N 146 
ILE N   H2   sing N N 147 
ILE CA  C    sing N N 148 
ILE CA  CB   sing N N 149 
ILE CA  HA   sing N N 150 
ILE C   O    doub N N 151 
ILE C   OXT  sing N N 152 
ILE CB  CG1  sing N N 153 
ILE CB  CG2  sing N N 154 
ILE CB  HB   sing N N 155 
ILE CG1 CD1  sing N N 156 
ILE CG1 HG12 sing N N 157 
ILE CG1 HG13 sing N N 158 
ILE CG2 HG21 sing N N 159 
ILE CG2 HG22 sing N N 160 
ILE CG2 HG23 sing N N 161 
ILE CD1 HD11 sing N N 162 
ILE CD1 HD12 sing N N 163 
ILE CD1 HD13 sing N N 164 
ILE OXT HXT  sing N N 165 
J1B C1  O1   sing N N 166 
J1B C1  C2   sing N N 167 
J1B C1  C10  sing N N 168 
J1B N1  C4   sing N N 169 
J1B N1  C5   sing Y N 170 
J1B N1  C9   sing Y N 171 
J1B O1  C4   sing N N 172 
J1B S1  C10  sing N N 173 
J1B S1  C11  sing N N 174 
J1B C2  O2   sing N N 175 
J1B C2  C3   sing N N 176 
J1B N2  C5   doub Y N 177 
J1B N2  C6   sing Y N 178 
J1B C3  O3   sing N N 179 
J1B C3  C4   sing N N 180 
J1B N3  C7   sing N N 181 
J1B N4  C7   doub Y N 182 
J1B N4  C8   sing Y N 183 
J1B N5  C8   doub Y N 184 
J1B N5  C9   sing Y N 185 
J1B O5  C20  doub N N 186 
J1B C6  C7   sing Y N 187 
J1B C6  C9   doub Y N 188 
J1B N6  C13  sing N N 189 
J1B N6  C14  sing N N 190 
J1B N6  C16  sing N N 191 
J1B N8  C19  doub N N 192 
J1B N8  C25  sing N N 193 
J1B N9  C19  sing N N 194 
J1B N10 C19  sing N N 195 
J1B N10 C20  sing N N 196 
J1B C11 C12  sing N N 197 
J1B C11 C15  sing N N 198 
J1B N11 C21  doub N N 199 
J1B N11 C26  sing N N 200 
J1B C12 C13  sing N N 201 
J1B N12 C22  sing N N 202 
J1B N12 C25  sing N N 203 
J1B C14 C15  sing N N 204 
J1B C16 C27  sing N N 205 
J1B C18 C21  sing N N 206 
J1B C18 N28  sing N N 207 
J1B C20 C26  sing N N 208 
J1B C21 C22  sing N N 209 
J1B C22 C23  sing N N 210 
J1B C22 C24  sing N N 211 
J1B C25 C26  doub N N 212 
J1B C27 N28  sing N N 213 
J1B C1  H1   sing N N 214 
J1B C2  H2   sing N N 215 
J1B O2  HO2  sing N N 216 
J1B C3  H3   sing N N 217 
J1B N3  HN3  sing N N 218 
J1B N3  HN3A sing N N 219 
J1B O3  HO3  sing N N 220 
J1B C4  H4   sing N N 221 
J1B C5  H5   sing N N 222 
J1B C8  H8   sing N N 223 
J1B N9  HN9  sing N N 224 
J1B N9  HN9A sing N N 225 
J1B C10 H10  sing N N 226 
J1B C10 H10A sing N N 227 
J1B N10 HN10 sing N N 228 
J1B C11 H11  sing N N 229 
J1B C12 H12  sing N N 230 
J1B C12 H12A sing N N 231 
J1B N12 HN12 sing N N 232 
J1B C13 H13  sing N N 233 
J1B C13 H13A sing N N 234 
J1B C14 H14  sing N N 235 
J1B C14 H14A sing N N 236 
J1B C15 H15  sing N N 237 
J1B C15 H15A sing N N 238 
J1B C16 H16  sing N N 239 
J1B C16 H16A sing N N 240 
J1B C18 H18  sing N N 241 
J1B C18 H18A sing N N 242 
J1B C23 H23  sing N N 243 
J1B C23 H23A sing N N 244 
J1B C23 H23B sing N N 245 
J1B C24 H24  sing N N 246 
J1B C24 H24A sing N N 247 
J1B C24 H24B sing N N 248 
J1B C27 H27  sing N N 249 
J1B C27 H27A sing N N 250 
J1B N28 HN28 sing N N 251 
LEU N   CA   sing N N 252 
LEU N   H    sing N N 253 
LEU N   H2   sing N N 254 
LEU CA  C    sing N N 255 
LEU CA  CB   sing N N 256 
LEU CA  HA   sing N N 257 
LEU C   O    doub N N 258 
LEU C   OXT  sing N N 259 
LEU CB  CG   sing N N 260 
LEU CB  HB2  sing N N 261 
LEU CB  HB3  sing N N 262 
LEU CG  CD1  sing N N 263 
LEU CG  CD2  sing N N 264 
LEU CG  HG   sing N N 265 
LEU CD1 HD11 sing N N 266 
LEU CD1 HD12 sing N N 267 
LEU CD1 HD13 sing N N 268 
LEU CD2 HD21 sing N N 269 
LEU CD2 HD22 sing N N 270 
LEU CD2 HD23 sing N N 271 
LEU OXT HXT  sing N N 272 
LYS N   CA   sing N N 273 
LYS N   H    sing N N 274 
LYS N   H2   sing N N 275 
LYS CA  C    sing N N 276 
LYS CA  CB   sing N N 277 
LYS CA  HA   sing N N 278 
LYS C   O    doub N N 279 
LYS C   OXT  sing N N 280 
LYS CB  CG   sing N N 281 
LYS CB  HB2  sing N N 282 
LYS CB  HB3  sing N N 283 
LYS CG  CD   sing N N 284 
LYS CG  HG2  sing N N 285 
LYS CG  HG3  sing N N 286 
LYS CD  CE   sing N N 287 
LYS CD  HD2  sing N N 288 
LYS CD  HD3  sing N N 289 
LYS CE  NZ   sing N N 290 
LYS CE  HE2  sing N N 291 
LYS CE  HE3  sing N N 292 
LYS NZ  HZ1  sing N N 293 
LYS NZ  HZ2  sing N N 294 
LYS NZ  HZ3  sing N N 295 
LYS OXT HXT  sing N N 296 
MET N   CA   sing N N 297 
MET N   H    sing N N 298 
MET N   H2   sing N N 299 
MET CA  C    sing N N 300 
MET CA  CB   sing N N 301 
MET CA  HA   sing N N 302 
MET C   O    doub N N 303 
MET C   OXT  sing N N 304 
MET CB  CG   sing N N 305 
MET CB  HB2  sing N N 306 
MET CB  HB3  sing N N 307 
MET CG  SD   sing N N 308 
MET CG  HG2  sing N N 309 
MET CG  HG3  sing N N 310 
MET SD  CE   sing N N 311 
MET CE  HE1  sing N N 312 
MET CE  HE2  sing N N 313 
MET CE  HE3  sing N N 314 
MET OXT HXT  sing N N 315 
PHE N   CA   sing N N 316 
PHE N   H    sing N N 317 
PHE N   H2   sing N N 318 
PHE CA  C    sing N N 319 
PHE CA  CB   sing N N 320 
PHE CA  HA   sing N N 321 
PHE C   O    doub N N 322 
PHE C   OXT  sing N N 323 
PHE CB  CG   sing N N 324 
PHE CB  HB2  sing N N 325 
PHE CB  HB3  sing N N 326 
PHE CG  CD1  doub Y N 327 
PHE CG  CD2  sing Y N 328 
PHE CD1 CE1  sing Y N 329 
PHE CD1 HD1  sing N N 330 
PHE CD2 CE2  doub Y N 331 
PHE CD2 HD2  sing N N 332 
PHE CE1 CZ   doub Y N 333 
PHE CE1 HE1  sing N N 334 
PHE CE2 CZ   sing Y N 335 
PHE CE2 HE2  sing N N 336 
PHE CZ  HZ   sing N N 337 
PHE OXT HXT  sing N N 338 
PRO N   CA   sing N N 339 
PRO N   CD   sing N N 340 
PRO N   H    sing N N 341 
PRO CA  C    sing N N 342 
PRO CA  CB   sing N N 343 
PRO CA  HA   sing N N 344 
PRO C   O    doub N N 345 
PRO C   OXT  sing N N 346 
PRO CB  CG   sing N N 347 
PRO CB  HB2  sing N N 348 
PRO CB  HB3  sing N N 349 
PRO CG  CD   sing N N 350 
PRO CG  HG2  sing N N 351 
PRO CG  HG3  sing N N 352 
PRO CD  HD2  sing N N 353 
PRO CD  HD3  sing N N 354 
PRO OXT HXT  sing N N 355 
SER N   CA   sing N N 356 
SER N   H    sing N N 357 
SER N   H2   sing N N 358 
SER CA  C    sing N N 359 
SER CA  CB   sing N N 360 
SER CA  HA   sing N N 361 
SER C   O    doub N N 362 
SER C   OXT  sing N N 363 
SER CB  OG   sing N N 364 
SER CB  HB2  sing N N 365 
SER CB  HB3  sing N N 366 
SER OG  HG   sing N N 367 
SER OXT HXT  sing N N 368 
THR N   CA   sing N N 369 
THR N   H    sing N N 370 
THR N   H2   sing N N 371 
THR CA  C    sing N N 372 
THR CA  CB   sing N N 373 
THR CA  HA   sing N N 374 
THR C   O    doub N N 375 
THR C   OXT  sing N N 376 
THR CB  OG1  sing N N 377 
THR CB  CG2  sing N N 378 
THR CB  HB   sing N N 379 
THR OG1 HG1  sing N N 380 
THR CG2 HG21 sing N N 381 
THR CG2 HG22 sing N N 382 
THR CG2 HG23 sing N N 383 
THR OXT HXT  sing N N 384 
TRP N   CA   sing N N 385 
TRP N   H    sing N N 386 
TRP N   H2   sing N N 387 
TRP CA  C    sing N N 388 
TRP CA  CB   sing N N 389 
TRP CA  HA   sing N N 390 
TRP C   O    doub N N 391 
TRP C   OXT  sing N N 392 
TRP CB  CG   sing N N 393 
TRP CB  HB2  sing N N 394 
TRP CB  HB3  sing N N 395 
TRP CG  CD1  doub Y N 396 
TRP CG  CD2  sing Y N 397 
TRP CD1 NE1  sing Y N 398 
TRP CD1 HD1  sing N N 399 
TRP CD2 CE2  doub Y N 400 
TRP CD2 CE3  sing Y N 401 
TRP NE1 CE2  sing Y N 402 
TRP NE1 HE1  sing N N 403 
TRP CE2 CZ2  sing Y N 404 
TRP CE3 CZ3  doub Y N 405 
TRP CE3 HE3  sing N N 406 
TRP CZ2 CH2  doub Y N 407 
TRP CZ2 HZ2  sing N N 408 
TRP CZ3 CH2  sing Y N 409 
TRP CZ3 HZ3  sing N N 410 
TRP CH2 HH2  sing N N 411 
TRP OXT HXT  sing N N 412 
TYR N   CA   sing N N 413 
TYR N   H    sing N N 414 
TYR N   H2   sing N N 415 
TYR CA  C    sing N N 416 
TYR CA  CB   sing N N 417 
TYR CA  HA   sing N N 418 
TYR C   O    doub N N 419 
TYR C   OXT  sing N N 420 
TYR CB  CG   sing N N 421 
TYR CB  HB2  sing N N 422 
TYR CB  HB3  sing N N 423 
TYR CG  CD1  doub Y N 424 
TYR CG  CD2  sing Y N 425 
TYR CD1 CE1  sing Y N 426 
TYR CD1 HD1  sing N N 427 
TYR CD2 CE2  doub Y N 428 
TYR CD2 HD2  sing N N 429 
TYR CE1 CZ   doub Y N 430 
TYR CE1 HE1  sing N N 431 
TYR CE2 CZ   sing Y N 432 
TYR CE2 HE2  sing N N 433 
TYR CZ  OH   sing N N 434 
TYR OH  HH   sing N N 435 
TYR OXT HXT  sing N N 436 
VAL N   CA   sing N N 437 
VAL N   H    sing N N 438 
VAL N   H2   sing N N 439 
VAL CA  C    sing N N 440 
VAL CA  CB   sing N N 441 
VAL CA  HA   sing N N 442 
VAL C   O    doub N N 443 
VAL C   OXT  sing N N 444 
VAL CB  CG1  sing N N 445 
VAL CB  CG2  sing N N 446 
VAL CB  HB   sing N N 447 
VAL CG1 HG11 sing N N 448 
VAL CG1 HG12 sing N N 449 
VAL CG1 HG13 sing N N 450 
VAL CG2 HG21 sing N N 451 
VAL CG2 HG22 sing N N 452 
VAL CG2 HG23 sing N N 453 
VAL OXT HXT  sing N N 454 
# 
loop_
_pdbx_entity_nonpoly.entity_id 
_pdbx_entity_nonpoly.name 
_pdbx_entity_nonpoly.comp_id 
2 "5'-S-[1-(2-{[(2-amino-7,7-dimethyl-4-oxo-3,4,7,8-tetrahydropteridin-6-yl)methyl]amino}ethyl)piperidin-4-yl]-5'-thioadenosine" 
J1B 
3 'ACETATE ION'                                                                                                                  
ACT 
4 water                                                                                                                          
HOH 
# 
_pdbx_initial_refinement_model.id               1 
_pdbx_initial_refinement_model.entity_id_list   ? 
_pdbx_initial_refinement_model.type             'experimental model' 
_pdbx_initial_refinement_model.source_name      PDB 
_pdbx_initial_refinement_model.accession_code   3ILJ 
_pdbx_initial_refinement_model.details          'PDB entry 3ILJ' 
# 
